data_8ZI5
#
_entry.id   8ZI5
#
_cell.length_a   69.721
_cell.length_b   88.593
_cell.length_c   175.743
_cell.angle_alpha   90.00
_cell.angle_beta   90.00
_cell.angle_gamma   90.00
#
_symmetry.space_group_name_H-M   'P 21 21 21'
#
loop_
_entity.id
_entity.type
_entity.pdbx_description
1 polymer cellulase
2 branched beta-D-mannopyranose-(1-4)-beta-D-mannopyranose-(1-4)-beta-D-mannopyranose-(1-4)-beta-D-mannopyranose
3 non-polymer 2-acetamido-2-deoxy-beta-D-glucopyranose
4 non-polymer DI(HYDROXYETHYL)ETHER
5 water water
#
_entity_poly.entity_id   1
_entity_poly.type   'polypeptide(L)'
_entity_poly.pdbx_seq_one_letter_code
;APTNSKTKRNKKMRFAGVNESGAEFGSDNIPGVYGTDYTWYNTTAMGEFISQGMNIFRLNLLMERLVPNTMTGPMNADYL
GNLTKDVNYVTDKGAYAMITPHNYGRYYGNIINSTSDFEAFWKTVAGAFKDNDLVMFDTNNQYYGMAGQLVADLNQAAIN
GIRAAGATSQYVNVEGNSYTGAWTWTTAEGTDGLTNAQTMGNLTDPEDKILYHMHQYLDSDGSGTSSTCVNSTIGATRLM
DATAWLKSNNKIAILGQYAGAVNSVCEEAVEGMLDYIDENSDVWTGAIWWAAGPWWGDYMFSVEPDNGPAYSTYDPIILE
YS
;
_entity_poly.pdbx_strand_id   A,B,C,D
#
loop_
_chem_comp.id
_chem_comp.type
_chem_comp.name
_chem_comp.formula
BMA D-saccharide, beta linking beta-D-mannopyranose 'C6 H12 O6'
NAG D-saccharide, beta linking 2-acetamido-2-deoxy-beta-D-glucopyranose 'C8 H15 N O6'
PEG non-polymer DI(HYDROXYETHYL)ETHER 'C4 H10 O3'
#
# COMPACT_ATOMS: atom_id res chain seq x y z
N ARG A 14 -16.71 25.01 10.93
CA ARG A 14 -17.48 25.06 9.70
C ARG A 14 -17.67 23.68 9.07
N PHE A 15 -16.74 23.25 8.21
CA PHE A 15 -16.79 21.89 7.72
C PHE A 15 -16.25 20.95 8.79
N ALA A 16 -17.04 19.94 9.14
CA ALA A 16 -16.65 19.00 10.18
C ALA A 16 -17.24 17.65 9.83
N GLY A 17 -16.38 16.67 9.57
CA GLY A 17 -16.89 15.37 9.21
C GLY A 17 -15.79 14.36 9.04
N VAL A 18 -16.04 13.37 8.19
CA VAL A 18 -15.22 12.19 8.11
C VAL A 18 -14.94 11.79 6.66
N ASN A 19 -13.80 11.14 6.49
CA ASN A 19 -13.55 10.40 5.25
C ASN A 19 -14.35 9.10 5.24
N GLU A 20 -14.82 8.72 4.05
CA GLU A 20 -15.36 7.40 3.82
C GLU A 20 -14.38 6.70 2.89
N SER A 21 -13.80 5.62 3.37
CA SER A 21 -12.74 4.91 2.67
C SER A 21 -13.17 3.46 2.50
N GLY A 22 -12.89 2.89 1.33
CA GLY A 22 -13.34 1.55 1.03
C GLY A 22 -13.57 1.30 -0.44
N ALA A 23 -14.13 2.28 -1.15
CA ALA A 23 -14.40 2.11 -2.58
C ALA A 23 -13.12 2.18 -3.39
N GLU A 24 -12.03 2.64 -2.77
CA GLU A 24 -10.73 2.71 -3.41
C GLU A 24 -9.80 1.57 -2.97
N PHE A 25 -10.26 0.66 -2.13
CA PHE A 25 -9.41 -0.38 -1.60
C PHE A 25 -8.98 -1.33 -2.71
N GLY A 26 -7.99 -2.18 -2.40
CA GLY A 26 -7.47 -3.14 -3.35
C GLY A 26 -7.12 -2.47 -4.67
N SER A 27 -6.36 -1.37 -4.60
CA SER A 27 -6.17 -0.52 -5.79
C SER A 27 -5.37 -1.21 -6.88
N ASP A 28 -4.68 -2.30 -6.56
CA ASP A 28 -3.93 -3.03 -7.57
C ASP A 28 -4.82 -3.92 -8.42
N ASN A 29 -6.08 -4.11 -8.03
CA ASN A 29 -7.00 -4.99 -8.74
C ASN A 29 -8.05 -4.13 -9.43
N ILE A 30 -7.89 -3.95 -10.74
CA ILE A 30 -8.74 -3.10 -11.57
C ILE A 30 -9.33 -3.98 -12.67
N PRO A 31 -10.66 -4.03 -12.82
CA PRO A 31 -11.64 -3.25 -12.05
C PRO A 31 -11.83 -3.72 -10.61
N GLY A 32 -11.35 -4.92 -10.28
CA GLY A 32 -11.53 -5.47 -8.97
C GLY A 32 -12.92 -6.06 -8.76
N VAL A 33 -13.07 -6.78 -7.65
CA VAL A 33 -14.28 -7.52 -7.33
C VAL A 33 -14.97 -6.84 -6.15
N TYR A 34 -16.18 -6.36 -6.40
CA TYR A 34 -16.99 -5.76 -5.35
C TYR A 34 -17.25 -6.78 -4.26
N GLY A 35 -16.95 -6.41 -3.01
CA GLY A 35 -17.13 -7.31 -1.89
C GLY A 35 -15.88 -8.08 -1.52
N THR A 36 -14.87 -8.06 -2.38
CA THR A 36 -13.58 -8.67 -2.11
C THR A 36 -12.46 -7.64 -2.12
N ASP A 37 -12.38 -6.85 -3.18
CA ASP A 37 -11.36 -5.82 -3.27
C ASP A 37 -11.84 -4.47 -2.74
N TYR A 38 -13.11 -4.13 -2.95
CA TYR A 38 -13.59 -2.81 -2.57
C TYR A 38 -15.07 -2.90 -2.23
N THR A 39 -15.57 -1.84 -1.59
CA THR A 39 -16.98 -1.75 -1.24
C THR A 39 -17.37 -0.28 -1.22
N TRP A 40 -18.69 -0.01 -1.26
CA TRP A 40 -19.21 1.33 -1.07
C TRP A 40 -19.73 1.47 0.36
N TYR A 41 -20.35 2.60 0.68
CA TYR A 41 -20.37 3.04 2.07
C TYR A 41 -21.68 2.69 2.78
N ASN A 42 -21.63 2.79 4.09
CA ASN A 42 -22.71 2.31 4.94
C ASN A 42 -23.60 3.50 5.25
N THR A 43 -24.70 3.64 4.49
CA THR A 43 -25.51 4.84 4.63
C THR A 43 -26.18 4.91 6.00
N THR A 44 -26.47 3.77 6.61
CA THR A 44 -26.99 3.80 7.96
C THR A 44 -25.99 4.43 8.92
N ALA A 45 -24.71 4.09 8.78
CA ALA A 45 -23.70 4.72 9.62
C ALA A 45 -23.55 6.21 9.29
N MET A 46 -23.51 6.59 8.01
CA MET A 46 -23.37 8.03 7.81
C MET A 46 -24.61 8.79 8.27
N GLY A 47 -25.79 8.17 8.23
CA GLY A 47 -26.96 8.83 8.80
C GLY A 47 -26.81 9.14 10.28
N GLU A 48 -26.14 8.28 11.03
CA GLU A 48 -25.88 8.60 12.44
C GLU A 48 -24.98 9.82 12.54
N PHE A 49 -23.91 9.86 11.76
CA PHE A 49 -23.01 11.03 11.75
C PHE A 49 -23.76 12.31 11.40
N ILE A 50 -24.60 12.26 10.36
CA ILE A 50 -25.35 13.45 9.93
C ILE A 50 -26.32 13.90 11.04
N SER A 51 -27.01 12.94 11.66
CA SER A 51 -27.93 13.25 12.76
C SER A 51 -27.22 13.93 13.92
N GLN A 52 -25.94 13.58 14.13
CA GLN A 52 -25.14 14.16 15.19
C GLN A 52 -24.72 15.60 14.89
N GLY A 53 -24.71 15.99 13.62
CA GLY A 53 -24.32 17.33 13.22
C GLY A 53 -23.14 17.38 12.27
N MET A 54 -22.59 16.25 11.84
CA MET A 54 -21.49 16.26 10.90
C MET A 54 -22.02 16.70 9.54
N ASN A 55 -21.23 17.49 8.80
CA ASN A 55 -21.77 18.10 7.58
C ASN A 55 -20.91 17.90 6.35
N ILE A 56 -19.93 17.00 6.39
CA ILE A 56 -19.12 16.75 5.21
C ILE A 56 -18.59 15.32 5.26
N PHE A 57 -18.64 14.66 4.10
CA PHE A 57 -18.16 13.30 3.90
C PHE A 57 -17.29 13.26 2.66
N ARG A 58 -16.01 12.89 2.86
CA ARG A 58 -15.05 12.78 1.75
C ARG A 58 -15.11 11.34 1.24
N LEU A 59 -15.73 11.16 0.09
CA LEU A 59 -16.01 9.84 -0.47
C LEU A 59 -14.86 9.47 -1.38
N ASN A 60 -14.00 8.56 -0.92
CA ASN A 60 -12.84 8.15 -1.69
C ASN A 60 -13.24 7.08 -2.69
N LEU A 61 -12.61 7.13 -3.88
CA LEU A 61 -12.92 6.21 -4.96
C LEU A 61 -11.68 6.03 -5.82
N LEU A 62 -11.71 5.05 -6.73
CA LEU A 62 -10.57 4.80 -7.62
C LEU A 62 -10.87 5.31 -9.02
N MET A 63 -9.96 6.11 -9.58
CA MET A 63 -10.16 6.67 -10.92
C MET A 63 -10.43 5.59 -11.96
N GLU A 64 -9.63 4.53 -11.94
CA GLU A 64 -9.73 3.49 -12.97
C GLU A 64 -11.05 2.73 -12.90
N ARG A 65 -11.71 2.73 -11.74
CA ARG A 65 -13.02 2.11 -11.64
C ARG A 65 -14.11 3.05 -12.12
N LEU A 66 -13.94 4.35 -11.92
CA LEU A 66 -14.98 5.30 -12.33
C LEU A 66 -14.88 5.59 -13.82
N VAL A 67 -13.67 5.74 -14.33
CA VAL A 67 -13.42 5.99 -15.76
C VAL A 67 -12.38 4.97 -16.20
N PRO A 68 -12.79 3.77 -16.63
CA PRO A 68 -11.82 2.73 -16.96
C PRO A 68 -11.04 2.99 -18.25
N ASN A 69 -9.88 2.35 -18.33
CA ASN A 69 -9.05 2.20 -19.54
C ASN A 69 -8.35 3.47 -19.99
N THR A 70 -9.11 4.53 -20.23
CA THR A 70 -8.58 5.83 -20.62
C THR A 70 -9.36 6.90 -19.85
N MET A 71 -8.61 7.80 -19.20
CA MET A 71 -9.16 8.83 -18.31
C MET A 71 -10.03 9.83 -19.06
N THR A 72 -9.93 9.86 -20.40
CA THR A 72 -10.77 10.68 -21.24
C THR A 72 -12.04 9.97 -21.72
N GLY A 73 -12.28 8.74 -21.27
CA GLY A 73 -13.41 7.95 -21.71
C GLY A 73 -14.67 8.19 -20.90
N PRO A 74 -15.74 7.46 -21.23
CA PRO A 74 -16.97 7.56 -20.45
C PRO A 74 -16.82 6.88 -19.10
N MET A 75 -17.77 7.18 -18.25
CA MET A 75 -17.75 6.74 -16.89
C MET A 75 -18.38 5.35 -16.84
N ASN A 76 -17.86 4.47 -16.00
CA ASN A 76 -18.49 3.16 -15.80
C ASN A 76 -19.86 3.34 -15.16
N ALA A 77 -20.93 2.90 -15.84
CA ALA A 77 -22.27 3.19 -15.35
C ALA A 77 -22.49 2.60 -13.95
N ASP A 78 -21.96 1.41 -13.71
CA ASP A 78 -22.21 0.73 -12.45
C ASP A 78 -21.51 1.43 -11.30
N TYR A 79 -20.20 1.67 -11.45
CA TYR A 79 -19.44 2.30 -10.37
C TYR A 79 -19.93 3.74 -10.16
N LEU A 80 -20.26 4.45 -11.24
CA LEU A 80 -20.86 5.78 -11.10
C LEU A 80 -22.21 5.68 -10.38
N GLY A 81 -22.99 4.66 -10.70
CA GLY A 81 -24.27 4.48 -10.04
C GLY A 81 -24.13 4.31 -8.54
N ASN A 82 -23.12 3.54 -8.11
CA ASN A 82 -22.86 3.39 -6.69
C ASN A 82 -22.36 4.69 -6.07
N LEU A 83 -21.47 5.41 -6.76
CA LEU A 83 -21.02 6.70 -6.26
C LEU A 83 -22.20 7.64 -6.08
N THR A 84 -23.10 7.67 -7.08
CA THR A 84 -24.19 8.63 -7.07
C THR A 84 -25.19 8.33 -5.95
N LYS A 85 -25.43 7.06 -5.66
CA LYS A 85 -26.32 6.73 -4.56
C LYS A 85 -25.78 7.23 -3.22
N ASP A 86 -24.45 7.09 -3.01
CA ASP A 86 -23.89 7.57 -1.74
C ASP A 86 -23.83 9.09 -1.70
N VAL A 87 -23.48 9.72 -2.82
CA VAL A 87 -23.54 11.19 -2.88
C VAL A 87 -24.93 11.68 -2.56
N ASN A 88 -25.93 11.12 -3.25
CA ASN A 88 -27.29 11.60 -3.03
C ASN A 88 -27.79 11.29 -1.63
N TYR A 89 -27.37 10.17 -1.04
CA TYR A 89 -27.74 9.91 0.34
C TYR A 89 -27.27 11.04 1.25
N VAL A 90 -26.00 11.40 1.13
CA VAL A 90 -25.42 12.44 1.97
C VAL A 90 -26.08 13.79 1.66
N THR A 91 -26.18 14.15 0.39
CA THR A 91 -26.66 15.49 0.07
C THR A 91 -28.18 15.61 0.22
N ASP A 92 -28.93 14.52 0.02
CA ASP A 92 -30.37 14.57 0.29
C ASP A 92 -30.63 14.87 1.77
N LYS A 93 -29.69 14.52 2.64
CA LYS A 93 -29.84 14.79 4.06
C LYS A 93 -29.13 16.08 4.46
N GLY A 94 -28.71 16.89 3.49
CA GLY A 94 -28.23 18.22 3.74
C GLY A 94 -26.76 18.36 4.07
N ALA A 95 -25.95 17.31 3.89
CA ALA A 95 -24.52 17.39 4.15
C ALA A 95 -23.74 17.46 2.84
N TYR A 96 -22.48 17.93 2.94
CA TYR A 96 -21.60 17.99 1.78
C TYR A 96 -21.00 16.63 1.48
N ALA A 97 -20.89 16.31 0.18
CA ALA A 97 -20.22 15.09 -0.28
C ALA A 97 -19.05 15.52 -1.16
N MET A 98 -17.83 15.23 -0.70
CA MET A 98 -16.63 15.48 -1.50
C MET A 98 -16.29 14.25 -2.31
N ILE A 99 -16.12 14.43 -3.62
CA ILE A 99 -15.79 13.35 -4.52
C ILE A 99 -14.28 13.36 -4.73
N THR A 100 -13.60 12.30 -4.26
CA THR A 100 -12.14 12.23 -4.21
C THR A 100 -11.60 11.03 -4.97
N PRO A 101 -11.07 11.22 -6.18
CA PRO A 101 -10.30 10.13 -6.79
C PRO A 101 -8.99 9.91 -6.06
N HIS A 102 -8.89 8.75 -5.42
CA HIS A 102 -7.84 8.46 -4.44
C HIS A 102 -6.67 7.79 -5.16
N ASN A 103 -5.95 8.58 -5.97
CA ASN A 103 -5.05 7.99 -6.94
C ASN A 103 -3.61 8.48 -6.90
N TYR A 104 -3.26 9.41 -6.01
CA TYR A 104 -1.85 9.78 -5.80
C TYR A 104 -1.23 10.37 -7.06
N GLY A 105 -2.06 10.93 -7.95
CA GLY A 105 -1.55 11.51 -9.17
C GLY A 105 -1.20 10.50 -10.24
N ARG A 106 -1.72 9.27 -10.15
CA ARG A 106 -1.33 8.18 -11.02
C ARG A 106 -2.57 7.47 -11.55
N TYR A 107 -2.43 6.92 -12.75
CA TYR A 107 -3.53 6.29 -13.44
C TYR A 107 -2.98 5.04 -14.11
N TYR A 108 -3.53 3.88 -13.73
CA TYR A 108 -2.90 2.60 -14.03
C TYR A 108 -1.41 2.63 -13.69
N GLY A 109 -1.08 3.22 -12.54
CA GLY A 109 0.27 3.22 -12.04
C GLY A 109 1.21 4.22 -12.65
N ASN A 110 0.82 4.89 -13.74
CA ASN A 110 1.66 5.88 -14.39
C ASN A 110 1.35 7.26 -13.85
N ILE A 111 2.39 8.04 -13.56
CA ILE A 111 2.20 9.43 -13.19
C ILE A 111 1.38 10.13 -14.27
N ILE A 112 0.33 10.84 -13.85
CA ILE A 112 -0.52 11.52 -14.83
C ILE A 112 0.26 12.71 -15.40
N ASN A 113 0.57 12.64 -16.69
CA ASN A 113 1.48 13.59 -17.32
C ASN A 113 0.79 14.49 -18.33
N SER A 114 -0.50 14.29 -18.58
CA SER A 114 -1.24 15.03 -19.62
C SER A 114 -2.28 15.93 -18.95
N THR A 115 -2.01 17.23 -18.89
CA THR A 115 -3.01 18.13 -18.32
C THR A 115 -4.30 18.12 -19.14
N SER A 116 -4.20 17.94 -20.48
CA SER A 116 -5.41 17.89 -21.29
C SER A 116 -6.29 16.70 -20.92
N ASP A 117 -5.67 15.53 -20.74
CA ASP A 117 -6.43 14.35 -20.35
C ASP A 117 -7.09 14.55 -18.99
N PHE A 118 -6.38 15.19 -18.06
CA PHE A 118 -6.92 15.38 -16.71
C PHE A 118 -8.09 16.36 -16.74
N GLU A 119 -7.96 17.44 -17.52
CA GLU A 119 -9.10 18.33 -17.73
C GLU A 119 -10.32 17.56 -18.23
N ALA A 120 -10.11 16.65 -19.20
CA ALA A 120 -11.24 15.90 -19.75
C ALA A 120 -11.85 14.96 -18.71
N PHE A 121 -11.01 14.26 -17.95
CA PHE A 121 -11.53 13.41 -16.88
C PHE A 121 -12.40 14.22 -15.93
N TRP A 122 -11.94 15.42 -15.56
CA TRP A 122 -12.72 16.16 -14.57
C TRP A 122 -13.98 16.78 -15.18
N LYS A 123 -13.93 17.16 -16.47
CA LYS A 123 -15.15 17.56 -17.17
C LYS A 123 -16.20 16.45 -17.15
N THR A 124 -15.76 15.22 -17.41
CA THR A 124 -16.68 14.08 -17.40
C THR A 124 -17.27 13.86 -16.02
N VAL A 125 -16.42 13.79 -14.99
CA VAL A 125 -16.92 13.49 -13.65
C VAL A 125 -17.80 14.63 -13.16
N ALA A 126 -17.35 15.88 -13.33
CA ALA A 126 -18.16 16.97 -12.80
C ALA A 126 -19.50 17.08 -13.50
N GLY A 127 -19.57 16.70 -14.77
CA GLY A 127 -20.83 16.78 -15.50
C GLY A 127 -21.92 15.95 -14.86
N ALA A 128 -21.55 14.88 -14.17
CA ALA A 128 -22.53 14.01 -13.51
C ALA A 128 -23.12 14.63 -12.24
N PHE A 129 -22.48 15.67 -11.69
CA PHE A 129 -22.92 16.27 -10.44
C PHE A 129 -23.04 17.79 -10.54
N LYS A 130 -23.16 18.30 -11.76
CA LYS A 130 -22.95 19.74 -11.98
C LYS A 130 -23.99 20.59 -11.27
N ASP A 131 -25.19 20.06 -11.03
CA ASP A 131 -26.26 20.84 -10.44
C ASP A 131 -26.43 20.61 -8.95
N ASN A 132 -25.57 19.82 -8.33
CA ASN A 132 -25.67 19.52 -6.91
C ASN A 132 -24.70 20.43 -6.16
N ASP A 133 -25.23 21.50 -5.55
CA ASP A 133 -24.39 22.46 -4.87
C ASP A 133 -23.80 21.92 -3.57
N LEU A 134 -24.27 20.78 -3.06
CA LEU A 134 -23.67 20.19 -1.86
C LEU A 134 -22.52 19.25 -2.21
N VAL A 135 -22.15 19.15 -3.47
CA VAL A 135 -21.01 18.37 -3.90
C VAL A 135 -19.77 19.26 -3.89
N MET A 136 -18.64 18.62 -3.59
CA MET A 136 -17.32 19.23 -3.55
C MET A 136 -16.48 18.33 -4.44
N PHE A 137 -15.56 18.90 -5.22
CA PHE A 137 -14.63 18.09 -6.01
C PHE A 137 -13.22 18.20 -5.43
N ASP A 138 -12.47 17.10 -5.51
CA ASP A 138 -11.14 16.99 -4.91
C ASP A 138 -10.22 16.42 -5.99
N THR A 139 -9.29 17.26 -6.51
CA THR A 139 -8.68 16.93 -7.79
C THR A 139 -8.00 15.56 -7.78
N ASN A 140 -7.24 15.25 -6.72
CA ASN A 140 -6.74 13.89 -6.61
C ASN A 140 -6.17 13.77 -5.20
N ASN A 141 -6.23 12.57 -4.62
CA ASN A 141 -5.70 12.38 -3.27
C ASN A 141 -4.17 12.25 -3.30
N GLN A 142 -3.47 13.12 -2.57
CA GLN A 142 -2.05 12.95 -2.22
C GLN A 142 -1.15 12.64 -3.43
N TYR A 143 -1.13 13.56 -4.40
CA TYR A 143 -0.02 13.56 -5.36
C TYR A 143 1.29 13.38 -4.60
N TYR A 144 2.20 12.61 -5.17
CA TYR A 144 3.53 12.47 -4.55
C TYR A 144 4.54 12.03 -5.60
N GLY A 145 5.81 12.31 -5.30
CA GLY A 145 6.90 11.78 -6.10
C GLY A 145 6.87 12.32 -7.52
N MET A 146 6.53 13.59 -7.67
CA MET A 146 6.07 14.12 -8.94
C MET A 146 6.78 15.47 -9.13
N ALA A 147 6.82 15.95 -10.37
CA ALA A 147 7.27 17.33 -10.56
C ALA A 147 6.28 18.27 -9.90
N GLY A 148 6.78 19.22 -9.12
CA GLY A 148 5.88 20.17 -8.48
C GLY A 148 5.08 20.98 -9.49
N GLN A 149 5.74 21.41 -10.56
CA GLN A 149 5.02 22.17 -11.57
C GLN A 149 3.89 21.35 -12.16
N LEU A 150 4.12 20.04 -12.37
CA LEU A 150 3.08 19.19 -12.93
C LEU A 150 1.89 19.11 -12.00
N VAL A 151 2.13 19.00 -10.69
CA VAL A 151 1.02 18.89 -9.76
C VAL A 151 0.16 20.15 -9.80
N ALA A 152 0.80 21.33 -9.79
CA ALA A 152 0.05 22.58 -9.93
C ALA A 152 -0.73 22.60 -11.25
N ASP A 153 -0.06 22.22 -12.35
CA ASP A 153 -0.71 22.27 -13.65
C ASP A 153 -1.91 21.32 -13.71
N LEU A 154 -1.80 20.16 -13.06
CA LEU A 154 -2.93 19.23 -13.05
C LEU A 154 -4.08 19.79 -12.24
N ASN A 155 -3.79 20.41 -11.09
CA ASN A 155 -4.86 21.05 -10.34
C ASN A 155 -5.55 22.11 -11.17
N GLN A 156 -4.79 22.88 -11.95
CA GLN A 156 -5.43 23.89 -12.78
C GLN A 156 -6.30 23.26 -13.84
N ALA A 157 -5.78 22.18 -14.47
CA ALA A 157 -6.55 21.46 -15.47
C ALA A 157 -7.85 20.94 -14.89
N ALA A 158 -7.81 20.44 -13.66
CA ALA A 158 -9.03 19.96 -13.02
C ALA A 158 -10.04 21.08 -12.85
N ILE A 159 -9.60 22.23 -12.35
CA ILE A 159 -10.52 23.36 -12.19
C ILE A 159 -11.15 23.70 -13.53
N ASN A 160 -10.32 23.79 -14.58
CA ASN A 160 -10.82 24.14 -15.90
C ASN A 160 -11.93 23.18 -16.33
N GLY A 161 -11.69 21.88 -16.17
CA GLY A 161 -12.67 20.89 -16.65
C GLY A 161 -13.94 20.91 -15.84
N ILE A 162 -13.81 21.03 -14.51
CA ILE A 162 -14.98 21.13 -13.66
C ILE A 162 -15.88 22.28 -14.09
N ARG A 163 -15.31 23.48 -14.27
CA ARG A 163 -16.15 24.62 -14.65
C ARG A 163 -16.63 24.50 -16.09
N ALA A 164 -15.82 23.88 -16.95
CA ALA A 164 -16.25 23.64 -18.34
C ALA A 164 -17.49 22.76 -18.40
N ALA A 165 -17.66 21.88 -17.41
CA ALA A 165 -18.82 21.01 -17.35
C ALA A 165 -20.08 21.75 -16.92
N GLY A 166 -19.96 23.00 -16.46
CA GLY A 166 -21.09 23.71 -15.91
C GLY A 166 -21.28 23.50 -14.42
N ALA A 167 -20.31 22.87 -13.76
CA ALA A 167 -20.32 22.67 -12.32
C ALA A 167 -19.68 23.92 -11.72
N THR A 168 -20.51 24.92 -11.44
CA THR A 168 -20.02 26.24 -11.07
C THR A 168 -20.27 26.60 -9.62
N SER A 169 -21.08 25.83 -8.89
CA SER A 169 -21.39 26.17 -7.51
C SER A 169 -20.48 25.48 -6.50
N GLN A 170 -19.72 24.48 -6.93
CA GLN A 170 -19.01 23.59 -6.00
C GLN A 170 -17.61 24.08 -5.70
N TYR A 171 -17.17 23.88 -4.45
CA TYR A 171 -15.77 24.11 -4.11
C TYR A 171 -14.89 23.07 -4.80
N VAL A 172 -13.74 23.52 -5.30
CA VAL A 172 -12.74 22.61 -5.85
C VAL A 172 -11.58 22.52 -4.86
N ASN A 173 -11.36 21.31 -4.34
CA ASN A 173 -10.27 21.07 -3.41
C ASN A 173 -9.02 20.76 -4.22
N VAL A 174 -7.98 21.59 -4.08
CA VAL A 174 -6.71 21.38 -4.78
C VAL A 174 -5.70 20.81 -3.79
N GLU A 175 -4.98 19.77 -4.21
CA GLU A 175 -4.05 19.08 -3.33
C GLU A 175 -2.63 19.27 -3.84
N GLY A 176 -1.69 19.48 -2.92
CA GLY A 176 -0.30 19.61 -3.29
C GLY A 176 0.39 18.27 -3.48
N ASN A 177 1.64 18.37 -3.92
CA ASN A 177 2.61 17.28 -4.04
C ASN A 177 2.98 16.76 -2.64
N SER A 178 3.82 15.74 -2.60
CA SER A 178 4.36 15.22 -1.35
C SER A 178 3.25 14.94 -0.34
N TYR A 179 2.20 14.27 -0.80
CA TYR A 179 1.11 13.84 0.08
C TYR A 179 0.36 15.02 0.68
N THR A 180 0.39 16.16 -0.03
CA THR A 180 -0.23 17.43 0.35
C THR A 180 -0.12 17.68 1.86
N GLY A 181 1.05 17.38 2.41
CA GLY A 181 1.26 17.57 3.85
C GLY A 181 1.35 19.05 4.22
N ALA A 182 0.59 19.45 5.24
CA ALA A 182 0.68 20.84 5.67
C ALA A 182 2.07 21.17 6.17
N TRP A 183 2.67 20.27 6.97
CA TRP A 183 3.92 20.55 7.63
C TRP A 183 5.10 20.66 6.66
N THR A 184 4.98 20.11 5.45
CA THR A 184 6.04 20.18 4.45
C THR A 184 5.66 21.08 3.28
N TRP A 185 4.61 21.88 3.42
CA TRP A 185 4.13 22.70 2.30
C TRP A 185 5.26 23.54 1.71
N THR A 186 6.12 24.11 2.55
CA THR A 186 7.18 24.97 2.08
C THR A 186 8.51 24.25 1.89
N THR A 187 8.66 23.00 2.36
CA THR A 187 9.98 22.37 2.37
C THR A 187 10.13 21.17 1.46
N ALA A 188 9.09 20.34 1.28
CA ALA A 188 9.27 19.14 0.48
C ALA A 188 9.46 19.51 -0.99
N GLU A 189 10.37 18.81 -1.67
CA GLU A 189 10.71 19.08 -3.07
C GLU A 189 10.14 18.01 -3.98
N GLY A 190 9.51 18.44 -5.09
CA GLY A 190 9.15 17.54 -6.17
C GLY A 190 10.37 17.11 -6.98
N THR A 191 10.10 16.33 -8.02
CA THR A 191 11.16 15.83 -8.91
C THR A 191 11.94 16.97 -9.56
N ASP A 192 11.28 18.10 -9.80
CA ASP A 192 11.87 19.26 -10.42
C ASP A 192 12.48 20.22 -9.41
N GLY A 193 12.57 19.81 -8.14
CA GLY A 193 13.11 20.64 -7.09
C GLY A 193 12.14 21.67 -6.54
N LEU A 194 10.91 21.71 -7.03
CA LEU A 194 9.97 22.75 -6.66
C LEU A 194 9.08 22.30 -5.51
N THR A 195 8.78 23.23 -4.61
CA THR A 195 7.91 22.96 -3.46
C THR A 195 6.46 23.27 -3.79
N ASN A 196 5.57 22.87 -2.88
CA ASN A 196 4.19 23.31 -2.99
C ASN A 196 4.08 24.83 -2.86
N ALA A 197 4.86 25.42 -1.95
CA ALA A 197 4.81 26.87 -1.81
C ALA A 197 5.23 27.57 -3.11
N GLN A 198 6.14 26.95 -3.87
CA GLN A 198 6.65 27.52 -5.12
C GLN A 198 5.69 27.36 -6.31
N THR A 199 4.75 26.41 -6.25
CA THR A 199 3.95 26.07 -7.42
C THR A 199 2.44 26.23 -7.26
N MET A 200 1.88 25.99 -6.08
CA MET A 200 0.42 25.95 -6.02
C MET A 200 -0.29 27.28 -5.77
N GLY A 201 0.44 28.38 -5.58
CA GLY A 201 -0.24 29.65 -5.36
C GLY A 201 -0.96 30.23 -6.56
N ASN A 202 -0.52 29.96 -7.79
CA ASN A 202 -1.04 30.76 -8.89
C ASN A 202 -2.32 30.17 -9.50
N LEU A 203 -2.91 29.17 -8.87
CA LEU A 203 -4.14 28.57 -9.38
C LEU A 203 -5.27 29.59 -9.43
N THR A 204 -6.07 29.53 -10.49
CA THR A 204 -7.19 30.44 -10.66
C THR A 204 -8.47 29.67 -10.93
N ASP A 205 -9.57 30.26 -10.52
CA ASP A 205 -10.86 29.60 -10.66
C ASP A 205 -11.87 30.66 -11.07
N PRO A 206 -12.54 30.46 -12.22
CA PRO A 206 -13.55 31.42 -12.66
C PRO A 206 -14.62 31.69 -11.60
N GLU A 207 -14.82 30.76 -10.67
CA GLU A 207 -15.84 30.92 -9.63
C GLU A 207 -15.26 31.29 -8.26
N ASP A 208 -13.93 31.45 -8.16
CA ASP A 208 -13.28 31.82 -6.90
C ASP A 208 -13.72 30.92 -5.75
N LYS A 209 -13.64 29.61 -5.95
CA LYS A 209 -14.07 28.63 -4.94
C LYS A 209 -13.01 27.54 -4.79
N ILE A 210 -11.76 27.94 -4.69
CA ILE A 210 -10.65 27.01 -4.46
C ILE A 210 -10.45 26.85 -2.96
N LEU A 211 -10.38 25.60 -2.51
CA LEU A 211 -9.96 25.26 -1.16
C LEU A 211 -8.61 24.57 -1.22
N TYR A 212 -7.60 25.12 -0.56
CA TYR A 212 -6.31 24.44 -0.46
C TYR A 212 -6.45 23.28 0.52
N HIS A 213 -6.29 22.07 0.01
CA HIS A 213 -6.66 20.86 0.75
C HIS A 213 -5.38 20.17 1.21
N MET A 214 -5.04 20.33 2.49
CA MET A 214 -3.85 19.66 3.02
C MET A 214 -4.22 18.62 4.07
N HIS A 215 -3.27 17.72 4.33
CA HIS A 215 -3.42 16.62 5.28
C HIS A 215 -2.39 16.80 6.39
N GLN A 216 -2.71 16.31 7.59
CA GLN A 216 -1.70 16.41 8.65
C GLN A 216 -1.84 15.27 9.64
N TYR A 217 -0.81 14.45 9.74
CA TYR A 217 -0.70 13.47 10.80
C TYR A 217 0.29 13.92 11.86
N LEU A 218 0.28 13.22 12.98
CA LEU A 218 0.93 13.67 14.20
C LEU A 218 2.04 12.75 14.70
N ASP A 219 2.42 11.74 13.92
CA ASP A 219 3.51 10.84 14.31
C ASP A 219 4.84 11.34 13.75
N SER A 220 5.91 10.59 14.04
CA SER A 220 7.25 11.12 13.83
C SER A 220 7.49 11.54 12.38
N ASP A 221 7.09 10.71 11.41
CA ASP A 221 7.35 11.04 10.01
C ASP A 221 6.13 11.57 9.28
N GLY A 222 5.06 11.95 10.01
CA GLY A 222 3.89 12.53 9.39
C GLY A 222 3.10 11.61 8.49
N SER A 223 3.36 10.30 8.56
CA SER A 223 2.68 9.31 7.71
C SER A 223 1.39 8.79 8.32
N GLY A 224 1.21 8.93 9.63
CA GLY A 224 0.06 8.32 10.29
C GLY A 224 0.13 6.82 10.44
N THR A 225 1.30 6.20 10.27
CA THR A 225 1.37 4.75 10.46
C THR A 225 1.59 4.36 11.90
N SER A 226 1.97 5.31 12.76
CA SER A 226 2.21 5.03 14.17
C SER A 226 1.12 5.67 15.01
N SER A 227 0.75 4.98 16.09
CA SER A 227 -0.22 5.51 17.05
C SER A 227 0.39 6.51 18.01
N THR A 228 1.70 6.73 17.95
CA THR A 228 2.36 7.65 18.86
C THR A 228 2.42 9.04 18.24
N CYS A 229 1.74 9.99 18.86
CA CYS A 229 1.86 11.38 18.46
C CYS A 229 3.09 11.99 19.16
N VAL A 230 3.81 12.84 18.44
CA VAL A 230 5.13 13.27 18.90
C VAL A 230 5.05 13.96 20.26
N ASN A 231 4.15 14.92 20.39
CA ASN A 231 3.90 15.57 21.68
C ASN A 231 2.56 16.29 21.61
N SER A 232 2.20 16.95 22.71
CA SER A 232 0.84 17.44 22.86
C SER A 232 0.53 18.65 22.00
N THR A 233 1.53 19.28 21.38
CA THR A 233 1.30 20.45 20.53
C THR A 233 1.70 20.21 19.08
N ILE A 234 1.97 18.96 18.70
CA ILE A 234 2.64 18.70 17.43
C ILE A 234 1.73 19.03 16.25
N GLY A 235 0.41 18.93 16.44
CA GLY A 235 -0.50 19.26 15.34
C GLY A 235 -0.55 20.74 15.01
N ALA A 236 -0.86 21.56 16.01
CA ALA A 236 -0.87 23.00 15.81
C ALA A 236 0.49 23.50 15.29
N THR A 237 1.58 23.03 15.87
CA THR A 237 2.89 23.50 15.41
C THR A 237 3.14 23.12 13.95
N ARG A 238 2.66 21.95 13.52
CA ARG A 238 2.88 21.52 12.15
C ARG A 238 1.99 22.28 11.14
N LEU A 239 0.99 23.04 11.59
CA LEU A 239 0.18 23.83 10.68
C LEU A 239 0.67 25.27 10.55
N MET A 240 1.62 25.69 11.37
CA MET A 240 1.93 27.12 11.46
C MET A 240 2.57 27.64 10.17
N ASP A 241 3.53 26.91 9.62
CA ASP A 241 4.21 27.38 8.42
C ASP A 241 3.25 27.45 7.24
N ALA A 242 2.40 26.44 7.08
CA ALA A 242 1.42 26.47 6.00
C ALA A 242 0.41 27.59 6.20
N THR A 243 0.03 27.85 7.46
CA THR A 243 -0.96 28.88 7.75
C THR A 243 -0.43 30.27 7.39
N ALA A 244 0.86 30.51 7.63
CA ALA A 244 1.46 31.78 7.19
C ALA A 244 1.45 31.90 5.67
N TRP A 245 1.77 30.80 4.95
CA TRP A 245 1.73 30.86 3.49
C TRP A 245 0.32 31.15 3.00
N LEU A 246 -0.69 30.52 3.61
CA LEU A 246 -2.07 30.74 3.21
C LEU A 246 -2.50 32.17 3.50
N LYS A 247 -2.20 32.66 4.70
CA LYS A 247 -2.62 34.00 5.08
C LYS A 247 -1.97 35.04 4.19
N SER A 248 -0.67 34.85 3.89
CA SER A 248 0.09 35.84 3.15
C SER A 248 -0.34 35.88 1.69
N ASN A 249 -0.67 34.73 1.11
CA ASN A 249 -1.08 34.63 -0.28
C ASN A 249 -2.60 34.67 -0.45
N ASN A 250 -3.32 35.06 0.60
CA ASN A 250 -4.78 35.26 0.57
C ASN A 250 -5.52 34.06 0.00
N LYS A 251 -5.22 32.88 0.53
CA LYS A 251 -5.89 31.64 0.19
C LYS A 251 -6.65 31.10 1.39
N ILE A 252 -7.59 30.19 1.12
CA ILE A 252 -8.31 29.48 2.18
C ILE A 252 -8.12 27.98 1.98
N ALA A 253 -8.30 27.23 3.07
CA ALA A 253 -7.84 25.84 3.12
C ALA A 253 -8.83 24.98 3.89
N ILE A 254 -8.64 23.67 3.77
CA ILE A 254 -9.39 22.70 4.56
C ILE A 254 -8.43 21.57 4.90
N LEU A 255 -8.54 21.03 6.12
CA LEU A 255 -7.68 19.93 6.58
C LEU A 255 -8.41 18.63 6.25
N GLY A 256 -8.10 18.08 5.06
CA GLY A 256 -8.91 17.00 4.50
C GLY A 256 -8.62 15.60 5.03
N GLN A 257 -7.47 15.40 5.68
CA GLN A 257 -7.19 14.19 6.47
C GLN A 257 -6.37 14.62 7.68
N TYR A 258 -6.75 14.10 8.84
CA TYR A 258 -5.97 14.18 10.07
C TYR A 258 -6.49 13.09 10.99
N ALA A 259 -5.68 12.71 11.97
CA ALA A 259 -6.08 11.67 12.91
C ALA A 259 -5.11 11.65 14.08
N GLY A 260 -5.62 11.18 15.22
CA GLY A 260 -4.76 10.73 16.31
C GLY A 260 -5.34 9.43 16.84
N ALA A 261 -4.50 8.65 17.53
CA ALA A 261 -4.97 7.39 18.08
C ALA A 261 -5.53 7.59 19.50
N VAL A 262 -6.08 6.52 20.06
CA VAL A 262 -6.64 6.59 21.40
C VAL A 262 -5.51 6.54 22.43
N ASN A 263 -4.92 7.69 22.70
CA ASN A 263 -4.05 7.90 23.85
C ASN A 263 -4.10 9.38 24.21
N SER A 264 -3.54 9.73 25.37
CA SER A 264 -3.75 11.07 25.91
C SER A 264 -2.98 12.13 25.14
N VAL A 265 -1.77 11.81 24.68
CA VAL A 265 -1.00 12.80 23.94
C VAL A 265 -1.64 13.07 22.58
N CYS A 266 -2.08 12.02 21.87
CA CYS A 266 -2.76 12.24 20.60
C CYS A 266 -4.03 13.07 20.80
N GLU A 267 -4.80 12.75 21.84
CA GLU A 267 -6.06 13.48 22.05
C GLU A 267 -5.80 14.96 22.30
N GLU A 268 -4.78 15.26 23.11
CA GLU A 268 -4.42 16.65 23.35
C GLU A 268 -3.92 17.34 22.08
N ALA A 269 -3.11 16.62 21.28
CA ALA A 269 -2.59 17.19 20.04
C ALA A 269 -3.73 17.46 19.04
N VAL A 270 -4.70 16.55 18.97
CA VAL A 270 -5.86 16.75 18.10
C VAL A 270 -6.67 17.96 18.55
N GLU A 271 -7.04 18.01 19.84
CA GLU A 271 -7.73 19.18 20.37
C GLU A 271 -6.99 20.46 20.03
N GLY A 272 -5.67 20.47 20.23
CA GLY A 272 -4.89 21.68 20.04
C GLY A 272 -4.83 22.10 18.59
N MET A 273 -4.71 21.13 17.67
CA MET A 273 -4.82 21.38 16.23
C MET A 273 -6.13 22.03 15.85
N LEU A 274 -7.25 21.41 16.26
CA LEU A 274 -8.55 21.95 15.91
C LEU A 274 -8.79 23.32 16.54
N ASP A 275 -8.27 23.56 17.75
CA ASP A 275 -8.33 24.91 18.32
C ASP A 275 -7.52 25.89 17.48
N TYR A 276 -6.35 25.48 17.02
CA TYR A 276 -5.54 26.33 16.15
C TYR A 276 -6.29 26.68 14.87
N ILE A 277 -6.91 25.68 14.22
CA ILE A 277 -7.71 25.96 13.03
C ILE A 277 -8.89 26.88 13.35
N ASP A 278 -9.53 26.68 14.51
CA ASP A 278 -10.62 27.57 14.87
C ASP A 278 -10.12 29.01 15.07
N GLU A 279 -9.00 29.18 15.76
CA GLU A 279 -8.39 30.50 15.94
C GLU A 279 -7.92 31.11 14.62
N ASN A 280 -7.70 30.29 13.60
CA ASN A 280 -7.28 30.80 12.30
C ASN A 280 -8.33 30.48 11.26
N SER A 281 -9.60 30.68 11.62
CA SER A 281 -10.72 30.36 10.76
C SER A 281 -10.83 31.30 9.56
N ASP A 282 -10.07 32.40 9.55
CA ASP A 282 -10.00 33.22 8.35
C ASP A 282 -9.30 32.51 7.21
N VAL A 283 -8.54 31.45 7.48
CA VAL A 283 -7.93 30.71 6.38
C VAL A 283 -8.33 29.24 6.40
N TRP A 284 -8.68 28.69 7.57
CA TRP A 284 -9.03 27.26 7.66
C TRP A 284 -10.54 27.11 7.78
N THR A 285 -11.14 26.42 6.81
CA THR A 285 -12.59 26.31 6.74
C THR A 285 -13.15 25.09 7.48
N GLY A 286 -12.29 24.19 7.93
CA GLY A 286 -12.75 23.00 8.63
C GLY A 286 -11.74 21.87 8.50
N ALA A 287 -12.20 20.67 8.86
CA ALA A 287 -11.32 19.52 8.99
C ALA A 287 -12.13 18.24 8.84
N ILE A 288 -11.51 17.23 8.25
CA ILE A 288 -12.15 15.97 7.92
C ILE A 288 -11.30 14.83 8.46
N TRP A 289 -11.87 14.04 9.38
CA TRP A 289 -11.13 12.97 10.04
C TRP A 289 -10.84 11.80 9.11
N TRP A 290 -9.64 11.23 9.22
CA TRP A 290 -9.30 9.96 8.54
C TRP A 290 -9.27 8.86 9.59
N ALA A 291 -10.22 7.92 9.54
CA ALA A 291 -11.27 7.82 8.54
C ALA A 291 -12.46 7.00 9.09
N ALA A 292 -13.60 7.11 8.43
CA ALA A 292 -14.69 6.16 8.57
C ALA A 292 -14.70 5.25 7.34
N GLY A 293 -15.71 4.38 7.27
CA GLY A 293 -15.78 3.35 6.25
C GLY A 293 -16.05 2.01 6.91
N PRO A 294 -16.63 1.06 6.16
CA PRO A 294 -17.13 -0.17 6.79
C PRO A 294 -16.13 -1.33 6.87
N TRP A 295 -14.92 -1.17 6.30
CA TRP A 295 -13.97 -2.29 6.20
C TRP A 295 -12.68 -2.05 6.97
N TRP A 296 -12.70 -1.19 8.00
CA TRP A 296 -11.49 -0.85 8.74
C TRP A 296 -11.19 -1.79 9.89
N GLY A 297 -12.16 -2.54 10.40
CA GLY A 297 -11.90 -3.38 11.56
C GLY A 297 -11.31 -2.58 12.70
N ASP A 298 -10.23 -3.10 13.31
CA ASP A 298 -9.62 -2.44 14.47
C ASP A 298 -8.54 -1.43 14.09
N TYR A 299 -8.61 -0.85 12.90
CA TYR A 299 -7.76 0.28 12.55
C TYR A 299 -7.76 1.36 13.64
N MET A 300 -6.57 1.79 14.05
CA MET A 300 -6.44 2.70 15.20
C MET A 300 -7.14 4.03 14.97
N PHE A 301 -7.30 4.45 13.71
CA PHE A 301 -7.92 5.73 13.38
C PHE A 301 -9.40 5.60 12.98
N SER A 302 -9.97 4.40 13.02
CA SER A 302 -11.32 4.25 12.49
C SER A 302 -12.35 4.82 13.46
N VAL A 303 -13.17 5.75 12.97
CA VAL A 303 -14.31 6.24 13.73
C VAL A 303 -15.63 5.62 13.24
N GLU A 304 -15.58 4.54 12.47
CA GLU A 304 -16.83 3.93 12.03
C GLU A 304 -17.65 3.54 13.27
N PRO A 305 -18.93 3.87 13.33
CA PRO A 305 -19.61 3.77 14.62
C PRO A 305 -19.65 2.37 15.21
N ASP A 306 -19.91 1.34 14.42
CA ASP A 306 -20.19 0.05 15.05
C ASP A 306 -18.94 -0.59 15.63
N ASN A 307 -17.77 -0.42 15.01
CA ASN A 307 -16.58 -1.09 15.53
C ASN A 307 -15.32 -0.25 15.46
N GLY A 308 -15.40 1.05 15.18
CA GLY A 308 -14.21 1.88 15.08
C GLY A 308 -13.59 2.15 16.44
N PRO A 309 -12.31 1.76 16.61
CA PRO A 309 -11.66 1.96 17.92
C PRO A 309 -11.60 3.39 18.36
N ALA A 310 -11.63 4.33 17.42
CA ALA A 310 -11.47 5.73 17.73
C ALA A 310 -12.80 6.47 17.84
N TYR A 311 -13.92 5.79 17.59
CA TYR A 311 -15.22 6.47 17.54
C TYR A 311 -15.56 7.16 18.87
N SER A 312 -15.56 6.41 19.98
CA SER A 312 -16.08 6.99 21.20
C SER A 312 -15.23 8.15 21.72
N THR A 313 -13.94 8.19 21.36
CA THR A 313 -13.06 9.26 21.78
C THR A 313 -13.15 10.48 20.86
N TYR A 314 -13.15 10.26 19.55
CA TYR A 314 -12.99 11.39 18.65
C TYR A 314 -14.29 11.84 17.98
N ASP A 315 -15.32 11.01 17.94
CA ASP A 315 -16.61 11.46 17.44
C ASP A 315 -17.08 12.71 18.19
N PRO A 316 -17.05 12.75 19.52
CA PRO A 316 -17.46 14.00 20.21
C PRO A 316 -16.54 15.17 19.91
N ILE A 317 -15.24 14.92 19.70
CA ILE A 317 -14.30 16.00 19.44
C ILE A 317 -14.55 16.62 18.07
N ILE A 318 -14.86 15.78 17.08
CA ILE A 318 -15.21 16.30 15.75
C ILE A 318 -16.41 17.21 15.87
N LEU A 319 -17.45 16.76 16.57
CA LEU A 319 -18.69 17.53 16.65
C LEU A 319 -18.48 18.83 17.42
N GLU A 320 -17.50 18.86 18.33
CA GLU A 320 -17.30 20.06 19.12
C GLU A 320 -16.79 21.21 18.26
N TYR A 321 -16.12 20.90 17.15
CA TYR A 321 -15.65 21.93 16.25
C TYR A 321 -16.55 22.10 15.02
N SER A 322 -17.75 21.55 15.05
CA SER A 322 -18.68 21.69 13.94
C SER A 322 -19.49 22.99 14.05
N ARG B 14 26.19 -16.19 -9.96
CA ARG B 14 26.04 -17.52 -9.41
C ARG B 14 24.70 -17.73 -8.69
N PHE B 15 23.90 -16.67 -8.55
CA PHE B 15 22.53 -16.77 -8.06
C PHE B 15 21.60 -16.17 -9.10
N ALA B 16 20.60 -16.95 -9.51
CA ALA B 16 19.63 -16.49 -10.49
C ALA B 16 18.28 -17.07 -10.13
N GLY B 17 17.30 -16.22 -9.89
CA GLY B 17 16.03 -16.75 -9.43
C GLY B 17 14.97 -15.69 -9.33
N VAL B 18 13.99 -15.95 -8.48
CA VAL B 18 12.79 -15.14 -8.43
C VAL B 18 12.38 -14.85 -6.99
N ASN B 19 11.78 -13.69 -6.81
CA ASN B 19 11.04 -13.41 -5.59
C ASN B 19 9.77 -14.25 -5.54
N GLU B 20 9.40 -14.67 -4.32
CA GLU B 20 8.09 -15.24 -4.06
C GLU B 20 7.37 -14.24 -3.15
N SER B 21 6.26 -13.70 -3.65
CA SER B 21 5.52 -12.68 -2.96
C SER B 21 4.10 -13.17 -2.77
N GLY B 22 3.58 -13.04 -1.55
CA GLY B 22 2.21 -13.41 -1.25
C GLY B 22 1.98 -13.64 0.24
N ALA B 23 3.01 -14.11 0.94
CA ALA B 23 2.86 -14.36 2.38
C ALA B 23 2.87 -13.09 3.20
N GLU B 24 3.24 -11.97 2.58
CA GLU B 24 3.25 -10.65 3.21
C GLU B 24 2.09 -9.79 2.76
N PHE B 25 1.20 -10.31 1.91
CA PHE B 25 0.07 -9.53 1.41
C PHE B 25 -0.89 -9.21 2.56
N GLY B 26 -1.77 -8.24 2.30
CA GLY B 26 -2.73 -7.85 3.32
C GLY B 26 -2.10 -7.45 4.64
N SER B 27 -1.04 -6.65 4.58
CA SER B 27 -0.22 -6.39 5.76
C SER B 27 -0.99 -5.65 6.84
N ASP B 28 -2.16 -5.10 6.51
CA ASP B 28 -3.01 -4.42 7.47
C ASP B 28 -3.62 -5.40 8.46
N ASN B 29 -3.81 -6.66 8.05
CA ASN B 29 -4.53 -7.65 8.83
C ASN B 29 -3.50 -8.54 9.53
N ILE B 30 -3.36 -8.35 10.83
CA ILE B 30 -2.45 -9.11 11.68
C ILE B 30 -3.28 -9.79 12.77
N PRO B 31 -3.27 -11.13 12.88
CA PRO B 31 -2.43 -12.06 12.12
C PRO B 31 -2.80 -12.25 10.64
N GLY B 32 -4.04 -11.93 10.28
CA GLY B 32 -4.52 -12.20 8.94
C GLY B 32 -4.83 -13.66 8.73
N VAL B 33 -5.39 -13.96 7.57
CA VAL B 33 -5.97 -15.28 7.29
C VAL B 33 -5.35 -15.84 6.01
N TYR B 34 -4.77 -17.05 6.12
CA TYR B 34 -4.29 -17.80 4.96
C TYR B 34 -5.43 -18.06 3.98
N GLY B 35 -5.32 -17.52 2.76
CA GLY B 35 -6.32 -17.69 1.74
C GLY B 35 -7.10 -16.42 1.42
N THR B 36 -7.26 -15.53 2.39
CA THR B 36 -7.93 -14.27 2.12
C THR B 36 -7.00 -13.07 2.23
N ASP B 37 -6.13 -13.02 3.24
CA ASP B 37 -5.19 -11.91 3.35
C ASP B 37 -3.85 -12.23 2.72
N TYR B 38 -3.37 -13.46 2.88
CA TYR B 38 -2.05 -13.84 2.41
C TYR B 38 -2.06 -15.30 2.00
N THR B 39 -0.98 -15.72 1.34
CA THR B 39 -0.85 -17.11 0.95
C THR B 39 0.61 -17.52 1.02
N TRP B 40 0.85 -18.83 1.14
CA TRP B 40 2.19 -19.34 0.92
C TRP B 40 2.31 -19.78 -0.52
N TYR B 41 3.46 -20.33 -0.89
CA TYR B 41 3.85 -20.33 -2.30
C TYR B 41 3.51 -21.64 -2.98
N ASN B 42 3.44 -21.57 -4.30
CA ASN B 42 3.02 -22.72 -5.11
C ASN B 42 4.25 -23.58 -5.34
N THR B 43 4.37 -24.66 -4.55
CA THR B 43 5.58 -25.48 -4.62
C THR B 43 5.76 -26.09 -6.00
N THR B 44 4.66 -26.50 -6.65
CA THR B 44 4.78 -27.07 -7.99
C THR B 44 5.44 -26.08 -8.94
N ALA B 45 5.06 -24.81 -8.85
CA ALA B 45 5.66 -23.77 -9.70
C ALA B 45 7.12 -23.54 -9.35
N MET B 46 7.47 -23.46 -8.06
CA MET B 46 8.88 -23.35 -7.72
C MET B 46 9.68 -24.54 -8.23
N GLY B 47 9.08 -25.74 -8.19
CA GLY B 47 9.78 -26.90 -8.71
C GLY B 47 10.07 -26.82 -10.20
N GLU B 48 9.13 -26.25 -10.97
CA GLU B 48 9.37 -25.97 -12.38
C GLU B 48 10.59 -25.09 -12.56
N PHE B 49 10.64 -23.99 -11.79
CA PHE B 49 11.73 -23.04 -11.91
C PHE B 49 13.06 -23.71 -11.59
N ILE B 50 13.07 -24.55 -10.53
CA ILE B 50 14.28 -25.26 -10.16
C ILE B 50 14.69 -26.21 -11.27
N SER B 51 13.72 -26.95 -11.84
CA SER B 51 14.04 -27.86 -12.93
C SER B 51 14.69 -27.14 -14.12
N GLN B 52 14.29 -25.88 -14.36
CA GLN B 52 14.84 -25.10 -15.45
C GLN B 52 16.24 -24.62 -15.15
N GLY B 53 16.62 -24.60 -13.87
CA GLY B 53 17.95 -24.19 -13.48
C GLY B 53 18.02 -22.98 -12.58
N MET B 54 16.91 -22.40 -12.15
CA MET B 54 17.02 -21.33 -11.17
C MET B 54 17.41 -21.90 -9.81
N ASN B 55 18.18 -21.10 -9.05
CA ASN B 55 18.79 -21.59 -7.82
C ASN B 55 18.60 -20.65 -6.64
N ILE B 56 17.66 -19.70 -6.71
CA ILE B 56 17.38 -18.90 -5.53
C ILE B 56 15.95 -18.40 -5.57
N PHE B 57 15.31 -18.41 -4.41
CA PHE B 57 13.94 -17.94 -4.23
C PHE B 57 13.92 -17.03 -3.02
N ARG B 58 13.50 -15.80 -3.23
CA ARG B 58 13.44 -14.82 -2.15
C ARG B 58 12.03 -14.86 -1.57
N LEU B 59 11.91 -15.45 -0.38
CA LEU B 59 10.63 -15.75 0.24
C LEU B 59 10.20 -14.59 1.13
N ASN B 60 9.24 -13.80 0.66
CA ASN B 60 8.77 -12.65 1.40
C ASN B 60 7.74 -13.04 2.45
N LEU B 61 7.75 -12.33 3.59
CA LEU B 61 6.87 -12.66 4.71
C LEU B 61 6.71 -11.41 5.57
N LEU B 62 5.79 -11.47 6.53
CA LEU B 62 5.51 -10.33 7.41
C LEU B 62 6.06 -10.56 8.81
N MET B 63 6.83 -9.59 9.33
CA MET B 63 7.43 -9.74 10.66
C MET B 63 6.37 -10.07 11.71
N GLU B 64 5.25 -9.34 11.70
CA GLU B 64 4.26 -9.44 12.77
C GLU B 64 3.52 -10.77 12.75
N ARG B 65 3.49 -11.44 11.60
CA ARG B 65 2.95 -12.80 11.54
C ARG B 65 3.96 -13.83 12.05
N LEU B 66 5.24 -13.61 11.79
CA LEU B 66 6.26 -14.54 12.23
C LEU B 66 6.54 -14.41 13.72
N VAL B 67 6.65 -13.18 14.21
CA VAL B 67 6.88 -12.89 15.64
C VAL B 67 5.84 -11.87 16.07
N PRO B 68 4.70 -12.30 16.60
CA PRO B 68 3.63 -11.36 16.97
C PRO B 68 3.95 -10.56 18.24
N ASN B 69 3.26 -9.42 18.38
CA ASN B 69 3.19 -8.61 19.61
C ASN B 69 4.43 -7.78 19.93
N THR B 70 5.59 -8.43 20.04
CA THR B 70 6.84 -7.78 20.42
C THR B 70 7.98 -8.47 19.70
N MET B 71 8.98 -7.68 19.28
CA MET B 71 10.09 -8.24 18.49
C MET B 71 10.92 -9.24 19.28
N THR B 72 10.86 -9.18 20.61
CA THR B 72 11.58 -10.10 21.47
C THR B 72 10.81 -11.38 21.76
N GLY B 73 9.60 -11.51 21.20
CA GLY B 73 8.74 -12.64 21.52
C GLY B 73 9.04 -13.90 20.74
N PRO B 74 8.31 -14.96 21.08
CA PRO B 74 8.45 -16.23 20.35
C PRO B 74 7.75 -16.15 19.00
N MET B 75 8.11 -17.10 18.13
CA MET B 75 7.47 -17.12 16.83
C MET B 75 6.09 -17.76 16.91
N ASN B 76 5.22 -17.35 16.00
CA ASN B 76 3.99 -18.08 15.76
C ASN B 76 4.34 -19.39 15.07
N ALA B 77 4.05 -20.51 15.74
CA ALA B 77 4.50 -21.79 15.20
C ALA B 77 3.83 -22.13 13.88
N ASP B 78 2.58 -21.70 13.66
CA ASP B 78 1.92 -21.99 12.40
C ASP B 78 2.57 -21.26 11.23
N TYR B 79 2.74 -19.94 11.36
CA TYR B 79 3.37 -19.20 10.28
C TYR B 79 4.80 -19.68 10.05
N LEU B 80 5.54 -19.93 11.14
CA LEU B 80 6.88 -20.48 11.01
C LEU B 80 6.85 -21.84 10.33
N GLY B 81 5.85 -22.67 10.66
CA GLY B 81 5.77 -23.98 10.03
C GLY B 81 5.60 -23.89 8.52
N ASN B 82 4.82 -22.91 8.06
CA ASN B 82 4.65 -22.73 6.62
C ASN B 82 5.91 -22.17 5.97
N LEU B 83 6.57 -21.21 6.63
CA LEU B 83 7.86 -20.75 6.11
C LEU B 83 8.83 -21.91 5.98
N THR B 84 8.86 -22.78 6.99
CA THR B 84 9.77 -23.92 6.97
C THR B 84 9.42 -24.89 5.85
N LYS B 85 8.12 -25.14 5.63
CA LYS B 85 7.71 -25.97 4.50
C LYS B 85 8.26 -25.44 3.18
N ASP B 86 8.12 -24.14 2.95
CA ASP B 86 8.54 -23.60 1.66
C ASP B 86 10.06 -23.52 1.55
N VAL B 87 10.73 -23.15 2.65
CA VAL B 87 12.19 -23.22 2.69
C VAL B 87 12.67 -24.64 2.41
N ASN B 88 12.08 -25.62 3.10
CA ASN B 88 12.53 -27.00 2.90
C ASN B 88 12.25 -27.46 1.48
N TYR B 89 11.16 -26.99 0.87
CA TYR B 89 10.86 -27.44 -0.49
C TYR B 89 11.96 -27.01 -1.46
N VAL B 90 12.38 -25.75 -1.39
CA VAL B 90 13.36 -25.29 -2.37
C VAL B 90 14.76 -25.77 -1.99
N THR B 91 15.10 -25.78 -0.70
CA THR B 91 16.44 -26.21 -0.31
C THR B 91 16.61 -27.73 -0.43
N ASP B 92 15.53 -28.50 -0.22
CA ASP B 92 15.63 -29.94 -0.49
C ASP B 92 15.96 -30.20 -1.96
N LYS B 93 15.58 -29.29 -2.85
CA LYS B 93 15.85 -29.43 -4.26
C LYS B 93 17.10 -28.68 -4.69
N GLY B 94 17.88 -28.19 -3.73
CA GLY B 94 19.19 -27.65 -4.00
C GLY B 94 19.22 -26.18 -4.31
N ALA B 95 18.11 -25.46 -4.12
CA ALA B 95 18.06 -24.04 -4.41
C ALA B 95 18.14 -23.27 -3.10
N TYR B 96 18.71 -22.06 -3.17
CA TYR B 96 18.77 -21.17 -2.02
C TYR B 96 17.40 -20.61 -1.70
N ALA B 97 17.10 -20.47 -0.40
CA ALA B 97 15.90 -19.78 0.07
C ALA B 97 16.33 -18.58 0.89
N MET B 98 15.96 -17.39 0.45
CA MET B 98 16.31 -16.17 1.18
C MET B 98 15.07 -15.81 2.00
N ILE B 99 15.26 -15.63 3.30
CA ILE B 99 14.16 -15.33 4.22
C ILE B 99 14.10 -13.82 4.41
N THR B 100 13.00 -13.21 3.96
CA THR B 100 12.90 -11.75 3.81
C THR B 100 11.67 -11.22 4.54
N PRO B 101 11.86 -10.65 5.74
CA PRO B 101 10.75 -9.93 6.38
C PRO B 101 10.47 -8.64 5.64
N HIS B 102 9.29 -8.59 5.02
CA HIS B 102 8.95 -7.55 4.05
C HIS B 102 8.26 -6.40 4.78
N ASN B 103 9.05 -5.64 5.57
CA ASN B 103 8.45 -4.71 6.51
C ASN B 103 8.92 -3.26 6.41
N TYR B 104 9.82 -2.95 5.49
CA TYR B 104 10.24 -1.56 5.26
C TYR B 104 10.80 -0.91 6.52
N GLY B 105 11.40 -1.71 7.39
CA GLY B 105 11.99 -1.20 8.62
C GLY B 105 11.00 -0.76 9.66
N ARG B 106 9.75 -1.22 9.57
CA ARG B 106 8.68 -0.87 10.50
C ARG B 106 8.05 -2.12 11.10
N TYR B 107 7.64 -2.00 12.35
CA TYR B 107 7.03 -3.10 13.11
C TYR B 107 5.78 -2.54 13.79
N TYR B 108 4.63 -3.13 13.47
CA TYR B 108 3.32 -2.59 13.87
C TYR B 108 3.23 -1.11 13.53
N GLY B 109 3.78 -0.75 12.37
CA GLY B 109 3.69 0.61 11.86
C GLY B 109 4.68 1.60 12.44
N ASN B 110 5.50 1.20 13.40
CA ASN B 110 6.50 2.08 13.99
C ASN B 110 7.86 1.81 13.36
N ILE B 111 8.56 2.89 12.99
CA ILE B 111 9.95 2.73 12.57
C ILE B 111 10.71 1.97 13.64
N ILE B 112 11.42 0.92 13.23
CA ILE B 112 12.14 0.12 14.22
C ILE B 112 13.30 0.94 14.75
N ASN B 113 13.29 1.20 16.06
CA ASN B 113 14.25 2.10 16.68
C ASN B 113 15.06 1.45 17.80
N SER B 114 14.85 0.17 18.07
CA SER B 114 15.58 -0.54 19.13
C SER B 114 16.48 -1.58 18.49
N THR B 115 17.80 -1.33 18.52
CA THR B 115 18.71 -2.34 17.98
C THR B 115 18.70 -3.62 18.81
N SER B 116 18.45 -3.52 20.13
CA SER B 116 18.44 -4.77 20.90
C SER B 116 17.20 -5.59 20.55
N ASP B 117 16.04 -4.94 20.39
CA ASP B 117 14.84 -5.66 19.97
C ASP B 117 15.04 -6.33 18.61
N PHE B 118 15.65 -5.62 17.67
CA PHE B 118 15.82 -6.17 16.32
C PHE B 118 16.82 -7.32 16.33
N GLU B 119 17.89 -7.20 17.12
CA GLU B 119 18.81 -8.32 17.29
C GLU B 119 18.07 -9.53 17.83
N ALA B 120 17.18 -9.32 18.80
CA ALA B 120 16.45 -10.44 19.38
C ALA B 120 15.53 -11.08 18.34
N PHE B 121 14.79 -10.27 17.59
CA PHE B 121 13.97 -10.80 16.51
C PHE B 121 14.80 -11.69 15.59
N TRP B 122 15.99 -11.25 15.20
CA TRP B 122 16.76 -12.01 14.24
C TRP B 122 17.40 -13.26 14.87
N LYS B 123 17.80 -13.19 16.14
CA LYS B 123 18.27 -14.40 16.80
C LYS B 123 17.16 -15.46 16.86
N THR B 124 15.92 -15.02 17.12
CA THR B 124 14.79 -15.94 17.16
C THR B 124 14.57 -16.60 15.81
N VAL B 125 14.46 -15.79 14.77
CA VAL B 125 14.15 -16.33 13.45
C VAL B 125 15.29 -17.21 12.94
N ALA B 126 16.53 -16.71 13.00
CA ALA B 126 17.63 -17.48 12.44
C ALA B 126 17.79 -18.81 13.16
N GLY B 127 17.39 -18.88 14.43
CA GLY B 127 17.56 -20.10 15.19
C GLY B 127 16.81 -21.27 14.59
N ALA B 128 15.70 -21.00 13.90
CA ALA B 128 14.90 -22.06 13.30
C ALA B 128 15.49 -22.57 12.00
N PHE B 129 16.56 -21.94 11.50
CA PHE B 129 17.20 -22.33 10.25
C PHE B 129 18.71 -22.40 10.38
N LYS B 130 19.23 -22.52 11.60
CA LYS B 130 20.67 -22.36 11.81
C LYS B 130 21.47 -23.44 11.10
N ASP B 131 20.89 -24.62 10.88
CA ASP B 131 21.64 -25.73 10.33
C ASP B 131 21.38 -25.95 8.85
N ASN B 132 20.81 -24.96 8.18
CA ASN B 132 20.49 -25.09 6.76
C ASN B 132 21.31 -24.05 6.02
N ASP B 133 22.41 -24.50 5.39
CA ASP B 133 23.28 -23.56 4.72
C ASP B 133 22.75 -23.10 3.37
N LEU B 134 21.65 -23.67 2.89
CA LEU B 134 20.99 -23.15 1.70
C LEU B 134 20.02 -22.03 2.01
N VAL B 135 19.93 -21.60 3.27
CA VAL B 135 19.13 -20.43 3.65
C VAL B 135 20.02 -19.21 3.65
N MET B 136 19.46 -18.09 3.22
CA MET B 136 20.05 -16.77 3.31
C MET B 136 19.10 -15.95 4.16
N PHE B 137 19.63 -15.00 4.90
CA PHE B 137 18.80 -14.08 5.67
C PHE B 137 18.92 -12.68 5.08
N ASP B 138 17.81 -11.95 5.13
CA ASP B 138 17.68 -10.65 4.47
C ASP B 138 17.10 -9.73 5.53
N THR B 139 17.89 -8.74 6.00
CA THR B 139 17.57 -8.13 7.29
C THR B 139 16.19 -7.46 7.26
N ASN B 140 15.85 -6.77 6.18
CA ASN B 140 14.47 -6.29 6.11
C ASN B 140 14.33 -5.75 4.69
N ASN B 141 13.14 -5.87 4.11
CA ASN B 141 12.92 -5.38 2.75
C ASN B 141 12.72 -3.87 2.75
N GLN B 142 13.57 -3.15 2.00
CA GLN B 142 13.35 -1.75 1.59
C GLN B 142 13.06 -0.82 2.78
N TYR B 143 14.03 -0.72 3.67
CA TYR B 143 14.00 0.41 4.59
C TYR B 143 13.78 1.69 3.79
N TYR B 144 12.97 2.60 4.33
CA TYR B 144 12.83 3.90 3.69
C TYR B 144 12.39 4.93 4.73
N GLY B 145 12.65 6.19 4.40
CA GLY B 145 12.08 7.27 5.19
C GLY B 145 12.57 7.30 6.61
N MET B 146 13.82 6.91 6.84
CA MET B 146 14.32 6.85 8.20
C MET B 146 15.78 7.28 8.18
N ALA B 147 16.38 7.41 9.37
CA ALA B 147 17.76 7.85 9.46
C ALA B 147 18.68 6.81 8.84
N GLY B 148 19.59 7.26 7.96
CA GLY B 148 20.56 6.34 7.38
C GLY B 148 21.42 5.64 8.42
N GLN B 149 21.86 6.36 9.45
CA GLN B 149 22.68 5.69 10.45
C GLN B 149 21.90 4.61 11.18
N LEU B 150 20.60 4.85 11.40
CA LEU B 150 19.77 3.83 12.04
C LEU B 150 19.61 2.60 11.16
N VAL B 151 19.43 2.80 9.85
CA VAL B 151 19.31 1.66 8.95
C VAL B 151 20.57 0.82 9.01
N ALA B 152 21.75 1.46 9.01
CA ALA B 152 22.98 0.67 9.12
C ALA B 152 23.05 -0.02 10.49
N ASP B 153 22.68 0.69 11.56
CA ASP B 153 22.70 0.09 12.89
C ASP B 153 21.76 -1.10 12.98
N LEU B 154 20.63 -1.04 12.28
CA LEU B 154 19.71 -2.17 12.31
C LEU B 154 20.27 -3.36 11.52
N ASN B 155 20.91 -3.09 10.37
CA ASN B 155 21.58 -4.17 9.66
C ASN B 155 22.63 -4.83 10.55
N GLN B 156 23.40 -4.02 11.27
CA GLN B 156 24.40 -4.59 12.18
C GLN B 156 23.74 -5.44 13.25
N ALA B 157 22.65 -4.94 13.83
CA ALA B 157 21.93 -5.70 14.87
C ALA B 157 21.41 -7.02 14.32
N ALA B 158 20.92 -7.01 13.07
CA ALA B 158 20.46 -8.24 12.44
C ALA B 158 21.60 -9.24 12.26
N ILE B 159 22.74 -8.78 11.72
CA ILE B 159 23.91 -9.66 11.63
C ILE B 159 24.21 -10.28 12.98
N ASN B 160 24.25 -9.43 14.02
CA ASN B 160 24.64 -9.89 15.35
C ASN B 160 23.66 -10.91 15.89
N GLY B 161 22.37 -10.70 15.63
CA GLY B 161 21.37 -11.64 16.12
C GLY B 161 21.38 -12.94 15.35
N ILE B 162 21.57 -12.86 14.02
CA ILE B 162 21.68 -14.08 13.22
C ILE B 162 22.84 -14.94 13.72
N ARG B 163 24.01 -14.33 13.93
CA ARG B 163 25.16 -15.11 14.40
C ARG B 163 24.97 -15.59 15.85
N ALA B 164 24.27 -14.80 16.68
CA ALA B 164 23.96 -15.24 18.03
C ALA B 164 23.02 -16.45 18.05
N ALA B 165 22.27 -16.68 16.96
CA ALA B 165 21.46 -17.88 16.87
C ALA B 165 22.28 -19.12 16.60
N GLY B 166 23.56 -18.97 16.29
CA GLY B 166 24.31 -20.11 15.78
C GLY B 166 24.16 -20.32 14.30
N ALA B 167 23.48 -19.42 13.61
CA ALA B 167 23.38 -19.46 12.15
C ALA B 167 24.64 -18.78 11.61
N THR B 168 25.71 -19.57 11.49
CA THR B 168 27.04 -19.01 11.29
C THR B 168 27.57 -19.18 9.88
N SER B 169 26.88 -19.91 9.01
CA SER B 169 27.40 -20.18 7.68
C SER B 169 26.58 -19.52 6.58
N GLN B 170 25.41 -18.97 6.90
CA GLN B 170 24.51 -18.40 5.91
C GLN B 170 24.87 -16.97 5.56
N TYR B 171 24.65 -16.59 4.31
CA TYR B 171 24.84 -15.19 3.93
C TYR B 171 23.77 -14.32 4.58
N VAL B 172 24.19 -13.13 5.03
CA VAL B 172 23.27 -12.13 5.54
C VAL B 172 23.18 -11.04 4.49
N ASN B 173 21.98 -10.85 3.94
CA ASN B 173 21.74 -9.81 2.95
C ASN B 173 21.43 -8.52 3.70
N VAL B 174 22.25 -7.48 3.50
CA VAL B 174 22.03 -6.19 4.14
C VAL B 174 21.44 -5.24 3.12
N GLU B 175 20.36 -4.55 3.50
CA GLU B 175 19.66 -3.63 2.61
C GLU B 175 19.85 -2.20 3.08
N GLY B 176 20.02 -1.29 2.12
CA GLY B 176 20.10 0.11 2.44
C GLY B 176 18.74 0.77 2.67
N ASN B 177 18.84 2.04 3.06
CA ASN B 177 17.71 2.95 3.20
C ASN B 177 17.17 3.29 1.80
N SER B 178 16.10 4.09 1.76
CA SER B 178 15.56 4.60 0.50
C SER B 178 15.29 3.46 -0.50
N TYR B 179 14.63 2.41 -0.01
CA TYR B 179 14.24 1.27 -0.84
C TYR B 179 15.44 0.56 -1.45
N THR B 180 16.59 0.66 -0.77
CA THR B 180 17.86 0.06 -1.15
C THR B 180 18.09 0.11 -2.67
N GLY B 181 17.80 1.27 -3.26
CA GLY B 181 17.97 1.41 -4.70
C GLY B 181 19.45 1.47 -5.09
N ALA B 182 19.85 0.63 -6.05
CA ALA B 182 21.24 0.70 -6.51
C ALA B 182 21.55 2.09 -7.05
N TRP B 183 20.65 2.64 -7.87
CA TRP B 183 20.92 3.88 -8.60
C TRP B 183 21.06 5.09 -7.69
N THR B 184 20.56 4.99 -6.46
CA THR B 184 20.62 6.11 -5.53
C THR B 184 21.57 5.84 -4.37
N TRP B 185 22.42 4.82 -4.51
CA TRP B 185 23.33 4.46 -3.41
C TRP B 185 24.14 5.67 -2.93
N THR B 186 24.57 6.54 -3.85
CA THR B 186 25.36 7.71 -3.47
C THR B 186 24.57 9.02 -3.45
N THR B 187 23.27 9.00 -3.70
CA THR B 187 22.49 10.22 -3.84
C THR B 187 21.37 10.35 -2.82
N ALA B 188 20.56 9.32 -2.61
CA ALA B 188 19.41 9.43 -1.71
C ALA B 188 19.86 9.64 -0.26
N GLU B 189 19.17 10.54 0.43
CA GLU B 189 19.49 10.87 1.82
C GLU B 189 18.41 10.38 2.77
N GLY B 190 18.84 9.78 3.88
CA GLY B 190 17.92 9.46 4.96
C GLY B 190 17.49 10.74 5.67
N THR B 191 16.64 10.56 6.68
CA THR B 191 16.16 11.74 7.40
C THR B 191 17.26 12.43 8.18
N ASP B 192 18.41 11.78 8.35
CA ASP B 192 19.58 12.36 8.98
C ASP B 192 20.58 12.90 7.96
N GLY B 193 20.20 12.95 6.68
CA GLY B 193 21.04 13.50 5.64
C GLY B 193 22.08 12.56 5.07
N LEU B 194 22.17 11.33 5.57
CA LEU B 194 23.22 10.41 5.18
C LEU B 194 22.78 9.52 4.03
N THR B 195 23.74 9.16 3.18
CA THR B 195 23.49 8.25 2.07
C THR B 195 23.78 6.82 2.47
N ASN B 196 23.35 5.89 1.62
CA ASN B 196 23.73 4.49 1.83
C ASN B 196 25.24 4.32 1.67
N ALA B 197 25.83 5.02 0.69
CA ALA B 197 27.27 4.91 0.47
C ALA B 197 28.07 5.31 1.72
N GLN B 198 27.55 6.25 2.50
CA GLN B 198 28.27 6.66 3.71
C GLN B 198 28.03 5.74 4.90
N THR B 199 26.86 5.13 5.01
CA THR B 199 26.50 4.45 6.24
C THR B 199 26.71 2.95 6.22
N MET B 200 26.77 2.33 5.05
CA MET B 200 26.67 0.87 5.03
C MET B 200 27.98 0.14 4.81
N GLY B 201 29.09 0.86 4.66
CA GLY B 201 30.36 0.19 4.44
C GLY B 201 30.96 -0.48 5.66
N ASN B 202 30.74 0.06 6.85
CA ASN B 202 31.50 -0.42 8.01
C ASN B 202 30.83 -1.58 8.73
N LEU B 203 29.76 -2.14 8.17
CA LEU B 203 29.12 -3.30 8.79
C LEU B 203 30.11 -4.44 8.90
N THR B 204 30.10 -5.13 10.04
CA THR B 204 31.04 -6.21 10.30
C THR B 204 30.28 -7.50 10.59
N ASP B 205 30.91 -8.62 10.22
CA ASP B 205 30.32 -9.93 10.40
C ASP B 205 31.44 -10.87 10.84
N PRO B 206 31.33 -11.49 12.02
CA PRO B 206 32.39 -12.43 12.44
C PRO B 206 32.64 -13.54 11.44
N GLU B 207 31.64 -13.88 10.62
CA GLU B 207 31.77 -14.92 9.62
C GLU B 207 32.11 -14.39 8.23
N ASP B 208 32.13 -13.07 8.06
CA ASP B 208 32.51 -12.45 6.78
C ASP B 208 31.69 -13.00 5.62
N LYS B 209 30.36 -12.95 5.79
CA LYS B 209 29.44 -13.45 4.78
C LYS B 209 28.31 -12.45 4.56
N ILE B 210 28.68 -11.18 4.39
CA ILE B 210 27.72 -10.12 4.08
C ILE B 210 27.52 -10.02 2.58
N LEU B 211 26.27 -9.96 2.14
CA LEU B 211 25.92 -9.67 0.76
C LEU B 211 25.19 -8.34 0.73
N TYR B 212 25.75 -7.35 0.03
CA TYR B 212 25.00 -6.11 -0.13
C TYR B 212 23.84 -6.34 -1.09
N HIS B 213 22.65 -5.92 -0.68
CA HIS B 213 21.42 -6.34 -1.34
C HIS B 213 20.72 -5.07 -1.81
N MET B 214 20.79 -4.81 -3.11
CA MET B 214 20.19 -3.65 -3.74
C MET B 214 19.11 -4.06 -4.72
N HIS B 215 18.22 -3.10 -5.01
CA HIS B 215 17.11 -3.26 -5.94
C HIS B 215 17.24 -2.25 -7.07
N GLN B 216 16.73 -2.59 -8.26
CA GLN B 216 16.81 -1.64 -9.38
C GLN B 216 15.65 -1.83 -10.34
N TYR B 217 14.81 -0.80 -10.43
CA TYR B 217 13.77 -0.75 -11.45
C TYR B 217 14.17 0.24 -12.54
N LEU B 218 13.44 0.21 -13.65
CA LEU B 218 13.86 0.86 -14.89
C LEU B 218 12.93 1.95 -15.37
N ASP B 219 11.91 2.31 -14.60
CA ASP B 219 11.04 3.41 -14.97
C ASP B 219 11.60 4.73 -14.43
N SER B 220 10.94 5.84 -14.77
CA SER B 220 11.55 7.15 -14.58
C SER B 220 11.98 7.38 -13.13
N ASP B 221 11.17 6.98 -12.15
CA ASP B 221 11.49 7.23 -10.75
C ASP B 221 12.01 5.99 -10.03
N GLY B 222 12.29 4.91 -10.75
CA GLY B 222 12.86 3.72 -10.11
C GLY B 222 11.95 2.99 -9.16
N SER B 223 10.64 3.28 -9.20
CA SER B 223 9.68 2.63 -8.32
C SER B 223 9.16 1.31 -8.89
N GLY B 224 9.35 1.06 -10.17
CA GLY B 224 8.73 -0.11 -10.77
C GLY B 224 7.22 -0.08 -10.86
N THR B 225 6.60 1.10 -10.76
CA THR B 225 5.15 1.18 -10.82
C THR B 225 4.64 1.43 -12.23
N SER B 226 5.51 1.80 -13.16
CA SER B 226 5.15 2.03 -14.55
C SER B 226 5.77 0.95 -15.43
N SER B 227 5.05 0.58 -16.48
CA SER B 227 5.57 -0.40 -17.41
C SER B 227 6.58 0.18 -18.39
N THR B 228 6.78 1.50 -18.37
CA THR B 228 7.68 2.15 -19.32
C THR B 228 9.09 2.22 -18.75
N CYS B 229 10.04 1.60 -19.44
CA CYS B 229 11.45 1.72 -19.08
C CYS B 229 12.04 2.91 -19.81
N VAL B 230 12.94 3.64 -19.14
CA VAL B 230 13.33 4.97 -19.63
C VAL B 230 13.98 4.86 -21.00
N ASN B 231 15.00 4.02 -21.13
CA ASN B 231 15.58 3.72 -22.44
C ASN B 231 16.33 2.40 -22.34
N SER B 232 16.95 2.00 -23.45
CA SER B 232 17.52 0.67 -23.58
C SER B 232 18.76 0.44 -22.73
N THR B 233 19.38 1.49 -22.18
CA THR B 233 20.58 1.34 -21.39
C THR B 233 20.40 1.78 -19.95
N ILE B 234 19.17 2.03 -19.52
CA ILE B 234 18.95 2.71 -18.23
C ILE B 234 19.33 1.81 -17.06
N GLY B 235 19.27 0.49 -17.23
CA GLY B 235 19.61 -0.41 -16.13
C GLY B 235 21.11 -0.49 -15.88
N ALA B 236 21.88 -0.74 -16.94
CA ALA B 236 23.34 -0.74 -16.80
C ALA B 236 23.85 0.59 -16.26
N THR B 237 23.33 1.71 -16.79
CA THR B 237 23.87 2.98 -16.31
C THR B 237 23.50 3.21 -14.85
N ARG B 238 22.33 2.75 -14.42
CA ARG B 238 21.91 2.94 -13.03
C ARG B 238 22.69 2.10 -12.03
N LEU B 239 23.41 1.07 -12.47
CA LEU B 239 24.22 0.27 -11.56
C LEU B 239 25.67 0.78 -11.44
N MET B 240 26.04 1.83 -12.16
CA MET B 240 27.46 2.19 -12.24
C MET B 240 28.02 2.68 -10.90
N ASP B 241 27.33 3.61 -10.23
CA ASP B 241 27.84 4.12 -8.95
C ASP B 241 28.00 2.98 -7.94
N ALA B 242 26.97 2.16 -7.81
CA ALA B 242 27.03 1.07 -6.84
C ALA B 242 28.19 0.14 -7.13
N THR B 243 28.42 -0.14 -8.40
CA THR B 243 29.51 -1.04 -8.75
C THR B 243 30.86 -0.45 -8.36
N ALA B 244 31.06 0.85 -8.64
CA ALA B 244 32.31 1.48 -8.22
C ALA B 244 32.46 1.45 -6.70
N TRP B 245 31.37 1.70 -5.98
CA TRP B 245 31.41 1.67 -4.51
C TRP B 245 31.74 0.28 -3.99
N LEU B 246 31.09 -0.75 -4.54
CA LEU B 246 31.40 -2.12 -4.12
C LEU B 246 32.85 -2.45 -4.40
N LYS B 247 33.36 -2.02 -5.56
CA LYS B 247 34.72 -2.32 -5.95
C LYS B 247 35.70 -1.62 -5.02
N SER B 248 35.45 -0.33 -4.76
CA SER B 248 36.33 0.44 -3.89
C SER B 248 36.33 -0.07 -2.46
N ASN B 249 35.20 -0.56 -1.97
CA ASN B 249 35.08 -0.99 -0.58
C ASN B 249 35.27 -2.48 -0.40
N ASN B 250 35.64 -3.19 -1.46
CA ASN B 250 35.89 -4.63 -1.42
C ASN B 250 34.70 -5.38 -0.82
N LYS B 251 33.52 -5.11 -1.36
CA LYS B 251 32.28 -5.78 -0.96
C LYS B 251 31.71 -6.55 -2.14
N ILE B 252 30.73 -7.41 -1.85
CA ILE B 252 30.00 -8.13 -2.89
C ILE B 252 28.50 -7.92 -2.69
N ALA B 253 27.75 -7.98 -3.79
CA ALA B 253 26.35 -7.56 -3.80
C ALA B 253 25.50 -8.56 -4.56
N ILE B 254 24.19 -8.45 -4.35
CA ILE B 254 23.19 -9.20 -5.11
C ILE B 254 22.08 -8.22 -5.47
N LEU B 255 21.54 -8.34 -6.67
CA LEU B 255 20.45 -7.47 -7.14
C LEU B 255 19.16 -8.19 -6.79
N GLY B 256 18.60 -7.85 -5.62
CA GLY B 256 17.56 -8.67 -5.04
C GLY B 256 16.15 -8.44 -5.57
N GLN B 257 15.91 -7.29 -6.21
CA GLN B 257 14.70 -7.08 -7.01
C GLN B 257 15.09 -6.31 -8.26
N TYR B 258 14.51 -6.71 -9.39
CA TYR B 258 14.58 -5.96 -10.64
C TYR B 258 13.47 -6.51 -11.53
N ALA B 259 13.08 -5.74 -12.53
CA ALA B 259 12.07 -6.20 -13.46
C ALA B 259 11.98 -5.23 -14.62
N GLY B 260 11.43 -5.74 -15.73
CA GLY B 260 10.89 -4.89 -16.78
C GLY B 260 9.59 -5.50 -17.27
N ALA B 261 8.80 -4.68 -17.95
CA ALA B 261 7.52 -5.16 -18.45
C ALA B 261 7.68 -5.71 -19.86
N VAL B 262 6.60 -6.30 -20.39
CA VAL B 262 6.66 -6.89 -21.73
C VAL B 262 6.57 -5.78 -22.78
N ASN B 263 7.72 -5.26 -23.17
CA ASN B 263 7.85 -4.33 -24.29
C ASN B 263 9.33 -4.31 -24.68
N SER B 264 9.63 -3.74 -25.85
CA SER B 264 10.96 -3.91 -26.41
C SER B 264 12.01 -3.10 -25.65
N VAL B 265 11.65 -1.92 -25.18
CA VAL B 265 12.66 -1.11 -24.48
C VAL B 265 13.03 -1.77 -23.15
N CYS B 266 12.03 -2.25 -22.40
CA CYS B 266 12.33 -2.91 -21.12
C CYS B 266 13.14 -4.17 -21.33
N GLU B 267 12.77 -4.96 -22.34
CA GLU B 267 13.51 -6.20 -22.57
C GLU B 267 14.97 -5.91 -22.87
N GLU B 268 15.25 -4.90 -23.71
CA GLU B 268 16.63 -4.56 -24.01
C GLU B 268 17.35 -4.02 -22.78
N ALA B 269 16.65 -3.22 -21.97
CA ALA B 269 17.28 -2.66 -20.78
C ALA B 269 17.57 -3.75 -19.76
N VAL B 270 16.64 -4.70 -19.59
CA VAL B 270 16.88 -5.82 -18.69
C VAL B 270 18.10 -6.61 -19.14
N GLU B 271 18.13 -7.00 -20.41
CA GLU B 271 19.28 -7.75 -20.91
C GLU B 271 20.57 -6.98 -20.71
N GLY B 272 20.55 -5.68 -20.99
CA GLY B 272 21.75 -4.87 -20.82
C GLY B 272 22.19 -4.78 -19.38
N MET B 273 21.24 -4.73 -18.44
CA MET B 273 21.61 -4.69 -17.03
C MET B 273 22.21 -6.02 -16.57
N LEU B 274 21.60 -7.14 -16.98
CA LEU B 274 22.16 -8.43 -16.60
C LEU B 274 23.51 -8.67 -17.27
N ASP B 275 23.69 -8.19 -18.50
CA ASP B 275 25.01 -8.23 -19.13
C ASP B 275 26.04 -7.48 -18.30
N TYR B 276 25.68 -6.29 -17.84
CA TYR B 276 26.59 -5.48 -17.04
C TYR B 276 26.95 -6.17 -15.72
N ILE B 277 25.97 -6.77 -15.05
CA ILE B 277 26.25 -7.48 -13.81
C ILE B 277 27.17 -8.66 -14.08
N ASP B 278 26.98 -9.32 -15.22
CA ASP B 278 27.86 -10.44 -15.60
C ASP B 278 29.28 -9.94 -15.85
N GLU B 279 29.42 -8.82 -16.54
CA GLU B 279 30.73 -8.20 -16.78
C GLU B 279 31.42 -7.87 -15.47
N ASN B 280 30.65 -7.51 -14.46
CA ASN B 280 31.17 -7.09 -13.16
C ASN B 280 30.83 -8.11 -12.10
N SER B 281 30.98 -9.38 -12.46
CA SER B 281 30.66 -10.46 -11.54
C SER B 281 31.67 -10.60 -10.42
N ASP B 282 32.77 -9.82 -10.42
CA ASP B 282 33.62 -9.81 -9.24
C ASP B 282 32.88 -9.25 -8.03
N VAL B 283 31.93 -8.33 -8.25
CA VAL B 283 31.21 -7.71 -7.15
C VAL B 283 29.72 -8.00 -7.16
N TRP B 284 29.13 -8.40 -8.30
CA TRP B 284 27.72 -8.80 -8.36
C TRP B 284 27.63 -10.32 -8.43
N THR B 285 26.97 -10.91 -7.43
CA THR B 285 26.86 -12.35 -7.32
C THR B 285 25.62 -12.93 -7.98
N GLY B 286 24.69 -12.10 -8.45
CA GLY B 286 23.49 -12.62 -9.06
C GLY B 286 22.36 -11.62 -8.99
N ALA B 287 21.18 -12.09 -9.38
CA ALA B 287 20.03 -11.19 -9.52
C ALA B 287 18.76 -12.00 -9.35
N ILE B 288 17.75 -11.36 -8.76
CA ILE B 288 16.49 -12.02 -8.41
C ILE B 288 15.34 -11.18 -8.94
N TRP B 289 14.55 -11.78 -9.83
CA TRP B 289 13.44 -11.09 -10.49
C TRP B 289 12.28 -10.81 -9.53
N TRP B 290 11.71 -9.61 -9.62
CA TRP B 290 10.45 -9.27 -8.94
C TRP B 290 9.32 -9.30 -9.97
N ALA B 291 8.38 -10.23 -9.87
CA ALA B 291 8.32 -11.27 -8.83
C ALA B 291 7.56 -12.47 -9.36
N ALA B 292 7.70 -13.60 -8.69
CA ALA B 292 6.77 -14.71 -8.84
C ALA B 292 5.86 -14.75 -7.61
N GLY B 293 5.03 -15.77 -7.52
CA GLY B 293 4.02 -15.85 -6.48
C GLY B 293 2.68 -16.15 -7.11
N PRO B 294 1.75 -16.72 -6.35
CA PRO B 294 0.54 -17.30 -6.95
C PRO B 294 -0.67 -16.38 -7.03
N TRP B 295 -0.56 -15.14 -6.52
CA TRP B 295 -1.69 -14.23 -6.42
C TRP B 295 -1.53 -12.96 -7.25
N TRP B 296 -0.66 -12.98 -8.26
CA TRP B 296 -0.38 -11.76 -9.02
C TRP B 296 -1.35 -11.51 -10.17
N GLY B 297 -2.07 -12.52 -10.63
CA GLY B 297 -2.89 -12.36 -11.82
C GLY B 297 -2.09 -11.78 -12.98
N ASP B 298 -2.61 -10.72 -13.61
CA ASP B 298 -1.94 -10.14 -14.78
C ASP B 298 -1.03 -8.96 -14.42
N TYR B 299 -0.47 -8.95 -13.21
CA TYR B 299 0.62 -8.03 -12.85
C TYR B 299 1.70 -7.99 -13.92
N MET B 300 2.10 -6.77 -14.33
CA MET B 300 3.00 -6.68 -15.48
C MET B 300 4.30 -7.45 -15.25
N PHE B 301 4.74 -7.56 -14.00
CA PHE B 301 6.03 -8.15 -13.71
C PHE B 301 5.93 -9.61 -13.30
N SER B 302 4.74 -10.20 -13.30
CA SER B 302 4.64 -11.55 -12.76
C SER B 302 5.23 -12.56 -13.72
N VAL B 303 6.20 -13.35 -13.24
CA VAL B 303 6.73 -14.49 -14.00
C VAL B 303 6.19 -15.82 -13.48
N GLU B 304 5.16 -15.81 -12.65
CA GLU B 304 4.57 -17.07 -12.22
C GLU B 304 4.21 -17.89 -13.45
N PRO B 305 4.56 -19.19 -13.50
CA PRO B 305 4.45 -19.92 -14.78
C PRO B 305 3.05 -20.00 -15.35
N ASP B 306 2.03 -20.27 -14.53
CA ASP B 306 0.73 -20.58 -15.12
C ASP B 306 0.11 -19.35 -15.78
N ASN B 307 0.22 -18.17 -15.15
CA ASN B 307 -0.53 -17.00 -15.61
C ASN B 307 0.23 -15.69 -15.54
N GLY B 308 1.55 -15.71 -15.31
CA GLY B 308 2.31 -14.48 -15.26
C GLY B 308 2.55 -13.89 -16.63
N PRO B 309 2.14 -12.63 -16.83
CA PRO B 309 2.31 -12.02 -18.17
C PRO B 309 3.73 -11.91 -18.63
N ALA B 310 4.69 -11.89 -17.71
CA ALA B 310 6.09 -11.70 -18.06
C ALA B 310 6.85 -13.02 -18.17
N TYR B 311 6.20 -14.15 -17.90
CA TYR B 311 6.90 -15.43 -17.85
C TYR B 311 7.58 -15.79 -19.16
N SER B 312 6.81 -15.78 -20.26
CA SER B 312 7.37 -16.29 -21.51
C SER B 312 8.50 -15.40 -22.03
N THR B 313 8.48 -14.12 -21.70
CA THR B 313 9.51 -13.20 -22.16
C THR B 313 10.76 -13.28 -21.29
N TYR B 314 10.58 -13.33 -19.97
CA TYR B 314 11.71 -13.11 -19.09
C TYR B 314 12.22 -14.37 -18.40
N ASP B 315 11.43 -15.42 -18.29
CA ASP B 315 11.97 -16.69 -17.80
C ASP B 315 13.21 -17.12 -18.58
N PRO B 316 13.19 -17.12 -19.92
CA PRO B 316 14.41 -17.44 -20.68
C PRO B 316 15.57 -16.49 -20.38
N ILE B 317 15.29 -15.21 -20.15
CA ILE B 317 16.35 -14.25 -19.89
C ILE B 317 17.00 -14.50 -18.54
N ILE B 318 16.20 -14.82 -17.52
CA ILE B 318 16.77 -15.16 -16.21
C ILE B 318 17.69 -16.36 -16.35
N LEU B 319 17.25 -17.39 -17.07
CA LEU B 319 18.05 -18.62 -17.18
C LEU B 319 19.34 -18.38 -17.95
N GLU B 320 19.33 -17.44 -18.91
CA GLU B 320 20.52 -17.19 -19.71
C GLU B 320 21.65 -16.63 -18.85
N TYR B 321 21.32 -15.79 -17.88
CA TYR B 321 22.33 -15.23 -16.99
C TYR B 321 22.53 -16.08 -15.75
N SER B 322 21.90 -17.25 -15.68
CA SER B 322 22.18 -18.17 -14.60
C SER B 322 23.47 -18.93 -14.90
N ARG C 14 37.95 -30.25 11.37
CA ARG C 14 38.19 -31.64 11.01
C ARG C 14 37.15 -32.11 10.02
N PHE C 15 37.20 -33.40 9.66
CA PHE C 15 36.27 -33.97 8.70
C PHE C 15 35.65 -35.23 9.29
N ALA C 16 34.31 -35.31 9.24
CA ALA C 16 33.61 -36.50 9.68
C ALA C 16 32.46 -36.73 8.72
N GLY C 17 32.41 -37.90 8.09
CA GLY C 17 31.35 -38.10 7.14
C GLY C 17 31.28 -39.49 6.57
N VAL C 18 30.71 -39.61 5.37
CA VAL C 18 30.41 -40.91 4.79
C VAL C 18 30.76 -40.90 3.31
N ASN C 19 31.09 -42.09 2.81
CA ASN C 19 31.13 -42.30 1.37
C ASN C 19 29.72 -42.42 0.80
N GLU C 20 29.56 -41.96 -0.44
CA GLU C 20 28.36 -42.20 -1.23
C GLU C 20 28.77 -43.08 -2.40
N SER C 21 28.21 -44.28 -2.46
CA SER C 21 28.59 -45.27 -3.46
C SER C 21 27.35 -45.71 -4.20
N GLY C 22 27.44 -45.77 -5.53
CA GLY C 22 26.29 -46.12 -6.34
C GLY C 22 26.43 -45.69 -7.79
N ALA C 23 27.07 -44.53 -8.03
CA ALA C 23 27.22 -44.05 -9.39
C ALA C 23 28.29 -44.82 -10.17
N GLU C 24 29.08 -45.63 -9.46
CA GLU C 24 30.10 -46.46 -10.06
C GLU C 24 29.68 -47.92 -10.13
N PHE C 25 28.45 -48.23 -9.72
CA PHE C 25 27.96 -49.60 -9.72
C PHE C 25 27.88 -50.14 -11.14
N GLY C 26 27.78 -51.47 -11.23
CA GLY C 26 27.64 -52.11 -12.52
C GLY C 26 28.78 -51.77 -13.46
N SER C 27 30.01 -51.81 -12.95
CA SER C 27 31.16 -51.31 -13.72
C SER C 27 31.55 -52.23 -14.85
N ASP C 28 30.95 -53.43 -14.92
CA ASP C 28 31.08 -54.29 -16.08
C ASP C 28 30.32 -53.75 -17.28
N ASN C 29 29.42 -52.79 -17.07
CA ASN C 29 28.58 -52.23 -18.13
C ASN C 29 28.90 -50.75 -18.28
N ILE C 30 29.69 -50.42 -19.29
CA ILE C 30 30.10 -49.05 -19.57
C ILE C 30 29.69 -48.76 -21.01
N PRO C 31 28.91 -47.70 -21.27
CA PRO C 31 28.44 -46.67 -20.34
C PRO C 31 27.51 -47.20 -19.25
N GLY C 32 26.77 -48.25 -19.55
CA GLY C 32 25.73 -48.70 -18.66
C GLY C 32 24.53 -47.76 -18.70
N VAL C 33 23.51 -48.12 -17.94
CA VAL C 33 22.22 -47.43 -18.02
C VAL C 33 21.86 -46.89 -16.64
N TYR C 34 21.63 -45.58 -16.58
CA TYR C 34 21.20 -44.95 -15.35
C TYR C 34 19.87 -45.55 -14.90
N GLY C 35 19.77 -45.88 -13.62
CA GLY C 35 18.59 -46.51 -13.08
C GLY C 35 18.58 -48.02 -13.16
N THR C 36 19.51 -48.61 -13.91
CA THR C 36 19.67 -50.05 -13.98
C THR C 36 21.04 -50.47 -13.48
N ASP C 37 22.11 -49.94 -14.10
CA ASP C 37 23.46 -50.29 -13.69
C ASP C 37 23.98 -49.40 -12.56
N TYR C 38 23.50 -48.17 -12.45
CA TYR C 38 24.05 -47.26 -11.45
C TYR C 38 22.99 -46.24 -11.10
N THR C 39 23.28 -45.46 -10.05
CA THR C 39 22.34 -44.47 -9.54
C THR C 39 23.14 -43.30 -8.99
N TRP C 40 22.46 -42.15 -8.80
CA TRP C 40 23.06 -41.04 -8.08
C TRP C 40 22.48 -41.03 -6.65
N TYR C 41 22.81 -40.00 -5.88
CA TYR C 41 22.72 -40.12 -4.43
C TYR C 41 21.49 -39.45 -3.87
N ASN C 42 21.07 -39.93 -2.70
CA ASN C 42 19.81 -39.52 -2.09
C ASN C 42 20.06 -38.26 -1.28
N THR C 43 19.68 -37.10 -1.84
CA THR C 43 19.99 -35.83 -1.18
C THR C 43 19.15 -35.62 0.08
N THR C 44 17.99 -36.27 0.18
CA THR C 44 17.25 -36.23 1.44
C THR C 44 18.09 -36.82 2.56
N ALA C 45 18.67 -37.99 2.31
CA ALA C 45 19.54 -38.64 3.30
C ALA C 45 20.79 -37.81 3.58
N MET C 46 21.48 -37.33 2.53
CA MET C 46 22.64 -36.47 2.75
C MET C 46 22.25 -35.25 3.58
N GLY C 47 21.10 -34.65 3.30
CA GLY C 47 20.66 -33.50 4.07
C GLY C 47 20.45 -33.82 5.53
N GLU C 48 19.93 -35.02 5.81
CA GLU C 48 19.81 -35.50 7.19
C GLU C 48 21.19 -35.58 7.84
N PHE C 49 22.14 -36.25 7.17
CA PHE C 49 23.49 -36.36 7.71
C PHE C 49 24.10 -34.99 7.99
N ILE C 50 23.94 -34.05 7.04
CA ILE C 50 24.52 -32.72 7.20
C ILE C 50 23.87 -31.98 8.36
N SER C 51 22.57 -32.13 8.52
CA SER C 51 21.90 -31.46 9.64
C SER C 51 22.35 -32.06 10.97
N GLN C 52 22.68 -33.35 11.00
CA GLN C 52 23.20 -33.96 12.21
C GLN C 52 24.62 -33.50 12.51
N GLY C 53 25.34 -33.01 11.51
CA GLY C 53 26.66 -32.46 11.74
C GLY C 53 27.78 -33.01 10.89
N MET C 54 27.55 -34.04 10.07
CA MET C 54 28.65 -34.45 9.21
C MET C 54 28.92 -33.43 8.11
N ASN C 55 30.19 -33.38 7.71
CA ASN C 55 30.66 -32.28 6.87
C ASN C 55 31.53 -32.76 5.72
N ILE C 56 31.46 -34.03 5.35
CA ILE C 56 32.18 -34.47 4.15
C ILE C 56 31.49 -35.68 3.56
N PHE C 57 31.33 -35.67 2.24
CA PHE C 57 30.71 -36.76 1.52
C PHE C 57 31.61 -37.11 0.35
N ARG C 58 32.06 -38.36 0.32
CA ARG C 58 32.97 -38.83 -0.72
C ARG C 58 32.10 -39.45 -1.81
N LEU C 59 31.95 -38.72 -2.93
CA LEU C 59 31.04 -39.11 -4.00
C LEU C 59 31.81 -39.96 -5.00
N ASN C 60 31.49 -41.25 -5.03
CA ASN C 60 32.17 -42.17 -5.94
C ASN C 60 31.51 -42.17 -7.31
N LEU C 61 32.33 -42.34 -8.34
CA LEU C 61 31.86 -42.32 -9.72
C LEU C 61 32.81 -43.15 -10.57
N LEU C 62 32.43 -43.36 -11.83
CA LEU C 62 33.26 -44.10 -12.78
C LEU C 62 33.89 -43.15 -13.79
N MET C 63 35.21 -43.27 -13.94
CA MET C 63 35.97 -42.40 -14.82
C MET C 63 35.35 -42.41 -16.23
N GLU C 64 35.02 -43.61 -16.71
CA GLU C 64 34.61 -43.81 -18.09
C GLU C 64 33.21 -43.26 -18.36
N ARG C 65 32.37 -43.15 -17.34
CA ARG C 65 31.05 -42.57 -17.53
C ARG C 65 31.10 -41.05 -17.53
N LEU C 66 32.12 -40.46 -16.92
CA LEU C 66 32.29 -39.02 -16.91
C LEU C 66 33.09 -38.54 -18.12
N VAL C 67 34.15 -39.27 -18.49
CA VAL C 67 34.97 -38.93 -19.66
C VAL C 67 35.09 -40.19 -20.50
N PRO C 68 34.17 -40.43 -21.44
CA PRO C 68 34.17 -41.68 -22.18
C PRO C 68 35.28 -41.76 -23.23
N ASN C 69 35.62 -43.01 -23.58
CA ASN C 69 36.42 -43.37 -24.76
C ASN C 69 37.90 -43.11 -24.58
N THR C 70 38.27 -41.87 -24.25
CA THR C 70 39.67 -41.55 -24.06
C THR C 70 39.78 -40.49 -22.98
N MET C 71 40.85 -40.55 -22.19
CA MET C 71 40.99 -39.68 -21.03
C MET C 71 41.14 -38.21 -21.43
N THR C 72 41.54 -37.94 -22.67
CA THR C 72 41.61 -36.59 -23.21
C THR C 72 40.29 -36.09 -23.77
N GLY C 73 39.23 -36.89 -23.72
CA GLY C 73 37.99 -36.57 -24.38
C GLY C 73 37.13 -35.58 -23.60
N PRO C 74 36.01 -35.23 -24.20
CA PRO C 74 35.03 -34.37 -23.51
C PRO C 74 34.26 -35.15 -22.45
N MET C 75 33.50 -34.44 -21.63
CA MET C 75 32.75 -35.15 -20.60
C MET C 75 31.37 -35.53 -21.14
N ASN C 76 30.78 -36.55 -20.54
CA ASN C 76 29.39 -36.88 -20.84
C ASN C 76 28.50 -35.90 -20.08
N ALA C 77 27.70 -35.14 -20.83
CA ALA C 77 26.95 -34.05 -20.22
C ALA C 77 25.98 -34.54 -19.16
N ASP C 78 25.32 -35.68 -19.41
CA ASP C 78 24.31 -36.18 -18.48
C ASP C 78 24.96 -36.66 -17.18
N TYR C 79 26.02 -37.46 -17.29
CA TYR C 79 26.70 -37.93 -16.09
C TYR C 79 27.33 -36.77 -15.34
N LEU C 80 27.98 -35.84 -16.05
CA LEU C 80 28.50 -34.64 -15.42
C LEU C 80 27.41 -33.81 -14.75
N GLY C 81 26.26 -33.67 -15.41
CA GLY C 81 25.19 -32.88 -14.83
C GLY C 81 24.69 -33.47 -13.52
N ASN C 82 24.64 -34.79 -13.43
CA ASN C 82 24.22 -35.46 -12.21
C ASN C 82 25.25 -35.31 -11.10
N LEU C 83 26.53 -35.53 -11.45
CA LEU C 83 27.60 -35.27 -10.49
C LEU C 83 27.53 -33.85 -9.96
N THR C 84 27.31 -32.89 -10.87
CA THR C 84 27.29 -31.49 -10.49
C THR C 84 26.13 -31.20 -9.54
N LYS C 85 24.98 -31.81 -9.80
CA LYS C 85 23.83 -31.57 -8.93
C LYS C 85 24.09 -32.12 -7.53
N ASP C 86 24.65 -33.33 -7.42
CA ASP C 86 24.94 -33.87 -6.10
C ASP C 86 26.04 -33.09 -5.41
N VAL C 87 27.10 -32.72 -6.16
CA VAL C 87 28.17 -31.91 -5.58
C VAL C 87 27.60 -30.59 -5.05
N ASN C 88 26.78 -29.94 -5.87
CA ASN C 88 26.24 -28.64 -5.47
C ASN C 88 25.32 -28.77 -4.27
N TYR C 89 24.50 -29.83 -4.21
CA TYR C 89 23.68 -30.04 -3.01
C TYR C 89 24.56 -30.12 -1.77
N VAL C 90 25.61 -30.93 -1.83
CA VAL C 90 26.46 -31.14 -0.66
C VAL C 90 27.16 -29.84 -0.26
N THR C 91 27.78 -29.15 -1.23
CA THR C 91 28.57 -27.99 -0.89
C THR C 91 27.70 -26.77 -0.59
N ASP C 92 26.56 -26.63 -1.27
CA ASP C 92 25.66 -25.53 -0.93
C ASP C 92 25.07 -25.72 0.46
N LYS C 93 24.91 -26.97 0.91
CA LYS C 93 24.53 -27.20 2.30
C LYS C 93 25.72 -27.13 3.26
N GLY C 94 26.88 -26.72 2.78
CA GLY C 94 28.01 -26.39 3.64
C GLY C 94 28.99 -27.50 3.93
N ALA C 95 28.84 -28.67 3.32
CA ALA C 95 29.75 -29.77 3.55
C ALA C 95 30.73 -29.90 2.39
N TYR C 96 31.87 -30.53 2.67
CA TYR C 96 32.82 -30.83 1.60
C TYR C 96 32.30 -31.97 0.74
N ALA C 97 32.48 -31.84 -0.58
CA ALA C 97 32.16 -32.89 -1.54
C ALA C 97 33.47 -33.35 -2.16
N MET C 98 33.87 -34.57 -1.86
CA MET C 98 35.06 -35.18 -2.47
C MET C 98 34.64 -35.92 -3.74
N ILE C 99 35.25 -35.54 -4.86
CA ILE C 99 34.94 -36.15 -6.17
C ILE C 99 35.94 -37.29 -6.34
N THR C 100 35.45 -38.52 -6.37
CA THR C 100 36.32 -39.70 -6.33
C THR C 100 36.05 -40.62 -7.51
N PRO C 101 36.93 -40.67 -8.50
CA PRO C 101 36.81 -41.72 -9.53
C PRO C 101 37.20 -43.06 -8.94
N HIS C 102 36.20 -43.94 -8.80
CA HIS C 102 36.38 -45.24 -8.15
C HIS C 102 36.88 -46.25 -9.18
N ASN C 103 38.17 -46.10 -9.53
CA ASN C 103 38.72 -46.77 -10.70
C ASN C 103 39.99 -47.56 -10.46
N TYR C 104 40.58 -47.54 -9.27
CA TYR C 104 41.71 -48.39 -8.94
C TYR C 104 42.90 -48.16 -9.87
N GLY C 105 43.04 -46.94 -10.37
CA GLY C 105 44.12 -46.62 -11.28
C GLY C 105 43.98 -47.24 -12.65
N ARG C 106 42.76 -47.62 -13.06
CA ARG C 106 42.50 -48.32 -14.31
C ARG C 106 41.43 -47.59 -15.10
N TYR C 107 41.56 -47.65 -16.43
CA TYR C 107 40.65 -46.99 -17.36
C TYR C 107 40.22 -48.04 -18.37
N TYR C 108 38.91 -48.28 -18.47
CA TYR C 108 38.37 -49.43 -19.20
C TYR C 108 39.07 -50.72 -18.75
N GLY C 109 39.32 -50.82 -17.45
CA GLY C 109 39.89 -51.99 -16.83
C GLY C 109 41.40 -52.10 -16.91
N ASN C 110 42.07 -51.18 -17.57
CA ASN C 110 43.50 -51.30 -17.84
C ASN C 110 44.29 -50.25 -17.06
N ILE C 111 45.33 -50.71 -16.37
CA ILE C 111 46.17 -49.86 -15.56
C ILE C 111 46.63 -48.66 -16.39
N ILE C 112 46.45 -47.47 -15.84
CA ILE C 112 46.76 -46.22 -16.51
C ILE C 112 48.28 -46.05 -16.50
N ASN C 113 48.88 -46.00 -17.68
CA ASN C 113 50.31 -45.68 -17.71
C ASN C 113 50.61 -44.46 -18.56
N SER C 114 49.61 -43.69 -18.97
CA SER C 114 49.82 -42.42 -19.64
C SER C 114 49.58 -41.31 -18.61
N THR C 115 50.67 -40.78 -18.04
CA THR C 115 50.51 -39.63 -17.16
C THR C 115 49.98 -38.43 -17.93
N SER C 116 50.28 -38.33 -19.23
CA SER C 116 49.75 -37.22 -20.02
C SER C 116 48.23 -37.30 -20.09
N ASP C 117 47.70 -38.49 -20.39
CA ASP C 117 46.25 -38.66 -20.46
C ASP C 117 45.60 -38.41 -19.09
N PHE C 118 46.19 -38.94 -18.02
CA PHE C 118 45.63 -38.77 -16.70
C PHE C 118 45.59 -37.30 -16.29
N GLU C 119 46.66 -36.56 -16.60
CA GLU C 119 46.67 -35.13 -16.33
C GLU C 119 45.56 -34.41 -17.08
N ALA C 120 45.35 -34.78 -18.35
CA ALA C 120 44.29 -34.15 -19.14
C ALA C 120 42.92 -34.46 -18.57
N PHE C 121 42.69 -35.72 -18.19
CA PHE C 121 41.45 -36.08 -17.53
C PHE C 121 41.21 -35.18 -16.32
N TRP C 122 42.25 -34.99 -15.49
CA TRP C 122 42.05 -34.23 -14.26
C TRP C 122 41.89 -32.74 -14.55
N LYS C 123 42.59 -32.21 -15.56
CA LYS C 123 42.33 -30.83 -15.96
C LYS C 123 40.88 -30.65 -16.38
N THR C 124 40.34 -31.64 -17.09
CA THR C 124 38.98 -31.53 -17.59
C THR C 124 37.97 -31.56 -16.45
N VAL C 125 38.13 -32.52 -15.54
CA VAL C 125 37.19 -32.64 -14.42
C VAL C 125 37.32 -31.44 -13.49
N ALA C 126 38.56 -31.07 -13.13
CA ALA C 126 38.74 -29.94 -12.22
C ALA C 126 38.18 -28.64 -12.78
N GLY C 127 38.28 -28.45 -14.09
CA GLY C 127 37.78 -27.22 -14.68
C GLY C 127 36.31 -26.99 -14.39
N ALA C 128 35.52 -28.08 -14.34
CA ALA C 128 34.09 -28.01 -14.13
C ALA C 128 33.71 -27.67 -12.70
N PHE C 129 34.69 -27.65 -11.78
CA PHE C 129 34.45 -27.39 -10.37
C PHE C 129 35.44 -26.38 -9.81
N LYS C 130 36.13 -25.65 -10.68
CA LYS C 130 37.31 -24.90 -10.25
C LYS C 130 37.00 -23.80 -9.25
N ASP C 131 35.78 -23.28 -9.23
CA ASP C 131 35.44 -22.18 -8.33
C ASP C 131 34.73 -22.64 -7.07
N ASN C 132 34.58 -23.94 -6.86
CA ASN C 132 33.87 -24.47 -5.68
C ASN C 132 34.90 -24.80 -4.61
N ASP C 133 35.04 -23.93 -3.61
CA ASP C 133 36.07 -24.15 -2.61
C ASP C 133 35.67 -25.18 -1.56
N LEU C 134 34.49 -25.81 -1.68
CA LEU C 134 34.14 -26.93 -0.82
C LEU C 134 34.27 -28.27 -1.53
N VAL C 135 34.74 -28.27 -2.78
CA VAL C 135 35.07 -29.53 -3.45
C VAL C 135 36.46 -30.00 -3.04
N MET C 136 36.65 -31.31 -2.91
CA MET C 136 37.95 -31.93 -2.77
C MET C 136 38.11 -32.82 -3.99
N PHE C 137 39.32 -32.92 -4.54
CA PHE C 137 39.57 -33.86 -5.63
C PHE C 137 40.38 -35.03 -5.10
N ASP C 138 40.03 -36.24 -5.54
CA ASP C 138 40.61 -37.50 -5.05
C ASP C 138 41.13 -38.24 -6.28
N THR C 139 42.46 -38.32 -6.42
CA THR C 139 43.04 -38.60 -7.75
C THR C 139 42.53 -39.91 -8.34
N ASN C 140 42.42 -40.96 -7.52
CA ASN C 140 41.80 -42.26 -7.78
C ASN C 140 41.62 -43.05 -6.51
N ASN C 141 40.55 -43.83 -6.49
CA ASN C 141 40.29 -44.76 -5.40
C ASN C 141 41.16 -46.01 -5.52
N GLN C 142 42.01 -46.25 -4.52
CA GLN C 142 42.63 -47.56 -4.27
C GLN C 142 43.42 -48.09 -5.47
N TYR C 143 44.42 -47.32 -5.91
CA TYR C 143 45.45 -47.87 -6.78
C TYR C 143 45.93 -49.19 -6.18
N TYR C 144 46.16 -50.19 -7.05
CA TYR C 144 46.73 -51.45 -6.60
C TYR C 144 47.36 -52.16 -7.79
N GLY C 145 48.30 -53.04 -7.48
CA GLY C 145 48.90 -53.88 -8.50
C GLY C 145 49.69 -53.10 -9.52
N MET C 146 50.23 -51.95 -9.15
CA MET C 146 51.10 -51.23 -10.06
C MET C 146 52.45 -50.98 -9.42
N ALA C 147 53.30 -50.27 -10.15
CA ALA C 147 54.57 -49.83 -9.61
C ALA C 147 54.36 -48.67 -8.66
N GLY C 148 55.08 -48.69 -7.54
CA GLY C 148 54.97 -47.59 -6.59
C GLY C 148 55.31 -46.24 -7.20
N GLN C 149 56.35 -46.20 -8.04
CA GLN C 149 56.71 -44.93 -8.69
C GLN C 149 55.61 -44.44 -9.61
N LEU C 150 54.95 -45.35 -10.33
CA LEU C 150 53.88 -44.94 -11.23
C LEU C 150 52.68 -44.40 -10.47
N VAL C 151 52.34 -45.00 -9.34
CA VAL C 151 51.24 -44.46 -8.54
C VAL C 151 51.57 -43.04 -8.10
N ALA C 152 52.79 -42.83 -7.63
CA ALA C 152 53.20 -41.46 -7.26
C ALA C 152 53.11 -40.54 -8.46
N ASP C 153 53.61 -40.99 -9.62
CA ASP C 153 53.60 -40.15 -10.82
C ASP C 153 52.19 -39.81 -11.26
N LEU C 154 51.26 -40.76 -11.10
CA LEU C 154 49.88 -40.46 -11.48
C LEU C 154 49.25 -39.46 -10.50
N ASN C 155 49.58 -39.56 -9.22
CA ASN C 155 49.07 -38.58 -8.27
C ASN C 155 49.61 -37.20 -8.61
N GLN C 156 50.89 -37.11 -8.99
CA GLN C 156 51.47 -35.82 -9.38
C GLN C 156 50.81 -35.30 -10.65
N ALA C 157 50.62 -36.16 -11.63
CA ALA C 157 49.94 -35.76 -12.87
C ALA C 157 48.56 -35.19 -12.57
N ALA C 158 47.83 -35.84 -11.64
CA ALA C 158 46.52 -35.33 -11.25
C ALA C 158 46.63 -33.94 -10.62
N ILE C 159 47.52 -33.79 -9.64
CA ILE C 159 47.73 -32.47 -9.03
C ILE C 159 47.99 -31.44 -10.12
N ASN C 160 48.89 -31.78 -11.05
CA ASN C 160 49.26 -30.81 -12.09
C ASN C 160 48.05 -30.42 -12.94
N GLY C 161 47.21 -31.40 -13.34
CA GLY C 161 46.03 -31.07 -14.13
C GLY C 161 45.02 -30.25 -13.35
N ILE C 162 44.82 -30.58 -12.08
CA ILE C 162 43.87 -29.85 -11.26
C ILE C 162 44.29 -28.39 -11.13
N ARG C 163 45.57 -28.16 -10.81
CA ARG C 163 46.01 -26.77 -10.66
C ARG C 163 46.05 -26.06 -12.01
N ALA C 164 46.38 -26.78 -13.08
CA ALA C 164 46.38 -26.18 -14.41
C ALA C 164 44.99 -25.72 -14.83
N ALA C 165 43.94 -26.39 -14.34
CA ALA C 165 42.56 -25.98 -14.62
C ALA C 165 42.18 -24.69 -13.91
N GLY C 166 42.99 -24.20 -12.99
CA GLY C 166 42.62 -23.04 -12.20
C GLY C 166 41.89 -23.38 -10.93
N ALA C 167 41.84 -24.66 -10.55
CA ALA C 167 41.22 -25.08 -9.30
C ALA C 167 42.32 -25.03 -8.26
N THR C 168 42.43 -23.89 -7.57
CA THR C 168 43.53 -23.64 -6.66
C THR C 168 43.13 -23.63 -5.20
N SER C 169 41.84 -23.63 -4.89
CA SER C 169 41.39 -23.54 -3.50
C SER C 169 41.16 -24.91 -2.87
N GLN C 170 41.13 -25.97 -3.65
CA GLN C 170 40.66 -27.28 -3.21
C GLN C 170 41.84 -28.15 -2.77
N TYR C 171 41.60 -28.91 -1.70
CA TYR C 171 42.52 -30.01 -1.34
C TYR C 171 42.49 -31.09 -2.39
N VAL C 172 43.67 -31.64 -2.67
CA VAL C 172 43.80 -32.80 -3.54
C VAL C 172 44.16 -33.99 -2.67
N ASN C 173 43.27 -34.98 -2.63
CA ASN C 173 43.50 -36.21 -1.88
C ASN C 173 44.36 -37.12 -2.74
N VAL C 174 45.52 -37.51 -2.23
CA VAL C 174 46.42 -38.39 -2.94
C VAL C 174 46.36 -39.77 -2.29
N GLU C 175 46.25 -40.81 -3.11
CA GLU C 175 46.08 -42.17 -2.63
C GLU C 175 47.28 -43.02 -3.02
N GLY C 176 47.70 -43.91 -2.11
CA GLY C 176 48.80 -44.80 -2.40
C GLY C 176 48.40 -46.06 -3.15
N ASN C 177 49.44 -46.82 -3.52
CA ASN C 177 49.36 -48.17 -4.07
C ASN C 177 48.80 -49.13 -3.02
N SER C 178 48.54 -50.37 -3.42
CA SER C 178 48.11 -51.42 -2.49
C SER C 178 46.87 -51.00 -1.70
N TYR C 179 45.87 -50.47 -2.40
CA TYR C 179 44.58 -50.11 -1.81
C TYR C 179 44.72 -49.00 -0.78
N THR C 180 45.79 -48.20 -0.93
CA THR C 180 46.15 -47.09 -0.03
C THR C 180 45.94 -47.46 1.45
N GLY C 181 46.35 -48.67 1.83
CA GLY C 181 46.10 -49.13 3.18
C GLY C 181 47.04 -48.44 4.16
N ALA C 182 46.45 -47.85 5.21
CA ALA C 182 47.29 -47.22 6.23
C ALA C 182 48.27 -48.24 6.82
N TRP C 183 47.78 -49.42 7.16
CA TRP C 183 48.57 -50.39 7.92
C TRP C 183 49.71 -50.99 7.12
N THR C 184 49.72 -50.83 5.80
CA THR C 184 50.80 -51.35 4.96
C THR C 184 51.60 -50.22 4.31
N TRP C 185 51.46 -49.00 4.82
CA TRP C 185 52.06 -47.85 4.16
C TRP C 185 53.57 -48.04 3.97
N THR C 186 54.26 -48.59 4.97
CA THR C 186 55.71 -48.70 4.94
C THR C 186 56.19 -50.10 4.56
N THR C 187 55.29 -51.06 4.38
CA THR C 187 55.68 -52.45 4.19
C THR C 187 55.28 -53.04 2.84
N ALA C 188 54.10 -52.73 2.32
CA ALA C 188 53.67 -53.35 1.07
C ALA C 188 54.43 -52.75 -0.10
N GLU C 189 54.89 -53.61 -1.01
CA GLU C 189 55.70 -53.19 -2.14
C GLU C 189 54.92 -53.30 -3.45
N GLY C 190 55.14 -52.34 -4.34
CA GLY C 190 54.60 -52.38 -5.68
C GLY C 190 55.41 -53.30 -6.57
N THR C 191 55.06 -53.29 -7.86
CA THR C 191 55.73 -54.21 -8.79
C THR C 191 57.19 -53.83 -8.99
N ASP C 192 57.56 -52.61 -8.60
CA ASP C 192 58.94 -52.13 -8.67
C ASP C 192 59.69 -52.32 -7.35
N GLY C 193 59.08 -53.01 -6.38
CA GLY C 193 59.71 -53.23 -5.10
C GLY C 193 59.64 -52.07 -4.13
N LEU C 194 58.90 -51.01 -4.46
CA LEU C 194 58.86 -49.79 -3.68
C LEU C 194 57.52 -49.65 -2.94
N THR C 195 57.57 -49.15 -1.71
CA THR C 195 56.42 -48.95 -0.86
C THR C 195 55.81 -47.56 -1.06
N ASN C 196 54.61 -47.36 -0.49
CA ASN C 196 54.06 -46.01 -0.43
C ASN C 196 54.98 -45.08 0.35
N ALA C 197 55.54 -45.55 1.48
CA ALA C 197 56.42 -44.69 2.24
C ALA C 197 57.59 -44.18 1.40
N GLN C 198 58.09 -45.01 0.48
CA GLN C 198 59.27 -44.65 -0.32
C GLN C 198 58.94 -43.75 -1.50
N THR C 199 57.69 -43.72 -1.96
CA THR C 199 57.37 -43.06 -3.21
C THR C 199 56.42 -41.88 -3.09
N MET C 200 55.65 -41.77 -2.02
CA MET C 200 54.63 -40.72 -2.04
C MET C 200 54.96 -39.46 -1.26
N GLY C 201 56.14 -39.38 -0.64
CA GLY C 201 56.47 -38.20 0.14
C GLY C 201 56.80 -36.96 -0.67
N ASN C 202 57.29 -37.11 -1.90
CA ASN C 202 57.83 -35.96 -2.64
C ASN C 202 56.80 -35.29 -3.56
N LEU C 203 55.54 -35.67 -3.48
CA LEU C 203 54.51 -34.97 -4.25
C LEU C 203 54.51 -33.49 -3.89
N THR C 204 54.39 -32.64 -4.91
CA THR C 204 54.39 -31.20 -4.72
C THR C 204 53.11 -30.59 -5.26
N ASP C 205 52.76 -29.43 -4.71
CA ASP C 205 51.55 -28.72 -5.08
C ASP C 205 51.84 -27.23 -4.89
N PRO C 206 51.76 -26.42 -5.95
CA PRO C 206 51.99 -24.98 -5.77
C PRO C 206 51.05 -24.35 -4.74
N GLU C 207 49.89 -24.96 -4.48
CA GLU C 207 48.98 -24.42 -3.48
C GLU C 207 49.15 -25.07 -2.11
N ASP C 208 50.06 -26.04 -1.97
CA ASP C 208 50.33 -26.70 -0.69
C ASP C 208 49.04 -27.17 -0.01
N LYS C 209 48.19 -27.84 -0.78
CA LYS C 209 46.97 -28.41 -0.21
C LYS C 209 46.82 -29.88 -0.60
N ILE C 210 47.87 -30.66 -0.34
CA ILE C 210 47.83 -32.11 -0.51
C ILE C 210 47.34 -32.74 0.78
N LEU C 211 46.38 -33.65 0.67
CA LEU C 211 45.84 -34.41 1.78
C LEU C 211 46.11 -35.88 1.50
N TYR C 212 46.97 -36.51 2.30
CA TYR C 212 47.21 -37.94 2.12
C TYR C 212 45.93 -38.69 2.49
N HIS C 213 45.57 -39.67 1.66
CA HIS C 213 44.24 -40.28 1.73
C HIS C 213 44.41 -41.79 1.84
N MET C 214 44.11 -42.33 3.01
CA MET C 214 44.46 -43.68 3.38
C MET C 214 43.20 -44.40 3.83
N HIS C 215 43.17 -45.74 3.73
CA HIS C 215 41.99 -46.53 4.05
C HIS C 215 42.38 -47.54 5.14
N GLN C 216 41.44 -47.90 6.02
CA GLN C 216 41.76 -48.90 7.04
C GLN C 216 40.53 -49.70 7.45
N TYR C 217 40.61 -51.03 7.27
CA TYR C 217 39.60 -51.95 7.76
C TYR C 217 40.15 -52.79 8.91
N LEU C 218 39.24 -53.52 9.54
CA LEU C 218 39.49 -54.09 10.86
C LEU C 218 39.42 -55.61 10.90
N ASP C 219 39.20 -56.27 9.76
CA ASP C 219 39.17 -57.71 9.76
C ASP C 219 40.59 -58.24 9.58
N SER C 220 40.73 -59.58 9.61
CA SER C 220 42.06 -60.19 9.70
C SER C 220 42.99 -59.70 8.60
N ASP C 221 42.49 -59.59 7.37
CA ASP C 221 43.34 -59.25 6.24
C ASP C 221 43.17 -57.80 5.78
N GLY C 222 42.48 -56.97 6.55
CA GLY C 222 42.30 -55.56 6.20
C GLY C 222 41.52 -55.34 4.92
N SER C 223 40.88 -56.38 4.37
CA SER C 223 40.12 -56.27 3.14
C SER C 223 38.74 -55.66 3.36
N GLY C 224 38.25 -55.65 4.59
CA GLY C 224 36.90 -55.19 4.86
C GLY C 224 35.83 -56.05 4.24
N THR C 225 36.09 -57.34 4.08
CA THR C 225 35.11 -58.25 3.49
C THR C 225 34.51 -59.22 4.50
N SER C 226 34.95 -59.15 5.75
CA SER C 226 34.42 -59.99 6.82
C SER C 226 33.81 -59.13 7.90
N SER C 227 32.72 -59.61 8.49
CA SER C 227 32.07 -58.92 9.61
C SER C 227 32.81 -59.08 10.93
N THR C 228 33.85 -59.90 10.98
CA THR C 228 34.63 -60.11 12.20
C THR C 228 35.77 -59.11 12.26
N CYS C 229 35.81 -58.30 13.32
CA CYS C 229 36.95 -57.44 13.59
C CYS C 229 37.90 -58.17 14.55
N VAL C 230 39.21 -57.96 14.35
CA VAL C 230 40.19 -58.77 15.07
C VAL C 230 39.98 -58.65 16.57
N ASN C 231 39.97 -57.43 17.09
CA ASN C 231 39.77 -57.20 18.51
C ASN C 231 39.62 -55.70 18.74
N SER C 232 39.62 -55.29 20.00
CA SER C 232 39.24 -53.93 20.34
C SER C 232 40.32 -52.91 20.03
N THR C 233 41.58 -53.33 19.85
CA THR C 233 42.67 -52.38 19.63
C THR C 233 43.21 -52.37 18.19
N ILE C 234 42.65 -53.18 17.30
CA ILE C 234 43.31 -53.42 16.01
C ILE C 234 43.27 -52.18 15.11
N GLY C 235 42.26 -51.33 15.26
CA GLY C 235 42.20 -50.14 14.41
C GLY C 235 43.26 -49.13 14.80
N ALA C 236 43.32 -48.79 16.08
CA ALA C 236 44.34 -47.86 16.56
C ALA C 236 45.74 -48.35 16.20
N THR C 237 46.04 -49.62 16.48
CA THR C 237 47.40 -50.06 16.25
C THR C 237 47.72 -50.11 14.76
N ARG C 238 46.71 -50.34 13.92
CA ARG C 238 46.97 -50.39 12.48
C ARG C 238 47.28 -49.03 11.87
N LEU C 239 47.02 -47.93 12.57
CA LEU C 239 47.38 -46.61 12.05
C LEU C 239 48.76 -46.12 12.52
N MET C 240 49.46 -46.83 13.42
CA MET C 240 50.71 -46.27 13.95
C MET C 240 51.79 -46.10 12.88
N ASP C 241 51.90 -47.03 11.93
CA ASP C 241 52.87 -46.91 10.85
C ASP C 241 52.68 -45.59 10.11
N ALA C 242 51.45 -45.32 9.69
CA ALA C 242 51.16 -44.12 8.92
C ALA C 242 51.36 -42.86 9.75
N THR C 243 50.93 -42.88 11.01
CA THR C 243 51.11 -41.70 11.87
C THR C 243 52.58 -41.32 11.93
N ALA C 244 53.46 -42.31 12.11
CA ALA C 244 54.88 -42.00 12.18
C ALA C 244 55.37 -41.39 10.87
N TRP C 245 54.95 -41.97 9.74
CA TRP C 245 55.40 -41.46 8.45
C TRP C 245 54.90 -40.05 8.20
N LEU C 246 53.64 -39.78 8.55
CA LEU C 246 53.09 -38.44 8.39
C LEU C 246 53.86 -37.44 9.23
N LYS C 247 54.14 -37.78 10.48
CA LYS C 247 54.90 -36.86 11.32
C LYS C 247 56.30 -36.66 10.78
N SER C 248 56.94 -37.75 10.33
CA SER C 248 58.31 -37.65 9.86
C SER C 248 58.41 -36.73 8.64
N ASN C 249 57.45 -36.85 7.74
CA ASN C 249 57.51 -36.13 6.47
C ASN C 249 56.69 -34.85 6.48
N ASN C 250 56.14 -34.47 7.64
CA ASN C 250 55.38 -33.22 7.80
C ASN C 250 54.20 -33.16 6.84
N LYS C 251 53.42 -34.25 6.78
CA LYS C 251 52.23 -34.36 5.97
C LYS C 251 51.00 -34.49 6.86
N ILE C 252 49.83 -34.33 6.23
CA ILE C 252 48.55 -34.55 6.90
C ILE C 252 47.72 -35.50 6.06
N ALA C 253 46.81 -36.20 6.72
CA ALA C 253 46.07 -37.29 6.09
C ALA C 253 44.60 -37.24 6.49
N ILE C 254 43.81 -38.01 5.76
CA ILE C 254 42.43 -38.30 6.09
C ILE C 254 42.23 -39.79 5.91
N LEU C 255 41.42 -40.40 6.78
CA LEU C 255 41.08 -41.82 6.67
C LEU C 255 39.82 -41.92 5.81
N GLY C 256 40.01 -42.10 4.50
CA GLY C 256 38.93 -41.97 3.54
C GLY C 256 37.94 -43.13 3.45
N GLN C 257 38.28 -44.30 4.00
CA GLN C 257 37.38 -45.44 4.11
C GLN C 257 37.76 -46.17 5.39
N TYR C 258 36.74 -46.57 6.15
CA TYR C 258 36.85 -47.49 7.26
C TYR C 258 35.43 -47.96 7.56
N ALA C 259 35.33 -49.11 8.23
CA ALA C 259 34.04 -49.63 8.66
C ALA C 259 34.25 -50.76 9.64
N GLY C 260 33.19 -51.05 10.39
CA GLY C 260 33.08 -52.30 11.10
C GLY C 260 31.63 -52.74 11.02
N ALA C 261 31.40 -54.01 11.35
CA ALA C 261 30.05 -54.55 11.30
C ALA C 261 29.33 -54.31 12.63
N VAL C 262 28.04 -54.66 12.67
CA VAL C 262 27.27 -54.46 13.87
C VAL C 262 27.51 -55.64 14.81
N ASN C 263 28.55 -55.54 15.62
CA ASN C 263 28.79 -56.47 16.71
C ASN C 263 29.70 -55.77 17.71
N SER C 264 29.77 -56.32 18.92
CA SER C 264 30.37 -55.58 20.03
C SER C 264 31.84 -55.30 19.79
N VAL C 265 32.58 -56.26 19.25
CA VAL C 265 34.02 -56.08 19.10
C VAL C 265 34.32 -55.06 18.01
N CYS C 266 33.59 -55.14 16.90
CA CYS C 266 33.76 -54.14 15.84
C CYS C 266 33.47 -52.74 16.36
N GLU C 267 32.42 -52.58 17.15
CA GLU C 267 32.10 -51.27 17.66
C GLU C 267 33.23 -50.71 18.52
N GLU C 268 33.79 -51.53 19.43
CA GLU C 268 34.93 -51.06 20.23
C GLU C 268 36.11 -50.72 19.35
N ALA C 269 36.37 -51.54 18.33
CA ALA C 269 37.51 -51.31 17.45
C ALA C 269 37.35 -50.01 16.68
N VAL C 270 36.12 -49.74 16.20
CA VAL C 270 35.87 -48.48 15.52
C VAL C 270 36.03 -47.31 16.49
N GLU C 271 35.40 -47.38 17.66
CA GLU C 271 35.58 -46.31 18.64
C GLU C 271 37.05 -46.14 18.98
N GLY C 272 37.77 -47.24 19.14
CA GLY C 272 39.19 -47.13 19.44
C GLY C 272 39.96 -46.40 18.37
N MET C 273 39.64 -46.66 17.09
CA MET C 273 40.40 -46.05 16.02
C MET C 273 40.03 -44.57 15.87
N LEU C 274 38.74 -44.26 16.03
CA LEU C 274 38.32 -42.86 15.96
C LEU C 274 38.89 -42.05 17.12
N ASP C 275 38.89 -42.63 18.32
CA ASP C 275 39.56 -41.99 19.44
C ASP C 275 41.02 -41.73 19.10
N TYR C 276 41.68 -42.71 18.47
CA TYR C 276 43.10 -42.58 18.14
C TYR C 276 43.30 -41.45 17.16
N ILE C 277 42.43 -41.32 16.15
CA ILE C 277 42.55 -40.21 15.21
C ILE C 277 42.40 -38.89 15.95
N ASP C 278 41.47 -38.83 16.90
CA ASP C 278 41.31 -37.61 17.70
C ASP C 278 42.59 -37.29 18.47
N GLU C 279 43.21 -38.30 19.08
CA GLU C 279 44.45 -38.08 19.85
C GLU C 279 45.58 -37.64 18.95
N ASN C 280 45.53 -37.97 17.66
CA ASN C 280 46.60 -37.69 16.73
C ASN C 280 46.11 -36.75 15.64
N SER C 281 45.33 -35.75 16.05
CA SER C 281 44.71 -34.84 15.09
C SER C 281 45.72 -33.85 14.50
N ASP C 282 46.97 -33.87 14.96
CA ASP C 282 48.00 -33.08 14.30
C ASP C 282 48.28 -33.61 12.89
N VAL C 283 48.14 -34.91 12.67
CA VAL C 283 48.36 -35.45 11.33
C VAL C 283 47.11 -36.11 10.74
N TRP C 284 46.11 -36.49 11.53
CA TRP C 284 44.88 -37.06 11.02
C TRP C 284 43.76 -36.02 11.09
N THR C 285 43.20 -35.68 9.93
CA THR C 285 42.18 -34.64 9.83
C THR C 285 40.76 -35.16 10.05
N GLY C 286 40.55 -36.47 10.04
CA GLY C 286 39.21 -37.00 10.17
C GLY C 286 39.07 -38.33 9.45
N ALA C 287 37.81 -38.73 9.28
CA ALA C 287 37.52 -40.08 8.82
C ALA C 287 36.20 -40.09 8.08
N ILE C 288 36.13 -40.97 7.09
CA ILE C 288 34.96 -41.10 6.23
C ILE C 288 34.54 -42.55 6.22
N TRP C 289 33.30 -42.82 6.65
CA TRP C 289 32.79 -44.17 6.74
C TRP C 289 32.48 -44.74 5.37
N TRP C 290 32.78 -46.03 5.17
CA TRP C 290 32.37 -46.78 3.96
C TRP C 290 31.29 -47.77 4.39
N ALA C 291 30.05 -47.59 3.93
CA ALA C 291 29.63 -46.50 3.06
C ALA C 291 28.12 -46.26 3.20
N ALA C 292 27.68 -45.11 2.70
CA ALA C 292 26.27 -44.86 2.43
C ALA C 292 26.02 -44.96 0.93
N GLY C 293 24.79 -44.67 0.53
CA GLY C 293 24.36 -44.87 -0.84
C GLY C 293 23.05 -45.64 -0.87
N PRO C 294 22.27 -45.47 -1.95
CA PRO C 294 20.88 -45.94 -1.92
C PRO C 294 20.65 -47.37 -2.38
N TRP C 295 21.67 -48.05 -2.92
CA TRP C 295 21.51 -49.37 -3.51
C TRP C 295 22.33 -50.44 -2.78
N TRP C 296 22.53 -50.27 -1.47
CA TRP C 296 23.35 -51.22 -0.73
C TRP C 296 22.59 -52.40 -0.16
N GLY C 297 21.26 -52.31 -0.03
CA GLY C 297 20.53 -53.43 0.55
C GLY C 297 21.09 -53.82 1.92
N ASP C 298 21.36 -55.11 2.11
CA ASP C 298 21.76 -55.64 3.40
C ASP C 298 23.26 -55.57 3.67
N TYR C 299 24.02 -54.84 2.86
CA TYR C 299 25.45 -54.66 3.07
C TYR C 299 25.78 -54.41 4.54
N MET C 300 26.70 -55.21 5.07
CA MET C 300 26.99 -55.14 6.50
C MET C 300 27.51 -53.77 6.94
N PHE C 301 28.08 -52.99 6.01
CA PHE C 301 28.65 -51.69 6.33
C PHE C 301 27.75 -50.53 5.89
N SER C 302 26.56 -50.78 5.38
CA SER C 302 25.76 -49.67 4.85
C SER C 302 25.17 -48.85 5.99
N VAL C 303 25.44 -47.55 6.00
CA VAL C 303 24.79 -46.64 6.93
C VAL C 303 23.74 -45.75 6.23
N GLU C 304 23.26 -46.15 5.06
CA GLU C 304 22.17 -45.41 4.44
C GLU C 304 21.01 -45.36 5.43
N PRO C 305 20.40 -44.19 5.65
CA PRO C 305 19.45 -44.08 6.76
C PRO C 305 18.23 -44.99 6.65
N ASP C 306 17.61 -45.10 5.47
CA ASP C 306 16.32 -45.79 5.45
C ASP C 306 16.45 -47.30 5.63
N ASN C 307 17.54 -47.92 5.15
CA ASN C 307 17.64 -49.37 5.27
C ASN C 307 19.05 -49.91 5.52
N GLY C 308 20.04 -49.08 5.84
CA GLY C 308 21.38 -49.56 6.08
C GLY C 308 21.48 -50.29 7.41
N PRO C 309 21.91 -51.54 7.38
CA PRO C 309 21.99 -52.32 8.65
C PRO C 309 22.90 -51.70 9.69
N ALA C 310 23.87 -50.88 9.29
CA ALA C 310 24.83 -50.32 10.22
C ALA C 310 24.45 -48.93 10.70
N TYR C 311 23.35 -48.37 10.18
CA TYR C 311 23.04 -46.97 10.44
C TYR C 311 22.79 -46.70 11.92
N SER C 312 21.86 -47.44 12.54
CA SER C 312 21.46 -47.07 13.90
C SER C 312 22.62 -47.24 14.88
N THR C 313 23.55 -48.15 14.59
CA THR C 313 24.69 -48.36 15.49
C THR C 313 25.75 -47.29 15.30
N TYR C 314 26.12 -47.00 14.04
CA TYR C 314 27.31 -46.20 13.79
C TYR C 314 27.03 -44.75 13.47
N ASP C 315 25.81 -44.37 13.10
CA ASP C 315 25.52 -42.94 12.96
C ASP C 315 25.90 -42.17 14.21
N PRO C 316 25.48 -42.57 15.42
CA PRO C 316 25.91 -41.81 16.61
C PRO C 316 27.39 -41.90 16.88
N ILE C 317 28.03 -43.00 16.49
CA ILE C 317 29.48 -43.14 16.69
C ILE C 317 30.24 -42.17 15.79
N ILE C 318 29.86 -42.11 14.51
CA ILE C 318 30.46 -41.13 13.61
C ILE C 318 30.26 -39.72 14.16
N LEU C 319 29.04 -39.41 14.63
CA LEU C 319 28.73 -38.05 15.02
C LEU C 319 29.45 -37.63 16.29
N GLU C 320 29.93 -38.58 17.08
CA GLU C 320 30.72 -38.26 18.26
C GLU C 320 31.89 -37.34 17.91
N TYR C 321 32.15 -37.14 16.62
CA TYR C 321 33.24 -36.30 16.14
C TYR C 321 32.80 -35.26 15.11
N ARG D 14 -33.13 37.20 -11.39
CA ARG D 14 -34.57 37.00 -11.30
C ARG D 14 -34.81 36.01 -10.17
N PHE D 15 -35.99 36.08 -9.57
CA PHE D 15 -36.44 35.12 -8.57
C PHE D 15 -37.70 34.46 -9.08
N ALA D 16 -37.73 33.13 -9.04
CA ALA D 16 -38.90 32.38 -9.48
C ALA D 16 -39.01 31.17 -8.57
N GLY D 17 -40.11 31.05 -7.85
CA GLY D 17 -40.24 29.92 -6.96
C GLY D 17 -41.59 29.81 -6.30
N VAL D 18 -41.63 29.20 -5.12
CA VAL D 18 -42.88 28.86 -4.48
C VAL D 18 -42.84 29.17 -3.00
N ASN D 19 -44.01 29.49 -2.47
CA ASN D 19 -44.22 29.49 -1.03
C ASN D 19 -44.21 28.06 -0.52
N GLU D 20 -43.68 27.88 0.69
CA GLU D 20 -43.83 26.65 1.45
C GLU D 20 -44.68 27.00 2.66
N SER D 21 -45.82 26.35 2.78
CA SER D 21 -46.80 26.67 3.81
C SER D 21 -47.16 25.40 4.55
N GLY D 22 -47.27 25.50 5.87
CA GLY D 22 -47.51 24.33 6.70
C GLY D 22 -47.00 24.50 8.12
N ALA D 23 -45.88 25.19 8.32
CA ALA D 23 -45.38 25.36 9.68
C ALA D 23 -46.18 26.39 10.45
N GLU D 24 -47.02 27.16 9.77
CA GLU D 24 -47.89 28.15 10.40
C GLU D 24 -49.33 27.67 10.52
N PHE D 25 -49.61 26.43 10.13
CA PHE D 25 -50.97 25.90 10.16
C PHE D 25 -51.48 25.79 11.60
N GLY D 26 -52.81 25.69 11.73
CA GLY D 26 -53.41 25.56 13.05
C GLY D 26 -53.05 26.68 14.00
N SER D 27 -53.17 27.93 13.53
CA SER D 27 -52.66 29.07 14.27
C SER D 27 -53.49 29.39 15.51
N ASP D 28 -54.64 28.75 15.69
CA ASP D 28 -55.37 28.90 16.94
C ASP D 28 -54.86 27.99 18.05
N ASN D 29 -53.88 27.13 17.76
CA ASN D 29 -53.24 26.28 18.77
C ASN D 29 -51.78 26.70 18.87
N ILE D 30 -51.45 27.45 19.92
CA ILE D 30 -50.11 27.95 20.16
C ILE D 30 -49.71 27.48 21.56
N PRO D 31 -48.57 26.81 21.73
CA PRO D 31 -47.56 26.46 20.72
C PRO D 31 -48.05 25.50 19.64
N GLY D 32 -49.06 24.68 19.93
CA GLY D 32 -49.48 23.66 19.01
C GLY D 32 -48.50 22.50 19.02
N VAL D 33 -48.86 21.45 18.28
CA VAL D 33 -48.14 20.18 18.31
C VAL D 33 -47.65 19.84 16.91
N TYR D 34 -46.33 19.72 16.77
CA TYR D 34 -45.72 19.27 15.53
C TYR D 34 -46.27 17.91 15.11
N GLY D 35 -46.68 17.80 13.84
CA GLY D 35 -47.29 16.60 13.32
C GLY D 35 -48.79 16.51 13.50
N THR D 36 -49.36 17.39 14.32
CA THR D 36 -50.81 17.45 14.53
C THR D 36 -51.37 18.78 14.06
N ASP D 37 -50.86 19.89 14.57
CA ASP D 37 -51.31 21.22 14.18
C ASP D 37 -50.52 21.80 13.01
N TYR D 38 -49.26 21.41 12.84
CA TYR D 38 -48.41 21.99 11.80
C TYR D 38 -47.32 20.99 11.44
N THR D 39 -46.64 21.27 10.34
CA THR D 39 -45.58 20.41 9.85
C THR D 39 -44.46 21.28 9.28
N TRP D 40 -43.30 20.68 9.04
CA TRP D 40 -42.24 21.37 8.31
C TRP D 40 -42.20 20.83 6.89
N TYR D 41 -41.18 21.20 6.12
CA TYR D 41 -41.33 21.08 4.68
C TYR D 41 -40.60 19.86 4.13
N ASN D 42 -41.01 19.46 2.93
CA ASN D 42 -40.58 18.22 2.31
C ASN D 42 -39.35 18.53 1.46
N THR D 43 -38.16 18.20 1.96
CA THR D 43 -36.95 18.54 1.22
C THR D 43 -36.79 17.71 -0.05
N THR D 44 -37.39 16.52 -0.14
CA THR D 44 -37.37 15.81 -1.41
C THR D 44 -38.05 16.65 -2.49
N ALA D 45 -39.23 17.20 -2.16
CA ALA D 45 -39.99 18.01 -3.11
C ALA D 45 -39.31 19.34 -3.40
N MET D 46 -38.79 20.03 -2.37
CA MET D 46 -38.01 21.25 -2.65
C MET D 46 -36.78 20.93 -3.51
N GLY D 47 -36.14 19.80 -3.26
CA GLY D 47 -35.04 19.39 -4.13
C GLY D 47 -35.47 19.25 -5.58
N GLU D 48 -36.66 18.67 -5.80
CA GLU D 48 -37.15 18.54 -7.17
C GLU D 48 -37.39 19.92 -7.78
N PHE D 49 -38.00 20.83 -7.01
CA PHE D 49 -38.19 22.20 -7.49
C PHE D 49 -36.86 22.86 -7.86
N ILE D 50 -35.83 22.67 -7.03
CA ILE D 50 -34.54 23.29 -7.32
C ILE D 50 -33.92 22.65 -8.56
N SER D 51 -34.00 21.32 -8.69
CA SER D 51 -33.49 20.67 -9.90
C SER D 51 -34.15 21.24 -11.16
N GLN D 52 -35.46 21.53 -11.09
CA GLN D 52 -36.22 22.11 -12.19
C GLN D 52 -35.78 23.51 -12.56
N GLY D 53 -35.16 24.24 -11.62
CA GLY D 53 -34.74 25.60 -11.87
C GLY D 53 -35.32 26.62 -10.92
N MET D 54 -36.18 26.27 -9.97
CA MET D 54 -36.65 27.30 -9.06
C MET D 54 -35.54 27.71 -8.11
N ASN D 55 -35.53 29.00 -7.75
CA ASN D 55 -34.41 29.52 -6.98
C ASN D 55 -34.87 30.33 -5.77
N ILE D 56 -36.12 30.20 -5.37
CA ILE D 56 -36.56 30.90 -4.16
C ILE D 56 -37.71 30.13 -3.53
N PHE D 57 -37.66 30.04 -2.20
CA PHE D 57 -38.66 29.34 -1.40
C PHE D 57 -39.01 30.23 -0.23
N ARG D 58 -40.28 30.62 -0.14
CA ARG D 58 -40.77 31.47 0.93
C ARG D 58 -41.31 30.58 2.04
N LEU D 59 -40.50 30.41 3.11
CA LEU D 59 -40.82 29.49 4.20
C LEU D 59 -41.64 30.22 5.24
N ASN D 60 -42.92 29.86 5.34
CA ASN D 60 -43.85 30.48 6.25
C ASN D 60 -43.79 29.81 7.61
N LEU D 61 -43.92 30.63 8.66
CA LEU D 61 -43.84 30.14 10.04
C LEU D 61 -44.68 31.05 10.91
N LEU D 62 -44.89 30.65 12.17
CA LEU D 62 -45.63 31.47 13.12
C LEU D 62 -44.67 32.13 14.11
N MET D 63 -44.79 33.45 14.25
CA MET D 63 -43.93 34.21 15.16
C MET D 63 -43.89 33.55 16.53
N GLU D 64 -45.07 33.16 17.03
CA GLU D 64 -45.24 32.70 18.40
C GLU D 64 -44.61 31.34 18.64
N ARG D 65 -44.43 30.54 17.59
CA ARG D 65 -43.76 29.26 17.74
C ARG D 65 -42.25 29.42 17.68
N LEU D 66 -41.77 30.47 17.04
CA LEU D 66 -40.33 30.69 16.96
C LEU D 66 -39.81 31.48 18.16
N VAL D 67 -40.57 32.49 18.59
CA VAL D 67 -40.24 33.35 19.72
C VAL D 67 -41.48 33.39 20.62
N PRO D 68 -41.64 32.44 21.53
CA PRO D 68 -42.84 32.38 22.36
C PRO D 68 -42.92 33.49 23.39
N ASN D 69 -44.16 33.78 23.81
CA ASN D 69 -44.49 34.57 25.00
C ASN D 69 -44.34 36.08 24.75
N THR D 70 -43.13 36.52 24.42
CA THR D 70 -42.92 37.93 24.19
C THR D 70 -41.86 38.09 23.12
N MET D 71 -41.99 39.16 22.31
CA MET D 71 -41.13 39.28 21.13
C MET D 71 -39.68 39.55 21.50
N THR D 72 -39.41 39.99 22.73
CA THR D 72 -38.06 40.17 23.23
C THR D 72 -37.48 38.88 23.81
N GLY D 73 -38.20 37.77 23.70
CA GLY D 73 -37.79 36.54 24.34
C GLY D 73 -36.81 35.73 23.51
N PRO D 74 -36.36 34.61 24.04
CA PRO D 74 -35.51 33.69 23.28
C PRO D 74 -36.35 32.88 22.30
N MET D 75 -35.67 32.06 21.54
CA MET D 75 -36.25 31.29 20.46
C MET D 75 -36.59 29.91 21.02
N ASN D 76 -37.63 29.27 20.48
CA ASN D 76 -37.86 27.86 20.79
C ASN D 76 -36.89 27.00 19.99
N ALA D 77 -36.04 26.24 20.69
CA ALA D 77 -34.95 25.53 20.01
C ALA D 77 -35.46 24.50 18.99
N ASP D 78 -36.58 23.82 19.29
CA ASP D 78 -37.08 22.78 18.39
C ASP D 78 -37.63 23.39 17.11
N TYR D 79 -38.47 24.41 17.25
CA TYR D 79 -39.02 25.08 16.08
C TYR D 79 -37.92 25.78 15.28
N LEU D 80 -37.01 26.48 15.96
CA LEU D 80 -35.86 27.06 15.27
C LEU D 80 -35.00 25.98 14.60
N GLY D 81 -34.79 24.86 15.28
CA GLY D 81 -33.97 23.80 14.69
C GLY D 81 -34.55 23.25 13.39
N ASN D 82 -35.89 23.16 13.32
CA ASN D 82 -36.56 22.73 12.09
C ASN D 82 -36.46 23.80 11.01
N LEU D 83 -36.73 25.07 11.38
CA LEU D 83 -36.56 26.14 10.42
C LEU D 83 -35.15 26.11 9.84
N THR D 84 -34.16 25.95 10.72
CA THR D 84 -32.76 25.97 10.29
C THR D 84 -32.45 24.82 9.34
N LYS D 85 -32.99 23.64 9.61
CA LYS D 85 -32.72 22.50 8.74
C LYS D 85 -33.31 22.72 7.34
N ASP D 86 -34.53 23.25 7.28
CA ASP D 86 -35.16 23.53 5.99
C ASP D 86 -34.47 24.67 5.27
N VAL D 87 -34.11 25.73 6.01
CA VAL D 87 -33.37 26.84 5.39
C VAL D 87 -32.05 26.34 4.84
N ASN D 88 -31.34 25.52 5.62
CA ASN D 88 -30.02 25.06 5.20
C ASN D 88 -30.13 24.14 3.99
N TYR D 89 -31.15 23.27 3.95
CA TYR D 89 -31.32 22.46 2.75
C TYR D 89 -31.48 23.35 1.51
N VAL D 90 -32.40 24.32 1.59
CA VAL D 90 -32.69 25.16 0.43
C VAL D 90 -31.45 25.94 0.00
N THR D 91 -30.78 26.56 0.97
CA THR D 91 -29.65 27.43 0.63
C THR D 91 -28.39 26.64 0.30
N ASP D 92 -28.14 25.52 1.01
CA ASP D 92 -27.01 24.69 0.60
C ASP D 92 -27.20 24.13 -0.80
N LYS D 93 -28.43 24.00 -1.26
CA LYS D 93 -28.67 23.57 -2.62
C LYS D 93 -28.70 24.74 -3.61
N GLY D 94 -28.44 25.96 -3.15
CA GLY D 94 -28.23 27.08 -4.03
C GLY D 94 -29.41 28.01 -4.23
N ALA D 95 -30.54 27.76 -3.58
CA ALA D 95 -31.72 28.60 -3.73
C ALA D 95 -31.84 29.56 -2.55
N TYR D 96 -32.56 30.65 -2.78
CA TYR D 96 -32.86 31.59 -1.70
C TYR D 96 -33.94 31.03 -0.81
N ALA D 97 -33.77 31.24 0.50
CA ALA D 97 -34.76 30.88 1.51
C ALA D 97 -35.23 32.16 2.17
N MET D 98 -36.46 32.56 1.85
CA MET D 98 -37.16 33.65 2.54
C MET D 98 -37.79 33.18 3.84
N ILE D 99 -37.45 33.84 4.94
CA ILE D 99 -38.01 33.54 6.26
C ILE D 99 -39.18 34.51 6.50
N THR D 100 -40.39 33.97 6.59
CA THR D 100 -41.62 34.78 6.61
C THR D 100 -42.45 34.47 7.85
N PRO D 101 -42.52 35.37 8.81
CA PRO D 101 -43.53 35.21 9.87
C PRO D 101 -44.90 35.50 9.31
N HIS D 102 -45.70 34.45 9.20
CA HIS D 102 -47.02 34.50 8.56
C HIS D 102 -48.05 34.97 9.60
N ASN D 103 -47.96 36.25 9.93
CA ASN D 103 -48.64 36.73 11.13
C ASN D 103 -49.56 37.92 10.96
N TYR D 104 -49.63 38.56 9.79
CA TYR D 104 -50.64 39.58 9.52
C TYR D 104 -50.47 40.78 10.43
N GLY D 105 -49.23 41.06 10.84
CA GLY D 105 -48.97 42.15 11.74
C GLY D 105 -49.48 41.94 13.14
N ARG D 106 -49.72 40.69 13.53
CA ARG D 106 -50.31 40.38 14.82
C ARG D 106 -49.49 39.33 15.55
N TYR D 107 -49.44 39.48 16.87
CA TYR D 107 -48.70 38.60 17.76
C TYR D 107 -49.67 38.17 18.85
N TYR D 108 -49.84 36.86 19.01
CA TYR D 108 -50.94 36.29 19.80
C TYR D 108 -52.28 36.91 19.41
N GLY D 109 -52.44 37.15 18.11
CA GLY D 109 -53.71 37.57 17.55
C GLY D 109 -54.02 39.04 17.67
N ASN D 110 -53.12 39.84 18.23
CA ASN D 110 -53.37 41.25 18.45
C ASN D 110 -52.35 42.10 17.69
N ILE D 111 -52.82 43.21 17.14
CA ILE D 111 -51.98 44.05 16.28
C ILE D 111 -50.71 44.44 17.02
N ILE D 112 -49.57 44.18 16.39
CA ILE D 112 -48.27 44.57 16.95
C ILE D 112 -48.18 46.08 16.98
N ASN D 113 -48.07 46.66 18.18
CA ASN D 113 -48.02 48.11 18.32
C ASN D 113 -46.75 48.59 19.02
N SER D 114 -45.69 47.79 18.98
CA SER D 114 -44.40 48.11 19.59
C SER D 114 -43.31 47.94 18.54
N THR D 115 -42.80 49.04 18.00
CA THR D 115 -41.66 48.94 17.10
C THR D 115 -40.42 48.42 17.83
N SER D 116 -40.30 48.75 19.13
CA SER D 116 -39.13 48.30 19.89
C SER D 116 -39.10 46.78 20.03
N ASP D 117 -40.23 46.17 20.39
CA ASP D 117 -40.28 44.72 20.54
C ASP D 117 -40.13 44.03 19.19
N PHE D 118 -40.71 44.63 18.13
CA PHE D 118 -40.60 44.05 16.80
C PHE D 118 -39.15 44.07 16.32
N GLU D 119 -38.44 45.17 16.57
CA GLU D 119 -37.02 45.21 16.25
C GLU D 119 -36.25 44.14 17.02
N ALA D 120 -36.59 43.93 18.30
CA ALA D 120 -35.90 42.90 19.07
C ALA D 120 -36.17 41.51 18.50
N PHE D 121 -37.42 41.26 18.12
CA PHE D 121 -37.76 39.98 17.50
C PHE D 121 -36.89 39.75 16.27
N TRP D 122 -36.77 40.78 15.42
CA TRP D 122 -36.03 40.60 14.18
C TRP D 122 -34.54 40.51 14.43
N LYS D 123 -34.01 41.24 15.42
CA LYS D 123 -32.60 41.06 15.75
C LYS D 123 -32.33 39.62 16.17
N THR D 124 -33.22 39.06 16.99
CA THR D 124 -33.05 37.69 17.46
C THR D 124 -33.11 36.71 16.30
N VAL D 125 -34.11 36.83 15.45
CA VAL D 125 -34.25 35.86 14.36
C VAL D 125 -33.11 36.03 13.35
N ALA D 126 -32.80 37.26 12.98
CA ALA D 126 -31.74 37.46 11.99
C ALA D 126 -30.39 36.96 12.50
N GLY D 127 -30.12 37.10 13.80
CA GLY D 127 -28.86 36.62 14.34
C GLY D 127 -28.60 35.16 14.03
N ALA D 128 -29.65 34.34 14.00
CA ALA D 128 -29.52 32.91 13.78
C ALA D 128 -29.21 32.56 12.34
N PHE D 129 -29.28 33.54 11.44
CA PHE D 129 -29.03 33.31 10.02
C PHE D 129 -28.09 34.36 9.43
N LYS D 130 -27.36 35.08 10.30
CA LYS D 130 -26.69 36.30 9.88
C LYS D 130 -25.62 36.04 8.83
N ASP D 131 -25.03 34.85 8.81
CA ASP D 131 -23.96 34.55 7.87
C ASP D 131 -24.44 33.77 6.65
N ASN D 132 -25.77 33.59 6.50
CA ASN D 132 -26.32 32.89 5.34
C ASN D 132 -26.69 33.90 4.26
N ASP D 133 -25.85 34.01 3.23
CA ASP D 133 -26.08 34.98 2.17
C ASP D 133 -27.23 34.62 1.23
N LEU D 134 -27.79 33.41 1.33
CA LEU D 134 -28.95 33.07 0.51
C LEU D 134 -30.24 33.16 1.29
N VAL D 135 -30.20 33.64 2.54
CA VAL D 135 -31.44 33.90 3.27
C VAL D 135 -32.00 35.27 2.90
N MET D 136 -33.32 35.38 2.84
CA MET D 136 -34.03 36.63 2.72
C MET D 136 -34.90 36.77 3.97
N PHE D 137 -35.07 37.99 4.48
CA PHE D 137 -35.95 38.21 5.61
C PHE D 137 -37.19 38.96 5.13
N ASP D 138 -38.34 38.62 5.68
CA ASP D 138 -39.65 39.12 5.23
C ASP D 138 -40.36 39.62 6.48
N THR D 139 -40.53 40.95 6.61
CA THR D 139 -40.80 41.50 7.92
C THR D 139 -42.10 40.95 8.51
N ASN D 140 -43.16 40.85 7.69
CA ASN D 140 -44.28 40.10 8.23
C ASN D 140 -45.23 39.88 7.05
N ASN D 141 -45.97 38.77 7.06
CA ASN D 141 -46.91 38.47 5.99
C ASN D 141 -48.20 39.28 6.16
N GLN D 142 -48.49 40.15 5.18
CA GLN D 142 -49.83 40.74 4.99
C GLN D 142 -50.34 41.46 6.23
N TYR D 143 -49.60 42.47 6.68
CA TYR D 143 -50.18 43.45 7.61
C TYR D 143 -51.56 43.87 7.10
N TYR D 144 -52.53 43.98 8.00
CA TYR D 144 -53.81 44.53 7.56
C TYR D 144 -54.54 45.16 8.73
N GLY D 145 -55.45 46.08 8.39
CA GLY D 145 -56.28 46.69 9.41
C GLY D 145 -55.55 47.60 10.37
N MET D 146 -54.40 48.11 9.98
CA MET D 146 -53.59 48.89 10.89
C MET D 146 -53.46 50.33 10.40
N ALA D 147 -52.77 51.15 11.19
CA ALA D 147 -52.37 52.46 10.73
C ALA D 147 -51.24 52.31 9.70
N GLY D 148 -51.35 53.03 8.59
CA GLY D 148 -50.30 52.98 7.57
C GLY D 148 -48.94 53.38 8.12
N GLN D 149 -48.90 54.42 8.95
CA GLN D 149 -47.63 54.84 9.53
C GLN D 149 -47.05 53.75 10.43
N LEU D 150 -47.92 53.02 11.14
CA LEU D 150 -47.43 51.94 11.99
C LEU D 150 -46.77 50.85 11.15
N VAL D 151 -47.41 50.47 10.04
CA VAL D 151 -46.84 49.41 9.20
C VAL D 151 -45.48 49.83 8.66
N ALA D 152 -45.37 51.07 8.15
CA ALA D 152 -44.06 51.55 7.71
C ALA D 152 -43.05 51.52 8.86
N ASP D 153 -43.46 51.99 10.05
CA ASP D 153 -42.53 52.05 11.16
C ASP D 153 -42.11 50.65 11.62
N LEU D 154 -43.01 49.68 11.53
CA LEU D 154 -42.65 48.30 11.86
C LEU D 154 -41.65 47.75 10.84
N ASN D 155 -41.87 48.03 9.56
CA ASN D 155 -40.90 47.59 8.56
C ASN D 155 -39.52 48.21 8.82
N GLN D 156 -39.48 49.49 9.20
CA GLN D 156 -38.19 50.11 9.48
C GLN D 156 -37.54 49.50 10.70
N ALA D 157 -38.32 49.25 11.75
CA ALA D 157 -37.78 48.60 12.94
C ALA D 157 -37.24 47.22 12.60
N ALA D 158 -37.93 46.48 11.72
CA ALA D 158 -37.43 45.16 11.32
C ALA D 158 -36.09 45.28 10.60
N ILE D 159 -36.00 46.19 9.62
CA ILE D 159 -34.72 46.43 8.96
C ILE D 159 -33.64 46.71 10.00
N ASN D 160 -33.95 47.61 10.93
CA ASN D 160 -32.95 48.01 11.92
C ASN D 160 -32.48 46.82 12.75
N GLY D 161 -33.40 45.94 13.15
CA GLY D 161 -33.02 44.80 13.97
C GLY D 161 -32.21 43.79 13.18
N ILE D 162 -32.61 43.55 11.93
CA ILE D 162 -31.88 42.62 11.07
C ILE D 162 -30.44 43.08 10.91
N ARG D 163 -30.24 44.35 10.57
CA ARG D 163 -28.87 44.81 10.35
C ARG D 163 -28.11 44.88 11.66
N ALA D 164 -28.78 45.24 12.75
CA ALA D 164 -28.12 45.26 14.06
C ALA D 164 -27.61 43.87 14.46
N ALA D 165 -28.23 42.80 13.95
CA ALA D 165 -27.77 41.44 14.20
C ALA D 165 -26.49 41.10 13.45
N GLY D 166 -26.02 41.95 12.55
CA GLY D 166 -24.90 41.60 11.70
C GLY D 166 -25.28 40.86 10.44
N ALA D 167 -26.58 40.80 10.14
CA ALA D 167 -27.08 40.17 8.91
C ALA D 167 -27.12 41.25 7.86
N THR D 168 -26.03 41.36 7.09
CA THR D 168 -25.82 42.48 6.17
C THR D 168 -25.86 42.09 4.71
N SER D 169 -25.87 40.80 4.37
CA SER D 169 -25.82 40.35 2.98
C SER D 169 -27.21 40.08 2.40
N GLN D 170 -28.23 40.01 3.23
CA GLN D 170 -29.53 39.48 2.86
C GLN D 170 -30.49 40.59 2.43
N TYR D 171 -31.34 40.28 1.47
CA TYR D 171 -32.42 41.20 1.12
C TYR D 171 -33.47 41.20 2.22
N VAL D 172 -34.01 42.38 2.51
CA VAL D 172 -35.12 42.52 3.45
C VAL D 172 -36.38 42.83 2.64
N ASN D 173 -37.37 41.94 2.75
CA ASN D 173 -38.65 42.12 2.07
C ASN D 173 -39.56 42.92 2.99
N VAL D 174 -39.99 44.09 2.53
CA VAL D 174 -40.91 44.92 3.31
C VAL D 174 -42.31 44.79 2.73
N GLU D 175 -43.29 44.56 3.60
CA GLU D 175 -44.67 44.34 3.19
C GLU D 175 -45.54 45.50 3.64
N GLY D 176 -46.51 45.86 2.79
CA GLY D 176 -47.43 46.93 3.11
C GLY D 176 -48.64 46.48 3.93
N ASN D 177 -49.39 47.48 4.37
CA ASN D 177 -50.71 47.34 4.96
C ASN D 177 -51.68 46.76 3.92
N SER D 178 -52.93 46.54 4.35
CA SER D 178 -53.99 46.11 3.43
C SER D 178 -53.57 44.87 2.65
N TYR D 179 -53.03 43.88 3.38
CA TYR D 179 -52.59 42.61 2.83
C TYR D 179 -51.52 42.78 1.73
N THR D 180 -50.75 43.86 1.82
CA THR D 180 -49.71 44.29 0.87
C THR D 180 -50.13 44.06 -0.59
N GLY D 181 -51.40 44.33 -0.90
CA GLY D 181 -51.89 44.10 -2.25
C GLY D 181 -51.31 45.09 -3.24
N ALA D 182 -50.77 44.57 -4.34
CA ALA D 182 -50.22 45.45 -5.36
C ALA D 182 -51.29 46.37 -5.95
N TRP D 183 -52.48 45.84 -6.21
CA TRP D 183 -53.52 46.62 -6.87
C TRP D 183 -54.03 47.79 -6.02
N THR D 184 -53.83 47.75 -4.70
CA THR D 184 -54.31 48.82 -3.84
C THR D 184 -53.17 49.64 -3.24
N TRP D 185 -51.97 49.52 -3.79
CA TRP D 185 -50.79 50.15 -3.19
C TRP D 185 -51.00 51.66 -3.00
N THR D 186 -51.65 52.32 -3.96
CA THR D 186 -51.84 53.77 -3.92
C THR D 186 -53.25 54.19 -3.49
N THR D 187 -54.13 53.25 -3.15
CA THR D 187 -55.52 53.59 -2.87
C THR D 187 -56.02 53.12 -1.51
N ALA D 188 -55.66 51.93 -1.06
CA ALA D 188 -56.19 51.44 0.20
C ALA D 188 -55.63 52.27 1.35
N GLU D 189 -56.51 52.68 2.27
CA GLU D 189 -56.12 53.51 3.40
C GLU D 189 -56.07 52.70 4.67
N GLY D 190 -55.05 52.95 5.49
CA GLY D 190 -55.00 52.38 6.82
C GLY D 190 -55.99 53.11 7.73
N THR D 191 -56.01 52.70 9.00
CA THR D 191 -56.92 53.33 9.95
C THR D 191 -56.53 54.78 10.23
N ASP D 192 -55.30 55.18 9.90
CA ASP D 192 -54.89 56.58 10.01
C ASP D 192 -55.12 57.35 8.73
N GLY D 193 -55.78 56.75 7.74
CA GLY D 193 -56.07 57.41 6.50
C GLY D 193 -54.97 57.38 5.46
N LEU D 194 -53.83 56.75 5.75
CA LEU D 194 -52.68 56.80 4.85
C LEU D 194 -52.54 55.48 4.09
N THR D 195 -52.13 55.59 2.82
CA THR D 195 -51.91 54.45 1.95
C THR D 195 -50.48 53.92 2.06
N ASN D 196 -50.25 52.75 1.44
CA ASN D 196 -48.89 52.24 1.36
C ASN D 196 -47.99 53.18 0.58
N ALA D 197 -48.48 53.71 -0.54
CA ALA D 197 -47.65 54.61 -1.34
C ALA D 197 -47.24 55.84 -0.53
N GLN D 198 -48.09 56.30 0.38
CA GLN D 198 -47.78 57.50 1.15
C GLN D 198 -46.75 57.23 2.25
N THR D 199 -46.72 56.01 2.79
CA THR D 199 -45.95 55.75 4.00
C THR D 199 -44.72 54.87 3.78
N MET D 200 -44.65 54.14 2.68
CA MET D 200 -43.68 53.05 2.54
C MET D 200 -42.42 53.49 1.80
N GLY D 201 -42.41 54.69 1.22
CA GLY D 201 -41.30 55.10 0.37
C GLY D 201 -40.03 55.47 1.10
N ASN D 202 -40.13 55.95 2.34
CA ASN D 202 -38.94 56.50 3.00
C ASN D 202 -38.15 55.46 3.79
N LEU D 203 -38.56 54.19 3.77
CA LEU D 203 -37.80 53.12 4.42
C LEU D 203 -36.36 53.13 3.93
N THR D 204 -35.43 52.95 4.87
CA THR D 204 -34.02 53.06 4.52
C THR D 204 -33.28 51.86 5.10
N ASP D 205 -32.27 51.40 4.36
CA ASP D 205 -31.53 50.19 4.71
C ASP D 205 -30.05 50.52 4.55
N PRO D 206 -29.24 50.40 5.59
CA PRO D 206 -27.81 50.70 5.45
C PRO D 206 -27.12 49.86 4.40
N GLU D 207 -27.68 48.70 4.04
CA GLU D 207 -27.11 47.83 3.01
C GLU D 207 -27.77 47.98 1.65
N ASP D 208 -28.80 48.82 1.53
CA ASP D 208 -29.48 49.07 0.26
C ASP D 208 -29.96 47.78 -0.40
N LYS D 209 -30.68 46.97 0.37
CA LYS D 209 -31.20 45.69 -0.13
C LYS D 209 -32.66 45.52 0.27
N ILE D 210 -33.47 46.57 0.08
CA ILE D 210 -34.90 46.48 0.32
C ILE D 210 -35.60 45.99 -0.94
N LEU D 211 -36.43 44.96 -0.79
CA LEU D 211 -37.35 44.51 -1.82
C LEU D 211 -38.78 44.83 -1.36
N TYR D 212 -39.49 45.62 -2.15
CA TYR D 212 -40.89 45.87 -1.84
C TYR D 212 -41.69 44.64 -2.20
N HIS D 213 -42.35 44.08 -1.21
CA HIS D 213 -42.91 42.73 -1.30
C HIS D 213 -44.42 42.87 -1.33
N MET D 214 -45.00 42.76 -2.53
CA MET D 214 -46.44 42.82 -2.65
C MET D 214 -47.03 41.50 -3.17
N HIS D 215 -48.33 41.37 -2.94
CA HIS D 215 -49.09 40.17 -3.26
C HIS D 215 -50.17 40.54 -4.27
N GLN D 216 -50.57 39.58 -5.10
CA GLN D 216 -51.68 39.89 -6.03
C GLN D 216 -52.47 38.62 -6.31
N TYR D 217 -53.72 38.59 -5.87
CA TYR D 217 -54.64 37.56 -6.30
C TYR D 217 -55.56 38.10 -7.38
N LEU D 218 -56.28 37.18 -8.02
CA LEU D 218 -56.93 37.47 -9.30
C LEU D 218 -58.43 37.37 -9.24
N ASP D 219 -59.03 37.06 -8.09
CA ASP D 219 -60.47 37.01 -7.97
C ASP D 219 -61.01 38.41 -7.68
N SER D 220 -62.34 38.51 -7.57
CA SER D 220 -63.00 39.82 -7.60
C SER D 220 -62.51 40.74 -6.49
N ASP D 221 -62.39 40.23 -5.27
CA ASP D 221 -61.99 41.07 -4.15
C ASP D 221 -60.52 40.94 -3.80
N GLY D 222 -59.71 40.28 -4.63
CA GLY D 222 -58.30 40.12 -4.36
C GLY D 222 -57.95 39.27 -3.16
N SER D 223 -58.91 38.51 -2.63
CA SER D 223 -58.66 37.69 -1.44
C SER D 223 -58.05 36.35 -1.79
N GLY D 224 -58.12 35.93 -3.05
CA GLY D 224 -57.64 34.61 -3.40
C GLY D 224 -58.44 33.48 -2.78
N THR D 225 -59.71 33.72 -2.44
CA THR D 225 -60.55 32.68 -1.87
C THR D 225 -61.56 32.12 -2.87
N SER D 226 -61.60 32.66 -4.09
CA SER D 226 -62.46 32.15 -5.14
C SER D 226 -61.62 31.57 -6.27
N SER D 227 -62.11 30.50 -6.88
CA SER D 227 -61.44 29.92 -8.03
C SER D 227 -61.71 30.70 -9.32
N THR D 228 -62.57 31.71 -9.27
CA THR D 228 -62.91 32.50 -10.44
C THR D 228 -62.00 33.72 -10.54
N CYS D 229 -61.24 33.81 -11.62
CA CYS D 229 -60.46 35.01 -11.90
C CYS D 229 -61.27 35.99 -12.73
N VAL D 230 -61.06 37.29 -12.48
CA VAL D 230 -61.96 38.31 -13.02
C VAL D 230 -61.97 38.27 -14.54
N ASN D 231 -60.79 38.27 -15.15
CA ASN D 231 -60.69 38.21 -16.60
C ASN D 231 -59.24 37.89 -16.95
N SER D 232 -58.97 37.74 -18.25
CA SER D 232 -57.72 37.16 -18.71
C SER D 232 -56.52 38.09 -18.58
N THR D 233 -56.71 39.37 -18.27
CA THR D 233 -55.58 40.26 -18.06
C THR D 233 -55.62 40.94 -16.68
N ILE D 234 -56.39 40.38 -15.74
CA ILE D 234 -56.61 41.06 -14.46
C ILE D 234 -55.31 41.17 -13.67
N GLY D 235 -54.40 40.20 -13.82
CA GLY D 235 -53.13 40.26 -13.13
C GLY D 235 -52.25 41.42 -13.56
N ALA D 236 -51.90 41.45 -14.84
CA ALA D 236 -51.09 42.53 -15.39
C ALA D 236 -51.70 43.90 -15.10
N THR D 237 -53.00 44.04 -15.36
CA THR D 237 -53.63 45.33 -15.12
C THR D 237 -53.59 45.70 -13.63
N ARG D 238 -53.67 44.72 -12.73
CA ARG D 238 -53.63 45.04 -11.30
C ARG D 238 -52.25 45.44 -10.81
N LEU D 239 -51.20 45.23 -11.61
CA LEU D 239 -49.87 45.64 -11.20
C LEU D 239 -49.50 47.03 -11.68
N MET D 240 -50.30 47.67 -12.55
CA MET D 240 -49.79 48.89 -13.19
C MET D 240 -49.69 50.09 -12.22
N ASP D 241 -50.58 50.24 -11.25
CA ASP D 241 -50.41 51.32 -10.27
C ASP D 241 -49.08 51.17 -9.55
N ALA D 242 -48.79 49.96 -9.08
CA ALA D 242 -47.58 49.74 -8.29
C ALA D 242 -46.34 49.91 -9.15
N THR D 243 -46.40 49.46 -10.41
CA THR D 243 -45.27 49.64 -11.30
C THR D 243 -44.93 51.12 -11.47
N ALA D 244 -45.94 51.98 -11.66
CA ALA D 244 -45.66 53.39 -11.78
C ALA D 244 -45.01 53.95 -10.50
N TRP D 245 -45.51 53.53 -9.34
CA TRP D 245 -44.92 53.99 -8.09
C TRP D 245 -43.48 53.52 -7.94
N LEU D 246 -43.22 52.25 -8.27
CA LEU D 246 -41.85 51.72 -8.14
C LEU D 246 -40.88 52.46 -9.05
N LYS D 247 -41.27 52.67 -10.31
CA LYS D 247 -40.39 53.37 -11.24
C LYS D 247 -40.16 54.79 -10.78
N SER D 248 -41.24 55.49 -10.42
CA SER D 248 -41.13 56.90 -10.07
C SER D 248 -40.28 57.10 -8.80
N ASN D 249 -40.34 56.15 -7.87
CA ASN D 249 -39.62 56.26 -6.61
C ASN D 249 -38.32 55.48 -6.59
N ASN D 250 -37.91 54.92 -7.72
CA ASN D 250 -36.62 54.25 -7.81
C ASN D 250 -36.52 53.10 -6.81
N LYS D 251 -37.58 52.30 -6.72
CA LYS D 251 -37.61 51.12 -5.86
C LYS D 251 -37.71 49.86 -6.69
N ILE D 252 -37.43 48.71 -6.05
CA ILE D 252 -37.59 47.42 -6.72
C ILE D 252 -38.44 46.51 -5.84
N ALA D 253 -39.13 45.57 -6.49
CA ALA D 253 -40.18 44.81 -5.82
C ALA D 253 -40.08 43.34 -6.20
N ILE D 254 -40.86 42.53 -5.49
CA ILE D 254 -41.01 41.11 -5.78
C ILE D 254 -42.47 40.77 -5.53
N LEU D 255 -43.04 39.91 -6.38
CA LEU D 255 -44.44 39.50 -6.20
C LEU D 255 -44.42 38.24 -5.34
N GLY D 256 -44.58 38.42 -4.02
CA GLY D 256 -44.27 37.34 -3.09
C GLY D 256 -45.37 36.32 -2.87
N GLN D 257 -46.59 36.63 -3.29
CA GLN D 257 -47.69 35.68 -3.31
C GLN D 257 -48.58 36.05 -4.49
N TYR D 258 -48.97 35.03 -5.24
CA TYR D 258 -49.95 35.17 -6.31
C TYR D 258 -50.41 33.76 -6.65
N ALA D 259 -51.59 33.65 -7.24
CA ALA D 259 -52.10 32.36 -7.68
C ALA D 259 -53.31 32.58 -8.56
N GLY D 260 -53.57 31.58 -9.38
CA GLY D 260 -54.85 31.44 -10.04
C GLY D 260 -55.24 29.97 -9.97
N ALA D 261 -56.54 29.72 -10.06
CA ALA D 261 -57.01 28.36 -10.02
C ALA D 261 -56.79 27.69 -11.36
N VAL D 262 -57.02 26.37 -11.40
CA VAL D 262 -56.78 25.62 -12.63
C VAL D 262 -57.99 25.75 -13.55
N ASN D 263 -58.03 26.85 -14.28
CA ASN D 263 -59.01 27.10 -15.33
C ASN D 263 -58.40 28.12 -16.27
N SER D 264 -59.02 28.29 -17.44
CA SER D 264 -58.33 28.99 -18.52
C SER D 264 -58.24 30.49 -18.28
N VAL D 265 -59.29 31.10 -17.73
CA VAL D 265 -59.21 32.53 -17.49
C VAL D 265 -58.11 32.83 -16.47
N CYS D 266 -58.04 32.03 -15.40
CA CYS D 266 -56.96 32.21 -14.43
C CYS D 266 -55.60 31.97 -15.07
N GLU D 267 -55.48 30.90 -15.87
CA GLU D 267 -54.18 30.56 -16.44
C GLU D 267 -53.66 31.67 -17.34
N GLU D 268 -54.54 32.22 -18.18
CA GLU D 268 -54.16 33.33 -19.04
C GLU D 268 -53.78 34.55 -18.20
N ALA D 269 -54.55 34.84 -17.16
CA ALA D 269 -54.21 35.98 -16.31
C ALA D 269 -52.85 35.79 -15.65
N VAL D 270 -52.56 34.57 -15.20
CA VAL D 270 -51.25 34.30 -14.60
C VAL D 270 -50.14 34.51 -15.62
N GLU D 271 -50.23 33.88 -16.79
CA GLU D 271 -49.12 34.05 -17.73
C GLU D 271 -48.96 35.51 -18.15
N GLY D 272 -50.07 36.22 -18.36
CA GLY D 272 -49.98 37.62 -18.73
C GLY D 272 -49.31 38.44 -17.65
N MET D 273 -49.56 38.09 -16.38
CA MET D 273 -48.97 38.86 -15.29
C MET D 273 -47.48 38.61 -15.21
N LEU D 274 -47.06 37.35 -15.39
CA LEU D 274 -45.64 37.02 -15.40
C LEU D 274 -44.94 37.62 -16.62
N ASP D 275 -45.61 37.62 -17.78
CA ASP D 275 -45.08 38.32 -18.95
C ASP D 275 -44.87 39.80 -18.66
N TYR D 276 -45.85 40.43 -17.99
CA TYR D 276 -45.76 41.83 -17.63
C TYR D 276 -44.55 42.08 -16.72
N ILE D 277 -44.35 41.21 -15.74
CA ILE D 277 -43.17 41.32 -14.87
C ILE D 277 -41.88 41.24 -15.68
N ASP D 278 -41.81 40.34 -16.66
CA ASP D 278 -40.62 40.28 -17.51
C ASP D 278 -40.43 41.60 -18.27
N GLU D 279 -41.52 42.17 -18.80
CA GLU D 279 -41.39 43.42 -19.54
C GLU D 279 -41.03 44.58 -18.63
N ASN D 280 -41.34 44.49 -17.35
CA ASN D 280 -41.05 45.53 -16.36
C ASN D 280 -40.05 45.01 -15.33
N SER D 281 -39.07 44.26 -15.80
CA SER D 281 -38.06 43.65 -14.94
C SER D 281 -37.12 44.67 -14.34
N ASP D 282 -37.17 45.95 -14.77
CA ASP D 282 -36.38 46.97 -14.10
C ASP D 282 -36.84 47.16 -12.66
N VAL D 283 -38.12 46.90 -12.38
CA VAL D 283 -38.64 47.10 -11.03
C VAL D 283 -39.25 45.85 -10.43
N TRP D 284 -39.56 44.83 -11.21
CA TRP D 284 -40.06 43.56 -10.67
C TRP D 284 -38.95 42.52 -10.79
N THR D 285 -38.48 42.03 -9.64
CA THR D 285 -37.38 41.06 -9.60
C THR D 285 -37.84 39.63 -9.75
N GLY D 286 -39.14 39.35 -9.66
CA GLY D 286 -39.61 37.99 -9.78
C GLY D 286 -40.94 37.80 -9.06
N ALA D 287 -41.28 36.53 -8.84
CA ALA D 287 -42.61 36.20 -8.35
C ALA D 287 -42.56 34.84 -7.66
N ILE D 288 -43.39 34.68 -6.64
CA ILE D 288 -43.40 33.47 -5.81
C ILE D 288 -44.83 32.98 -5.70
N TRP D 289 -45.06 31.75 -6.18
CA TRP D 289 -46.40 31.18 -6.24
C TRP D 289 -46.91 30.80 -4.85
N TRP D 290 -48.21 31.02 -4.60
CA TRP D 290 -48.90 30.53 -3.40
C TRP D 290 -49.81 29.38 -3.82
N ALA D 291 -49.49 28.15 -3.41
CA ALA D 291 -48.35 27.81 -2.55
C ALA D 291 -48.02 26.32 -2.73
N ALA D 292 -46.82 25.94 -2.30
CA ALA D 292 -46.48 24.53 -2.09
C ALA D 292 -46.51 24.24 -0.59
N GLY D 293 -46.12 23.02 -0.21
CA GLY D 293 -46.27 22.57 1.15
C GLY D 293 -46.92 21.20 1.19
N PRO D 294 -46.65 20.43 2.24
CA PRO D 294 -47.02 19.01 2.23
C PRO D 294 -48.40 18.67 2.78
N TRP D 295 -49.13 19.63 3.33
CA TRP D 295 -50.43 19.39 3.96
C TRP D 295 -51.58 20.10 3.26
N TRP D 296 -51.45 20.34 1.96
CA TRP D 296 -52.48 21.08 1.24
C TRP D 296 -53.60 20.20 0.68
N GLY D 297 -53.33 18.92 0.47
CA GLY D 297 -54.34 18.07 -0.14
C GLY D 297 -54.76 18.68 -1.47
N ASP D 298 -56.07 18.71 -1.72
CA ASP D 298 -56.57 19.18 -3.01
C ASP D 298 -56.89 20.67 -3.03
N TYR D 299 -56.15 21.46 -2.24
CA TYR D 299 -56.23 22.91 -2.30
C TYR D 299 -56.12 23.40 -3.73
N MET D 300 -57.02 24.32 -4.10
CA MET D 300 -57.10 24.76 -5.48
C MET D 300 -55.80 25.40 -5.99
N PHE D 301 -54.96 25.93 -5.11
CA PHE D 301 -53.71 26.58 -5.51
C PHE D 301 -52.48 25.74 -5.26
N SER D 302 -52.60 24.50 -4.76
CA SER D 302 -51.40 23.78 -4.36
C SER D 302 -50.61 23.29 -5.56
N VAL D 303 -49.31 23.62 -5.58
CA VAL D 303 -48.39 23.08 -6.57
C VAL D 303 -47.45 22.06 -5.95
N GLU D 304 -47.77 21.53 -4.77
CA GLU D 304 -46.92 20.48 -4.20
C GLU D 304 -46.83 19.35 -5.22
N PRO D 305 -45.63 18.84 -5.50
CA PRO D 305 -45.50 17.94 -6.67
C PRO D 305 -46.35 16.67 -6.57
N ASP D 306 -46.38 16.01 -5.41
CA ASP D 306 -47.00 14.68 -5.41
C ASP D 306 -48.52 14.77 -5.57
N ASN D 307 -49.16 15.80 -5.02
CA ASN D 307 -50.62 15.82 -5.06
C ASN D 307 -51.26 17.19 -5.25
N GLY D 308 -50.49 18.22 -5.61
CA GLY D 308 -51.06 19.54 -5.82
C GLY D 308 -51.86 19.60 -7.11
N PRO D 309 -53.13 19.99 -7.02
CA PRO D 309 -53.97 20.05 -8.23
C PRO D 309 -53.50 21.09 -9.23
N ALA D 310 -52.74 22.09 -8.78
CA ALA D 310 -52.26 23.14 -9.65
C ALA D 310 -50.86 22.87 -10.19
N TYR D 311 -50.21 21.78 -9.77
CA TYR D 311 -48.84 21.51 -10.17
C TYR D 311 -48.70 21.43 -11.69
N SER D 312 -49.48 20.57 -12.33
CA SER D 312 -49.21 20.30 -13.74
C SER D 312 -49.42 21.54 -14.60
N THR D 313 -50.35 22.40 -14.22
CA THR D 313 -50.62 23.60 -15.00
C THR D 313 -49.57 24.68 -14.73
N TYR D 314 -49.30 24.94 -13.45
CA TYR D 314 -48.56 26.15 -13.12
C TYR D 314 -47.08 25.94 -12.88
N ASP D 315 -46.63 24.71 -12.62
CA ASP D 315 -45.20 24.48 -12.47
C ASP D 315 -44.44 24.88 -13.73
N PRO D 316 -44.82 24.44 -14.92
CA PRO D 316 -44.11 24.92 -16.12
C PRO D 316 -44.23 26.41 -16.37
N ILE D 317 -45.34 27.04 -15.97
CA ILE D 317 -45.50 28.47 -16.17
C ILE D 317 -44.51 29.24 -15.28
N ILE D 318 -44.40 28.85 -14.02
CA ILE D 318 -43.41 29.44 -13.13
C ILE D 318 -42.02 29.31 -13.72
N LEU D 319 -41.71 28.14 -14.30
CA LEU D 319 -40.38 27.88 -14.83
C LEU D 319 -40.09 28.62 -16.12
N GLU D 320 -41.10 29.10 -16.82
CA GLU D 320 -40.89 29.87 -18.03
C GLU D 320 -40.07 31.12 -17.75
C1 BMA E . 17.12 14.77 4.00
C2 BMA E . 16.24 15.41 5.04
C3 BMA E . 15.12 14.58 5.50
C4 BMA E . 14.44 13.98 4.34
C5 BMA E . 15.41 13.21 3.36
C6 BMA E . 14.68 12.59 2.34
O1 BMA E . 18.11 15.69 3.64
O2 BMA E . 15.67 16.64 4.47
O3 BMA E . 14.15 15.41 6.26
O4 BMA E . 13.44 13.07 4.83
O5 BMA E . 16.38 14.29 2.83
O6 BMA E . 15.57 12.33 1.26
H1 BMA E . 17.62 13.90 4.41
H2 BMA E . 16.88 15.62 5.90
H3 BMA E . 15.49 13.82 6.18
H4 BMA E . 13.97 14.77 3.77
H5 BMA E . 15.99 12.43 3.89
H61 BMA E . 14.26 11.66 2.69
H62 BMA E . 13.89 13.24 2.00
HO1 BMA E . 18.38 15.51 2.74
HO2 BMA E . 15.87 16.71 3.54
HO3 BMA E . 13.47 14.85 6.62
HO6 BMA E . 16.46 12.30 1.60
C1 BMA E . 12.13 13.35 4.34
C2 BMA E . 11.71 12.11 3.64
C3 BMA E . 10.29 11.84 3.62
C4 BMA E . 9.52 12.43 4.74
C5 BMA E . 9.83 13.92 5.06
C6 BMA E . 9.07 14.43 6.14
O2 BMA E . 12.38 10.93 4.24
O3 BMA E . 10.08 10.38 3.71
O4 BMA E . 8.14 12.41 4.31
O5 BMA E . 11.30 13.84 5.45
O6 BMA E . 9.95 15.24 6.88
H1 BMA E . 12.09 14.17 3.61
H2 BMA E . 12.05 12.23 2.60
H3 BMA E . 9.91 12.26 2.68
H4 BMA E . 9.74 11.85 5.64
H5 BMA E . 9.62 14.55 4.22
H61 BMA E . 8.23 15.03 5.77
H62 BMA E . 8.70 13.61 6.76
HO2 BMA E . 13.03 11.22 4.85
HO3 BMA E . 10.92 9.93 3.72
HO6 BMA E . 10.64 14.69 7.24
C1 BMA E . 7.37 11.24 4.61
C2 BMA E . 6.03 11.83 4.75
C3 BMA E . 4.93 10.85 4.79
C4 BMA E . 5.05 9.88 3.71
C5 BMA E . 6.42 9.18 3.67
C6 BMA E . 6.54 8.28 2.55
O2 BMA E . 5.81 12.69 3.56
O3 BMA E . 3.67 11.58 4.62
O4 BMA E . 4.11 8.81 3.96
O5 BMA E . 7.48 10.29 3.52
O6 BMA E . 7.93 7.95 2.54
H1 BMA E . 7.70 10.70 5.51
H2 BMA E . 5.99 12.40 5.67
H3 BMA E . 4.94 10.33 5.73
H4 BMA E . 4.86 10.40 2.78
H5 BMA E . 6.52 8.62 4.59
H61 BMA E . 5.93 7.38 2.70
H62 BMA E . 6.25 8.78 1.60
HO2 BMA E . 6.51 12.57 2.94
HO3 BMA E . 3.77 12.20 3.92
HO6 BMA E . 8.42 8.64 3.00
C1 BMA E . 2.87 8.96 3.29
C2 BMA E . 2.36 7.60 3.01
C3 BMA E . 0.96 7.68 2.60
C4 BMA E . 0.09 8.40 3.55
C5 BMA E . 0.57 9.86 3.68
C6 BMA E . -0.13 10.68 4.62
O2 BMA E . 2.51 6.74 4.19
O3 BMA E . 0.49 6.29 2.38
O4 BMA E . -1.25 8.44 2.99
O5 BMA E . 2.03 9.76 4.17
O6 BMA E . 0.76 11.61 5.17
H1 BMA E . 2.96 9.47 2.35
H2 BMA E . 2.95 7.14 2.25
H3 BMA E . 0.88 8.23 1.67
H4 BMA E . 0.07 7.91 4.50
H5 BMA E . 0.43 10.30 2.71
H61 BMA E . -0.92 11.19 4.11
H62 BMA E . -0.55 10.08 5.39
HO2 BMA E . 3.38 6.83 4.52
HO3 BMA E . 0.48 6.11 1.44
HO4 BMA E . -1.40 7.66 2.48
HO6 BMA E . 0.57 12.49 4.82
C1 BMA F . 14.72 17.07 -5.85
C2 BMA F . 15.43 16.16 -6.80
C3 BMA F . 14.57 15.04 -7.14
C4 BMA F . 13.99 14.34 -5.98
C5 BMA F . 13.45 15.26 -4.81
C6 BMA F . 13.17 14.52 -3.63
O1 BMA F . 15.43 18.25 -5.66
O2 BMA F . 16.68 15.66 -6.21
O3 BMA F . 15.33 14.06 -7.98
O4 BMA F . 12.84 13.66 -6.49
O5 BMA F . 14.46 16.40 -4.56
O6 BMA F . 14.23 14.65 -2.68
C1 BMA F . 12.83 12.30 -6.09
C2 BMA F . 11.52 11.75 -6.53
C3 BMA F . 11.41 10.29 -6.44
C4 BMA F . 12.66 9.48 -6.50
C5 BMA F . 14.06 10.16 -6.37
C6 BMA F . 14.99 9.48 -7.21
O2 BMA F . 11.25 12.19 -7.92
O3 BMA F . 10.49 9.86 -7.52
O4 BMA F . 12.62 8.50 -5.41
O5 BMA F . 13.96 11.64 -6.76
O6 BMA F . 15.91 10.39 -7.78
C1 BMA F . 11.66 7.49 -5.68
C2 BMA F . 12.29 6.18 -5.40
C3 BMA F . 11.29 5.08 -5.50
C4 BMA F . 10.11 5.30 -4.63
C5 BMA F . 9.42 6.64 -4.90
C6 BMA F . 8.36 6.91 -3.94
O2 BMA F . 12.86 6.21 -4.05
O3 BMA F . 11.94 3.77 -5.18
O4 BMA F . 9.11 4.30 -4.96
O5 BMA F . 10.51 7.75 -4.81
O6 BMA F . 7.96 8.26 -4.07
C1 BMA F . 9.27 3.10 -4.21
C2 BMA F . 7.92 2.59 -3.83
C3 BMA F . 8.01 1.23 -3.30
C4 BMA F . 8.71 0.30 -4.22
C5 BMA F . 10.15 0.78 -4.50
C6 BMA F . 10.85 -0.04 -5.47
O2 BMA F . 7.01 2.61 -5.01
O3 BMA F . 6.63 0.74 -3.00
O4 BMA F . 8.75 -1.01 -3.60
O5 BMA F . 10.03 2.21 -5.06
O6 BMA F . 11.97 0.68 -5.95
C1 BMA G . 33.53 -52.57 -2.85
C2 BMA G . 32.61 -53.75 -2.71
C3 BMA G . 31.89 -54.06 -3.95
C4 BMA G . 31.15 -52.91 -4.50
C5 BMA G . 32.09 -51.66 -4.67
C6 BMA G . 31.38 -50.50 -5.07
O1 BMA G . 34.11 -52.23 -1.64
O2 BMA G . 31.67 -53.46 -1.62
O3 BMA G . 30.96 -55.21 -3.70
O4 BMA G . 30.72 -53.20 -5.85
O5 BMA G . 32.79 -51.40 -3.33
O6 BMA G . 32.37 -49.54 -5.47
C1 BMA G . 29.29 -53.15 -5.94
C2 BMA G . 28.84 -53.19 -7.37
C3 BMA G . 27.36 -53.19 -7.44
C4 BMA G . 26.71 -54.19 -6.55
C5 BMA G . 27.29 -54.20 -5.10
C6 BMA G . 26.79 -55.29 -4.33
O2 BMA G . 29.41 -54.38 -8.03
O3 BMA G . 26.91 -53.31 -8.84
O4 BMA G . 25.34 -53.77 -6.30
O5 BMA G . 28.80 -54.32 -5.21
O6 BMA G . 27.45 -56.44 -4.80
C1 BMA G . 24.43 -54.25 -7.28
C2 BMA G . 23.12 -54.31 -6.61
C3 BMA G . 22.01 -54.51 -7.57
C4 BMA G . 22.05 -53.51 -8.67
C5 BMA G . 23.39 -53.52 -9.42
C6 BMA G . 23.42 -52.42 -10.36
O2 BMA G . 22.91 -53.01 -5.95
O3 BMA G . 20.75 -54.38 -6.80
O4 BMA G . 21.04 -53.79 -9.67
O5 BMA G . 24.46 -53.25 -8.34
O6 BMA G . 24.68 -52.47 -11.00
C1 BMA G . 20.11 -52.70 -9.74
C2 BMA G . 19.23 -52.91 -10.91
C3 BMA G . 18.11 -51.95 -10.93
C4 BMA G . 17.37 -51.89 -9.64
C5 BMA G . 18.31 -51.57 -8.46
C6 BMA G . 17.61 -51.63 -7.22
O2 BMA G . 18.72 -54.29 -10.83
O3 BMA G . 17.17 -52.27 -12.04
O4 BMA G . 16.33 -50.87 -9.71
O5 BMA G . 19.39 -52.66 -8.47
O6 BMA G . 17.11 -52.93 -7.08
C1 NAG H . -23.62 -0.21 9.07
C2 NAG H . -22.96 -1.47 9.63
C3 NAG H . -23.80 -2.06 10.76
C4 NAG H . -24.08 -0.98 11.81
C5 NAG H . -24.72 0.22 11.13
C6 NAG H . -24.99 1.39 12.06
C7 NAG H . -21.54 -2.84 8.19
C8 NAG H . -21.48 -3.85 7.08
N2 NAG H . -22.75 -2.45 8.57
O3 NAG H . -23.11 -3.14 11.39
O4 NAG H . -24.94 -1.48 12.83
O5 NAG H . -23.83 0.73 10.11
O6 NAG H . -23.83 1.72 12.82
O7 NAG H . -20.52 -2.44 8.74
C1 NAG I . -23.23 -0.85 -8.10
C2 NAG I . -24.53 -0.63 -8.88
C3 NAG I . -25.18 -1.98 -9.21
C4 NAG I . -24.19 -2.86 -9.96
C5 NAG I . -22.87 -2.98 -9.17
C6 NAG I . -21.79 -3.70 -9.94
C7 NAG I . -26.13 1.25 -8.67
C8 NAG I . -27.02 2.00 -7.73
N2 NAG I . -25.45 0.22 -8.13
O3 NAG I . -26.36 -1.84 -9.98
O4 NAG I . -24.73 -4.17 -10.12
O5 NAG I . -22.35 -1.67 -8.88
O6 NAG I . -20.60 -3.81 -9.18
O7 NAG I . -26.03 1.57 -9.86
C1 NAG J . 7.13 18.79 19.84
C2 NAG J . 8.09 19.72 20.58
C3 NAG J . 8.83 20.63 19.59
C4 NAG J . 9.45 19.84 18.45
C5 NAG J . 8.40 18.95 17.81
C6 NAG J . 8.96 18.06 16.73
C7 NAG J . 7.52 20.27 22.90
C8 NAG J . 6.73 21.17 23.79
N2 NAG J . 7.41 20.50 21.58
O3 NAG J . 9.86 21.33 20.29
O4 NAG J . 9.98 20.73 17.48
O5 NAG J . 7.83 18.09 18.81
O6 NAG J . 9.75 17.00 17.27
O7 NAG J . 8.25 19.38 23.35
C1 NAG K . 1.09 29.36 -13.24
C2 NAG K . 0.41 29.97 -14.43
C3 NAG K . 0.99 29.43 -15.76
C4 NAG K . 1.84 28.18 -15.58
C5 NAG K . 2.80 28.22 -14.38
C6 NAG K . 4.23 28.41 -14.78
C7 NAG K . -1.91 30.75 -14.43
C8 NAG K . -3.36 30.37 -14.38
N2 NAG K . -1.03 29.74 -14.39
O3 NAG K . 1.73 30.46 -16.41
O4 NAG K . 1.01 27.02 -15.50
O5 NAG K . 2.46 29.28 -13.49
O6 NAG K . 4.96 29.15 -13.80
O7 NAG K . -1.55 31.92 -14.50
C1 PEG L . -28.77 18.25 -6.18
O1 PEG L . -29.31 19.51 -5.80
C2 PEG L . -28.58 18.18 -7.66
O2 PEG L . -28.35 16.84 -8.08
C3 PEG L . -28.08 16.74 -9.47
C4 PEG L . -26.61 16.97 -9.70
O4 PEG L . -26.33 17.25 -11.05
H11 PEG L . -29.38 17.54 -5.90
H12 PEG L . -27.91 18.13 -5.75
HO1 PEG L . -30.16 19.56 -5.88
H21 PEG L . -27.83 18.72 -7.92
H22 PEG L . -29.38 18.51 -8.10
H31 PEG L . -28.59 17.42 -9.96
H32 PEG L . -28.33 15.87 -9.80
H41 PEG L . -26.13 16.16 -9.45
H42 PEG L . -26.32 17.71 -9.15
HO4 PEG L . -26.71 16.74 -11.61
C1 PEG M . -7.04 -1.91 4.07
O1 PEG M . -7.51 -2.39 5.32
C2 PEG M . -6.11 -0.73 4.24
O2 PEG M . -5.40 -0.49 3.03
C3 PEG M . -6.24 -0.04 1.97
C4 PEG M . -5.69 -0.51 0.65
O4 PEG M . -6.39 -1.65 0.17
H11 PEG M . -7.79 -1.64 3.53
H12 PEG M . -6.56 -2.63 3.61
HO1 PEG M . -7.14 -3.11 5.56
H21 PEG M . -5.48 -0.93 4.95
H22 PEG M . -6.63 0.04 4.48
H31 PEG M . -6.28 0.92 1.98
H32 PEG M . -7.13 -0.41 2.09
H41 PEG M . -4.75 -0.73 0.76
H42 PEG M . -5.78 0.21 0.00
HO4 PEG M . -6.69 -2.15 0.79
C1 PEG N . -0.83 -6.07 -3.75
O1 PEG N . 0.40 -5.76 -3.10
C2 PEG N . -0.64 -7.08 -4.83
O2 PEG N . -1.90 -7.38 -5.43
C3 PEG N . -1.77 -7.93 -6.74
C4 PEG N . -3.11 -8.37 -7.25
O4 PEG N . -3.22 -8.21 -8.65
H11 PEG N . -1.20 -5.25 -4.13
H12 PEG N . -1.45 -6.42 -3.09
HO1 PEG N . 0.93 -5.32 -3.58
H21 PEG N . -0.27 -7.89 -4.46
H22 PEG N . -0.03 -6.73 -5.50
H31 PEG N . -1.17 -8.69 -6.71
H32 PEG N . -1.40 -7.25 -7.34
H41 PEG N . -3.79 -7.83 -6.81
H42 PEG N . -3.23 -9.30 -7.02
HO4 PEG N . -2.79 -8.78 -9.10
C1 NAG O . 0.78 -24.02 -9.29
C2 NAG O . -0.49 -23.60 -10.05
C3 NAG O . -0.74 -24.50 -11.25
C4 NAG O . 0.50 -24.64 -12.12
C5 NAG O . 1.68 -25.08 -11.25
C6 NAG O . 2.99 -25.18 -12.00
C7 NAG O . -2.21 -22.51 -8.66
C8 NAG O . -3.41 -22.71 -7.77
N2 NAG O . -1.65 -23.62 -9.17
O3 NAG O . -1.81 -23.97 -12.03
O4 NAG O . 0.28 -25.61 -13.13
O5 NAG O . 1.88 -24.12 -10.22
O6 NAG O . 3.34 -23.95 -12.63
O7 NAG O . -1.77 -21.38 -8.92
C1 NAG P . 0.42 -23.22 8.13
C2 NAG P . 0.57 -24.33 9.18
C3 NAG P . -0.81 -24.88 9.55
C4 NAG P . -1.74 -23.75 9.98
C5 NAG P . -1.76 -22.63 8.94
C6 NAG P . -2.51 -21.42 9.43
C7 NAG P . 2.45 -25.87 9.38
C8 NAG P . 3.26 -26.95 8.71
N2 NAG P . 1.43 -25.39 8.69
O3 NAG P . -0.66 -25.79 10.63
O4 NAG P . -3.06 -24.24 10.16
O5 NAG P . -0.42 -22.20 8.64
O6 NAG P . -2.30 -20.29 8.59
O7 NAG P . 2.72 -25.47 10.52
C1 NAG Q . 18.68 7.21 -20.97
C2 NAG Q . 19.52 8.20 -21.78
C3 NAG Q . 20.42 9.04 -20.87
C4 NAG Q . 19.63 9.65 -19.72
C5 NAG Q . 18.89 8.54 -18.99
C6 NAG Q . 18.03 9.05 -17.84
C7 NAG Q . 20.02 7.46 -24.07
C8 NAG Q . 20.98 6.69 -24.94
N2 NAG Q . 20.33 7.50 -22.77
O3 NAG Q . 21.04 10.07 -21.64
O4 NAG Q . 20.51 10.31 -18.82
O5 NAG Q . 18.00 7.89 -19.92
O6 NAG Q . 16.90 9.78 -18.29
O7 NAG Q . 19.02 7.99 -24.53
C1 NAG R . 30.05 2.13 12.04
C2 NAG R . 30.39 1.57 13.40
C3 NAG R . 29.42 2.13 14.44
C4 NAG R . 29.45 3.65 14.40
C5 NAG R . 29.16 4.12 12.98
C6 NAG R . 29.29 5.62 12.82
C7 NAG R . 31.50 -0.60 13.44
C8 NAG R . 31.33 -2.09 13.36
N2 NAG R . 30.38 0.11 13.39
O3 NAG R . 29.76 1.67 15.75
O4 NAG R . 28.52 4.21 15.32
O5 NAG R . 30.09 3.54 12.07
O6 NAG R . 30.60 6.07 13.14
O7 NAG R . 32.59 -0.08 13.57
C1 NAG S . 15.98 -41.12 0.56
C2 NAG S . 15.07 -42.35 0.37
C3 NAG S . 13.86 -42.30 1.31
C4 NAG S . 14.25 -41.93 2.74
C5 NAG S . 15.12 -40.68 2.72
C6 NAG S . 15.59 -40.23 4.09
C7 NAG S . 15.13 -43.31 -1.90
C8 NAG S . 14.57 -43.23 -3.28
N2 NAG S . 14.64 -42.43 -1.01
O3 NAG S . 13.23 -43.58 1.31
O4 NAG S . 13.09 -41.68 3.51
O5 NAG S . 16.28 -40.95 1.93
O6 NAG S . 16.48 -41.17 4.68
O7 NAG S . 16.01 -44.11 -1.60
C1 NAG T . 21.10 -37.61 -14.83
C2 NAG T . 20.66 -36.35 -15.60
C3 NAG T . 19.36 -36.61 -16.38
C4 NAG T . 19.50 -37.84 -17.25
C5 NAG T . 19.89 -39.03 -16.39
C6 NAG T . 20.07 -40.30 -17.19
C7 NAG T . 21.10 -34.04 -14.85
C8 NAG T . 20.80 -33.01 -13.81
N2 NAG T . 20.49 -35.23 -14.70
O3 NAG T . 19.07 -35.46 -17.17
O4 NAG T . 18.27 -38.12 -17.90
O5 NAG T . 21.14 -38.76 -15.74
O6 NAG T . 21.12 -40.18 -18.14
O7 NAG T . 21.89 -33.82 -15.77
C1 NAG U . 44.64 -57.55 19.23
C2 NAG U . 45.15 -57.75 20.68
C3 NAG U . 46.67 -57.62 20.78
C4 NAG U . 47.38 -58.40 19.68
C5 NAG U . 46.78 -58.05 18.33
C6 NAG U . 47.37 -58.84 17.18
C7 NAG U . 43.78 -57.11 22.65
C8 NAG U . 43.21 -55.97 23.42
N2 NAG U . 44.50 -56.79 21.57
O3 NAG U . 47.09 -58.13 22.05
O4 NAG U . 48.76 -58.08 19.67
O5 NAG U . 45.38 -58.36 18.36
O6 NAG U . 47.00 -58.28 15.93
O7 NAG U . 43.62 -58.28 22.99
C1 NAG V . 59.59 -37.24 -7.05
C2 NAG V . 59.80 -36.16 -8.11
C3 NAG V . 59.71 -36.75 -9.51
C4 NAG V . 60.64 -37.94 -9.66
C5 NAG V . 60.35 -38.96 -8.56
C6 NAG V . 61.27 -40.15 -8.59
C7 NAG V . 59.15 -33.84 -7.58
C8 NAG V . 58.00 -32.87 -7.48
N2 NAG V . 58.83 -35.08 -7.94
O3 NAG V . 60.03 -35.76 -10.49
O4 NAG V . 60.41 -38.54 -10.94
O5 NAG V . 60.51 -38.33 -7.28
O6 NAG V . 62.64 -39.77 -8.53
O7 NAG V . 60.31 -33.51 -7.32
C1 NAG W . 54.92 -47.06 -18.10
C2 NAG W . 55.84 -48.08 -18.80
C3 NAG W . 57.33 -47.70 -18.67
C4 NAG W . 57.58 -46.23 -18.96
C5 NAG W . 56.64 -45.39 -18.11
C6 NAG W . 56.79 -43.88 -18.28
C7 NAG W . 54.81 -50.32 -18.82
C8 NAG W . 54.72 -51.64 -18.12
N2 NAG W . 55.62 -49.41 -18.26
O3 NAG W . 58.09 -48.51 -19.56
O4 NAG W . 58.93 -45.91 -18.64
O5 NAG W . 55.30 -45.73 -18.46
O6 NAG W . 57.44 -43.53 -19.50
O7 NAG W . 54.18 -50.07 -19.85
C1 NAG X . -36.49 18.30 16.78
C2 NAG X . -36.83 18.02 15.31
C3 NAG X . -38.12 18.71 14.90
C4 NAG X . -39.24 18.56 15.94
C5 NAG X . -38.72 18.83 17.34
C6 NAG X . -39.74 18.56 18.41
C7 NAG X . -34.90 19.44 14.58
C8 NAG X . -33.88 19.61 13.49
N2 NAG X . -35.75 18.41 14.41
O1 NAG X . -35.43 17.49 17.17
O4 NAG X . -40.23 19.54 15.67
O5 NAG X . -37.60 17.97 17.59
O6 NAG X . -40.95 19.28 18.14
O7 NAG X . -34.92 20.18 15.55
C1 NAG Y . -42.22 14.46 -0.42
C2 NAG Y . -43.44 13.54 -0.33
C3 NAG Y . -43.31 12.37 -1.31
C4 NAG Y . -42.92 12.83 -2.69
C5 NAG Y . -41.69 13.72 -2.61
C6 NAG Y . -41.27 14.29 -3.94
C7 NAG Y . -44.67 13.33 1.80
C8 NAG Y . -45.73 14.17 1.19
N2 NAG Y . -43.61 13.05 1.04
O3 NAG Y . -44.55 11.67 -1.40
O4 NAG Y . -42.63 11.71 -3.52
O5 NAG Y . -41.99 14.83 -1.76
O6 NAG Y . -42.33 15.04 -4.51
O7 NAG Y . -44.77 12.90 2.95
C1 NAG Z . -60.07 43.06 -16.70
C2 NAG Z . -59.95 43.73 -18.09
C3 NAG Z . -59.17 45.04 -17.99
C4 NAG Z . -59.78 45.94 -16.91
C5 NAG Z . -59.84 45.18 -15.60
C6 NAG Z . -60.48 45.96 -14.48
C7 NAG Z . -59.82 42.62 -20.27
C8 NAG Z . -59.07 41.64 -21.13
N2 NAG Z . -59.33 42.83 -19.05
O3 NAG Z . -59.18 45.72 -19.25
O4 NAG Z . -58.97 47.11 -16.76
O5 NAG Z . -60.63 43.99 -15.76
O6 NAG Z . -61.87 46.20 -14.72
O7 NAG Z . -60.83 43.18 -20.68
C1 NAG AA . -40.20 58.27 7.55
C2 NAG AA . -39.06 58.53 8.55
C3 NAG AA . -39.59 58.50 10.00
C4 NAG AA . -40.81 59.40 10.15
C5 NAG AA . -41.86 59.02 9.11
C6 NAG AA . -43.10 59.89 9.16
C7 NAG AA . -36.71 57.84 8.23
C8 NAG AA . -35.78 56.68 8.06
N2 NAG AA . -38.01 57.53 8.39
O3 NAG AA . -38.58 58.93 10.90
O4 NAG AA . -41.37 59.27 11.46
O5 NAG AA . -41.29 59.17 7.80
O6 NAG AA . -42.77 61.26 9.02
O7 NAG AA . -36.31 59.00 8.22
C1 NAG BA . -50.97 51.92 19.46
C2 NAG BA . -52.50 51.94 19.42
C3 NAG BA . -53.04 53.38 19.37
C4 NAG BA . -52.40 54.22 20.47
C5 NAG BA . -50.88 54.11 20.38
C6 NAG BA . -50.17 54.88 21.46
C7 NAG BA . -53.64 50.03 18.37
C8 NAG BA . -54.07 49.40 17.08
N2 NAG BA . -53.00 51.19 18.26
O3 NAG BA . -54.45 53.36 19.55
O4 NAG BA . -52.79 55.58 20.34
O5 NAG BA . -50.52 52.73 20.54
O6 NAG BA . -50.83 54.70 22.71
O7 NAG BA . -53.87 49.50 19.46
#